data_6N9X
#
_entry.id   6N9X
#
_cell.length_a   1
_cell.length_b   1
_cell.length_c   1
_cell.angle_alpha   90
_cell.angle_beta   90
_cell.angle_gamma   90
#
_symmetry.space_group_name_H-M   'P 1'
#
loop_
_entity.id
_entity.type
_entity.pdbx_description
1 polymer 'DNA primase/helicase'
2 polymer 'DNA-directed DNA polymerase'
3 polymer Primer
4 polymer Template
5 non-polymer 'ZINC ION'
6 non-polymer "THYMIDINE-5'-TRIPHOSPHATE"
7 non-polymer 'MAGNESIUM ION'
#
loop_
_entity_poly.entity_id
_entity_poly.type
_entity_poly.pdbx_seq_one_letter_code
_entity_poly.pdbx_strand_id
1 'polypeptide(L)'
;MDNSHDSDSVFLYHIPCDNCGSSDGNSLFSDGHTFCYVCEKWTAGNEDTKERASKRKPSGGKPMTYNVWNFGESNGRYSA
LTARGISKETCQKAGYWIAKVDGVMYQVADYRDQNGNIVSQKVRDKDKNFKTTGSHKSDALFGKHLWNGGKKIVVTEGEI
DMLTVMELQDCKYPVVSLGHGASAAKKTCAANYEYFDQFEQIILMFDMDEAGRKAVEEAAQVLPAGKVRVAVLPCKDANE
CHLNGHDREIMEQVWNAGPWIPDGVVSALSLRERIREHLSSEESVGLLFSGCTGINDKTLGARGGEVIMVTSGSGMGKST
FVRQQALQWGTAMGKKVGLAMLQESVEETAEDLIGLHNRVRLRQSDSLKREIIENGKFDQWFDELFGNDTFHLYDSFAEA
ETDRLLAKLAYMRSGLGCDVIILDHISIVVSASGESDERKMIDNLMTKLKGFAKSTGVVLVVICHLKNPDKGKAHEEGRP
VSITDLRGSGALRQLSDTIIALERNQQGDMPNLVLVRILKCRFTGDTGIAGYMEYNKETGWLEPSSYSGEEESHSESTDW
SNDTDF
;
A,B,C,D,E,F
2 'polypeptide(L)'
;MIVSAIAANALLESVTKFHCGVIYDYSTAEYVSYRPSDFGAYLDALEAEVARGGLIVFHNGHKYDVPALTKLAKLQLNRE
FHLPRENCIDTLVLSRLIHSNLKDTDMGLLRSGKLPGKRFGSHALEAWGYRLGEMKGEYKDDFKRMLEEQGEEYVDGMEW
WNFNEEMMDYNVQDVVVTKALLEKLLSDKHYFPPEIDFTDVGYTTFWSESLEAVDIEHRAAWLLAKQERNGFPFDTKAIE
ELYVELAARRSELLRKLTETFGSWYQPKGGTEMFCHPRTGKPLPKYPRIKTPKVGGIFKKPKNKAQREGREPCELDTREY
VAGAPYTPVEHVVFNPSSRDHIQKKLQEAGWVPTKYTDKGAPVVDDEVLEGVRVDDPEKQAAIDLIKEYLMIQKRIGQSA
EGDKAWLRYVAEDGKIHGSVNPNGAVTGRATHAFPNLAQIPGVRSPYGEQCRAAFGAEHHLDGITGKPWVQAGIDASGLE
LRCLAHFMARFDNGEYAHEILNGDIHTKNQIAAELPTRDNAKTFIYGFLYGAGDEKIGQIVGAGKERGKELKKKFLENTP
AIAALRESIQQTLVESSQWVAGEQQVKWKRRWIKGLDGRKVHVRSPHAALNTLLQSAGALICKLWIIKTEEMLVEKGLKH
GWDGDFAYMAWVHDEIQVGCRTEEIAQVVIETAQEAMRWVGDHWNFRCLLDTEGKMGPNWAICH
;
H
3 'polyribonucleotide' ACCAG(DOC) P
4 'polydeoxyribonucleotide'
;(DT)(DT)(DT)(DT)(DT)(DA)(DG)(DC)(DT)(DG)(DG)(DT)(DC)(DA)(DT)(DT)(DT)(DT)(DT)(DT)
(DT)(DT)(DT)(DT)(DT)(DT)(DT)(DT)(DT)(DT)(DT)(DT)(DT)(DT)(DT)(DT)(DT)(DT)(DT)(DT)
(DT)(DT)(DT)(DT)
;
T
#
loop_
_chem_comp.id
_chem_comp.type
_chem_comp.name
_chem_comp.formula
A RNA linking ADENOSINE-5'-MONOPHOSPHATE 'C10 H14 N5 O7 P'
C RNA linking CYTIDINE-5'-MONOPHOSPHATE 'C9 H14 N3 O8 P'
DA DNA linking 2'-DEOXYADENOSINE-5'-MONOPHOSPHATE 'C10 H14 N5 O6 P'
DC DNA linking 2'-DEOXYCYTIDINE-5'-MONOPHOSPHATE 'C9 H14 N3 O7 P'
DG DNA linking 2'-DEOXYGUANOSINE-5'-MONOPHOSPHATE 'C10 H14 N5 O7 P'
DOC DNA linking 2',3'-DIDEOXYCYTIDINE-5'-MONOPHOSPHATE 'C9 H14 N3 O6 P'
DT DNA linking THYMIDINE-5'-MONOPHOSPHATE 'C10 H15 N2 O8 P'
G RNA linking GUANOSINE-5'-MONOPHOSPHATE 'C10 H14 N5 O8 P'
MG non-polymer 'MAGNESIUM ION' 'Mg 2'
TTP non-polymer THYMIDINE-5'-TRIPHOSPHATE 'C10 H17 N2 O14 P3'
ZN non-polymer 'ZINC ION' 'Zn 2'
#
# COMPACT_ATOMS: atom_id res chain seq x y z
N GLY A 264 -17.76 12.60 -35.85
CA GLY A 264 -18.16 13.98 -36.09
C GLY A 264 -17.02 14.88 -36.53
N VAL A 265 -15.80 14.37 -36.46
CA VAL A 265 -14.61 15.12 -36.84
C VAL A 265 -14.57 15.19 -38.37
N VAL A 266 -14.68 16.41 -38.90
CA VAL A 266 -14.73 16.65 -40.34
C VAL A 266 -13.51 17.47 -40.72
N SER A 267 -12.75 16.99 -41.71
CA SER A 267 -11.57 17.69 -42.17
C SER A 267 -11.97 18.89 -43.03
N ALA A 268 -10.98 19.71 -43.39
CA ALA A 268 -11.24 20.93 -44.14
C ALA A 268 -11.45 20.65 -45.63
N LEU A 269 -10.87 19.59 -46.17
CA LEU A 269 -11.01 19.29 -47.60
C LEU A 269 -12.32 18.59 -47.93
N SER A 270 -13.11 18.22 -46.93
CA SER A 270 -14.44 17.65 -47.17
C SER A 270 -15.50 18.72 -47.36
N LEU A 271 -15.13 20.00 -47.34
CA LEU A 271 -16.05 21.11 -47.56
C LEU A 271 -15.83 21.77 -48.91
N ARG A 272 -15.55 20.98 -49.95
CA ARG A 272 -15.28 21.57 -51.25
C ARG A 272 -16.56 22.06 -51.91
N GLU A 273 -17.66 21.33 -51.74
CA GLU A 273 -18.93 21.71 -52.32
C GLU A 273 -19.99 22.10 -51.31
N ARG A 274 -19.73 21.92 -50.01
CA ARG A 274 -20.71 22.32 -49.00
C ARG A 274 -20.69 23.83 -48.79
N ILE A 275 -19.53 24.47 -48.91
CA ILE A 275 -19.46 25.91 -48.77
C ILE A 275 -20.09 26.60 -49.98
N ARG A 276 -19.86 26.06 -51.18
CA ARG A 276 -20.47 26.59 -52.39
C ARG A 276 -21.99 26.39 -52.38
N GLU A 277 -22.46 25.29 -51.78
CA GLU A 277 -23.90 25.11 -51.62
C GLU A 277 -24.46 26.05 -50.55
N HIS A 278 -23.65 26.37 -49.53
CA HIS A 278 -24.13 27.27 -48.49
C HIS A 278 -24.18 28.72 -48.96
N LEU A 279 -23.31 29.10 -49.91
CA LEU A 279 -23.37 30.46 -50.44
C LEU A 279 -24.61 30.68 -51.30
N SER A 280 -25.06 29.66 -52.01
CA SER A 280 -26.27 29.78 -52.82
C SER A 280 -27.51 29.65 -51.94
N VAL A 285 -30.60 34.23 -46.30
CA VAL A 285 -31.48 35.25 -46.85
C VAL A 285 -32.14 36.03 -45.72
N GLY A 286 -31.81 37.32 -45.63
CA GLY A 286 -32.31 38.15 -44.56
C GLY A 286 -33.74 38.61 -44.71
N LEU A 287 -34.54 38.45 -43.66
CA LEU A 287 -35.92 38.89 -43.67
C LEU A 287 -36.00 40.31 -43.10
N LEU A 288 -36.53 41.24 -43.88
CA LEU A 288 -36.53 42.64 -43.51
C LEU A 288 -37.57 42.92 -42.42
N PHE A 289 -37.38 44.03 -41.72
CA PHE A 289 -38.33 44.47 -40.71
C PHE A 289 -39.22 45.57 -41.28
N SER A 290 -40.53 45.39 -41.15
CA SER A 290 -41.51 46.34 -41.67
C SER A 290 -41.99 47.24 -40.54
N GLY A 291 -41.81 48.55 -40.71
CA GLY A 291 -42.21 49.51 -39.70
C GLY A 291 -41.21 50.62 -39.48
N CYS A 292 -39.92 50.31 -39.64
CA CYS A 292 -38.87 51.30 -39.45
C CYS A 292 -37.67 50.93 -40.31
N THR A 293 -37.02 51.95 -40.88
CA THR A 293 -35.85 51.74 -41.72
C THR A 293 -34.54 51.87 -40.96
N GLY A 294 -34.58 52.36 -39.71
CA GLY A 294 -33.36 52.48 -38.93
C GLY A 294 -32.84 51.17 -38.39
N ILE A 295 -33.69 50.14 -38.31
CA ILE A 295 -33.24 48.84 -37.82
C ILE A 295 -32.40 48.12 -38.88
N ASN A 296 -32.87 48.13 -40.13
CA ASN A 296 -32.28 47.31 -41.18
C ASN A 296 -30.93 47.83 -41.69
N ASP A 297 -30.52 49.04 -41.26
CA ASP A 297 -29.21 49.54 -41.66
C ASP A 297 -28.07 48.87 -40.90
N LYS A 298 -28.35 48.27 -39.74
CA LYS A 298 -27.33 47.59 -38.95
C LYS A 298 -27.80 46.20 -38.49
N THR A 299 -28.77 45.61 -39.17
CA THR A 299 -29.26 44.28 -38.85
C THR A 299 -29.02 43.28 -39.97
N LEU A 300 -29.22 43.69 -41.24
CA LEU A 300 -29.10 42.85 -42.43
C LEU A 300 -30.04 41.63 -42.35
N GLY A 301 -31.27 41.87 -41.89
CA GLY A 301 -32.29 40.86 -41.86
C GLY A 301 -32.12 39.81 -40.78
N ALA A 302 -32.65 38.62 -41.02
CA ALA A 302 -32.55 37.51 -40.08
C ALA A 302 -32.18 36.26 -40.84
N ARG A 303 -31.21 35.52 -40.33
CA ARG A 303 -30.60 34.40 -41.03
C ARG A 303 -31.19 33.08 -40.51
N GLY A 304 -30.61 31.98 -40.96
CA GLY A 304 -31.02 30.67 -40.46
C GLY A 304 -30.47 30.46 -39.06
N GLY A 305 -31.34 30.17 -38.11
CA GLY A 305 -30.93 30.06 -36.73
C GLY A 305 -30.64 31.41 -36.12
N GLU A 306 -31.59 32.33 -36.25
CA GLU A 306 -31.44 33.70 -35.77
C GLU A 306 -32.39 33.90 -34.59
N VAL A 307 -31.83 34.12 -33.41
CA VAL A 307 -32.60 34.33 -32.20
C VAL A 307 -32.64 35.82 -31.89
N ILE A 308 -33.84 36.37 -31.82
CA ILE A 308 -34.05 37.78 -31.54
C ILE A 308 -34.84 37.90 -30.24
N MET A 309 -34.22 38.50 -29.24
CA MET A 309 -34.86 38.78 -27.96
C MET A 309 -35.48 40.17 -28.02
N VAL A 310 -36.72 40.30 -27.53
CA VAL A 310 -37.47 41.55 -27.57
C VAL A 310 -37.84 41.90 -26.13
N THR A 311 -37.48 43.11 -25.71
CA THR A 311 -37.76 43.54 -24.34
C THR A 311 -38.10 45.02 -24.30
N SER A 312 -38.78 45.41 -23.23
CA SER A 312 -39.11 46.80 -22.90
C SER A 312 -39.53 46.83 -21.44
N GLY A 313 -40.10 47.95 -21.02
CA GLY A 313 -40.71 48.05 -19.71
C GLY A 313 -42.03 47.28 -19.64
N SER A 314 -42.63 47.31 -18.45
CA SER A 314 -43.86 46.57 -18.20
C SER A 314 -45.03 47.29 -18.85
N GLY A 315 -45.43 46.84 -20.03
CA GLY A 315 -46.53 47.42 -20.75
C GLY A 315 -46.20 48.51 -21.74
N MET A 316 -45.12 48.36 -22.50
CA MET A 316 -44.69 49.37 -23.45
C MET A 316 -45.03 49.02 -24.90
N GLY A 317 -45.64 47.85 -25.14
CA GLY A 317 -46.08 47.50 -26.47
C GLY A 317 -45.17 46.56 -27.22
N LYS A 318 -44.72 45.48 -26.55
CA LYS A 318 -43.94 44.46 -27.23
C LYS A 318 -44.81 43.59 -28.11
N SER A 319 -45.95 43.15 -27.58
CA SER A 319 -46.84 42.24 -28.30
C SER A 319 -47.45 42.90 -29.52
N THR A 320 -47.72 44.22 -29.45
CA THR A 320 -48.23 44.94 -30.60
C THR A 320 -47.20 45.03 -31.72
N PHE A 321 -45.94 45.29 -31.37
CA PHE A 321 -44.88 45.38 -32.37
C PHE A 321 -44.59 44.03 -33.01
N VAL A 322 -44.54 42.97 -32.20
CA VAL A 322 -44.31 41.64 -32.74
C VAL A 322 -45.52 41.16 -33.56
N ARG A 323 -46.73 41.57 -33.16
CA ARG A 323 -47.92 41.25 -33.93
C ARG A 323 -47.93 41.96 -35.27
N GLN A 324 -47.44 43.20 -35.30
CA GLN A 324 -47.32 43.95 -36.56
C GLN A 324 -46.28 43.31 -37.47
N GLN A 325 -45.17 42.85 -36.87
CA GLN A 325 -44.08 42.18 -37.62
C GLN A 325 -44.63 40.88 -38.23
N ALA A 326 -45.40 40.12 -37.44
CA ALA A 326 -46.00 38.88 -37.91
C ALA A 326 -47.04 39.13 -39.00
N LEU A 327 -47.82 40.21 -38.85
CA LEU A 327 -48.85 40.54 -39.82
C LEU A 327 -48.24 41.01 -41.15
N GLN A 328 -47.07 41.64 -41.11
CA GLN A 328 -46.41 42.06 -42.33
C GLN A 328 -45.43 41.03 -42.87
N TRP A 329 -45.17 39.95 -42.13
CA TRP A 329 -44.36 38.86 -42.67
C TRP A 329 -45.19 37.68 -43.16
N GLY A 330 -46.42 37.51 -42.67
CA GLY A 330 -47.21 36.36 -43.04
C GLY A 330 -47.99 36.51 -44.33
N THR A 331 -48.77 37.59 -44.45
CA THR A 331 -49.64 37.79 -45.60
C THR A 331 -49.09 38.80 -46.60
N ALA A 332 -47.89 39.33 -46.38
CA ALA A 332 -47.33 40.33 -47.27
C ALA A 332 -46.05 39.89 -47.98
N MET A 333 -45.38 38.85 -47.49
CA MET A 333 -44.15 38.39 -48.11
C MET A 333 -44.16 36.90 -48.48
N GLY A 334 -45.18 36.16 -48.10
CA GLY A 334 -45.32 34.77 -48.51
C GLY A 334 -44.67 33.74 -47.61
N LYS A 335 -44.38 34.08 -46.37
CA LYS A 335 -43.79 33.14 -45.42
C LYS A 335 -44.86 32.56 -44.50
N LYS A 336 -44.55 31.42 -43.89
CA LYS A 336 -45.45 30.78 -42.96
C LYS A 336 -45.01 31.11 -41.54
N VAL A 337 -45.91 31.70 -40.75
CA VAL A 337 -45.58 32.29 -39.45
C VAL A 337 -46.35 31.53 -38.37
N GLY A 338 -45.63 31.08 -37.34
CA GLY A 338 -46.26 30.42 -36.21
C GLY A 338 -46.04 31.13 -34.89
N LEU A 339 -47.13 31.53 -34.25
CA LEU A 339 -47.07 32.23 -32.97
C LEU A 339 -47.38 31.27 -31.83
N ALA A 340 -46.89 31.63 -30.64
CA ALA A 340 -47.12 30.86 -29.42
C ALA A 340 -47.50 31.80 -28.29
N MET A 341 -48.47 32.68 -28.54
CA MET A 341 -48.97 33.60 -27.53
C MET A 341 -49.58 32.85 -26.35
N LEU A 342 -48.95 32.97 -25.19
CA LEU A 342 -49.35 32.22 -24.01
C LEU A 342 -50.07 33.06 -22.96
N GLN A 343 -50.16 34.38 -23.17
CA GLN A 343 -50.91 35.23 -22.24
C GLN A 343 -52.40 34.98 -22.36
N GLU A 344 -52.91 34.98 -23.59
CA GLU A 344 -54.32 34.81 -23.88
C GLU A 344 -54.51 33.61 -24.81
N SER A 345 -55.75 33.42 -25.26
CA SER A 345 -56.10 32.29 -26.10
C SER A 345 -56.06 32.68 -27.57
N VAL A 346 -56.56 31.79 -28.43
CA VAL A 346 -56.47 31.97 -29.87
C VAL A 346 -57.44 33.03 -30.36
N GLU A 347 -58.63 33.11 -29.73
CA GLU A 347 -59.70 33.95 -30.25
C GLU A 347 -59.40 35.44 -30.07
N GLU A 348 -58.79 35.80 -28.94
CA GLU A 348 -58.49 37.21 -28.68
C GLU A 348 -57.42 37.74 -29.63
N THR A 349 -56.35 36.98 -29.86
CA THR A 349 -55.33 37.43 -30.80
C THR A 349 -55.79 37.32 -32.25
N ALA A 350 -56.75 36.44 -32.56
CA ALA A 350 -57.34 36.43 -33.89
C ALA A 350 -58.17 37.69 -34.12
N GLU A 351 -58.97 38.09 -33.12
CA GLU A 351 -59.68 39.36 -33.18
C GLU A 351 -58.73 40.54 -33.28
N ASP A 352 -57.59 40.45 -32.58
CA ASP A 352 -56.58 41.51 -32.65
C ASP A 352 -55.97 41.62 -34.05
N LEU A 353 -55.70 40.49 -34.69
CA LEU A 353 -55.17 40.50 -36.06
C LEU A 353 -56.19 41.08 -37.04
N ILE A 354 -57.46 40.65 -36.93
CA ILE A 354 -58.48 41.10 -37.88
C ILE A 354 -58.77 42.59 -37.69
N GLY A 355 -58.81 43.06 -36.44
CA GLY A 355 -59.00 44.49 -36.21
C GLY A 355 -57.77 45.31 -36.56
N LEU A 356 -56.58 44.74 -36.39
CA LEU A 356 -55.36 45.50 -36.61
C LEU A 356 -55.20 45.71 -38.11
N HIS A 357 -55.22 44.64 -38.90
CA HIS A 357 -55.07 44.83 -40.35
C HIS A 357 -56.11 45.71 -41.02
N ASN A 358 -57.33 45.77 -40.49
CA ASN A 358 -58.39 46.61 -41.05
C ASN A 358 -58.43 47.99 -40.41
N ARG A 359 -57.32 48.43 -39.80
CA ARG A 359 -57.08 49.82 -39.38
C ARG A 359 -58.04 50.29 -38.29
N VAL A 360 -58.59 49.36 -37.51
CA VAL A 360 -59.50 49.74 -36.44
C VAL A 360 -58.97 49.21 -35.11
N ARG A 361 -59.70 49.45 -34.03
CA ARG A 361 -59.37 48.97 -32.70
C ARG A 361 -60.57 48.16 -32.22
N LEU A 362 -60.45 46.83 -32.27
CA LEU A 362 -61.63 45.97 -32.20
C LEU A 362 -62.11 45.74 -30.78
N ARG A 363 -61.20 45.38 -29.87
CA ARG A 363 -61.58 44.98 -28.51
C ARG A 363 -61.80 46.17 -27.56
N GLN A 364 -61.98 47.38 -28.08
CA GLN A 364 -62.20 48.55 -27.25
C GLN A 364 -63.64 49.05 -27.31
N SER A 365 -64.48 48.46 -28.15
CA SER A 365 -65.88 48.88 -28.27
C SER A 365 -66.73 47.69 -28.68
N ASP A 366 -67.81 47.45 -27.92
CA ASP A 366 -68.76 46.41 -28.31
C ASP A 366 -69.60 46.85 -29.49
N SER A 367 -69.78 48.16 -29.66
CA SER A 367 -70.59 48.67 -30.78
C SER A 367 -69.88 48.46 -32.11
N LEU A 368 -68.56 48.64 -32.14
CA LEU A 368 -67.80 48.39 -33.36
C LEU A 368 -67.75 46.90 -33.68
N LYS A 369 -67.78 46.05 -32.65
CA LYS A 369 -67.81 44.61 -32.89
C LYS A 369 -69.19 44.15 -33.34
N ARG A 370 -70.26 44.83 -32.90
CA ARG A 370 -71.61 44.45 -33.29
C ARG A 370 -72.00 44.99 -34.66
N GLU A 371 -71.51 46.19 -35.01
CA GLU A 371 -71.84 46.80 -36.29
C GLU A 371 -71.24 46.03 -37.45
N ILE A 372 -70.06 45.43 -37.26
CA ILE A 372 -69.44 44.65 -38.32
C ILE A 372 -69.99 43.23 -38.39
N ILE A 373 -70.66 42.76 -37.33
CA ILE A 373 -71.15 41.39 -37.29
C ILE A 373 -72.64 41.31 -37.62
N GLU A 374 -73.38 42.42 -37.55
CA GLU A 374 -74.80 42.40 -37.85
C GLU A 374 -75.15 42.84 -39.27
N ASN A 375 -74.17 43.21 -40.08
CA ASN A 375 -74.44 43.63 -41.46
C ASN A 375 -73.96 42.65 -42.52
N GLY A 376 -73.02 41.76 -42.20
CA GLY A 376 -72.55 40.77 -43.13
C GLY A 376 -71.21 41.03 -43.76
N LYS A 377 -70.54 42.12 -43.40
CA LYS A 377 -69.21 42.40 -43.94
C LYS A 377 -68.10 41.67 -43.18
N PHE A 378 -68.44 40.89 -42.16
CA PHE A 378 -67.43 40.14 -41.42
C PHE A 378 -66.90 38.97 -42.25
N ASP A 379 -67.70 38.46 -43.19
CA ASP A 379 -67.27 37.35 -44.04
C ASP A 379 -66.18 37.77 -45.03
N GLN A 380 -66.12 39.06 -45.38
CA GLN A 380 -65.04 39.55 -46.23
C GLN A 380 -63.74 39.64 -45.47
N TRP A 381 -63.81 39.83 -44.15
CA TRP A 381 -62.62 39.93 -43.31
C TRP A 381 -62.11 38.59 -42.82
N PHE A 382 -62.73 37.49 -43.25
CA PHE A 382 -62.29 36.17 -42.81
C PHE A 382 -61.42 35.47 -43.85
N ASP A 383 -61.64 35.73 -45.13
CA ASP A 383 -60.91 35.07 -46.19
C ASP A 383 -59.88 35.96 -46.87
N GLU A 384 -59.85 37.26 -46.56
CA GLU A 384 -58.87 38.14 -47.18
C GLU A 384 -57.48 37.96 -46.60
N LEU A 385 -57.36 37.45 -45.38
CA LEU A 385 -56.07 37.20 -44.74
C LEU A 385 -55.87 35.72 -44.46
N PHE A 386 -56.81 35.09 -43.76
CA PHE A 386 -56.63 33.75 -43.23
C PHE A 386 -56.86 32.66 -44.27
N GLY A 387 -57.36 33.03 -45.46
CA GLY A 387 -57.65 32.04 -46.48
C GLY A 387 -56.42 31.44 -47.12
N ASN A 388 -55.30 32.14 -47.07
CA ASN A 388 -54.02 31.63 -47.57
C ASN A 388 -53.21 30.95 -46.48
N ASP A 389 -53.83 30.71 -45.31
CA ASP A 389 -53.40 29.96 -44.12
C ASP A 389 -51.90 30.06 -43.78
N THR A 390 -51.34 31.27 -43.89
CA THR A 390 -49.96 31.48 -43.47
C THR A 390 -49.82 31.58 -41.96
N PHE A 391 -50.92 31.82 -41.24
CA PHE A 391 -50.89 32.04 -39.81
C PHE A 391 -51.25 30.76 -39.07
N HIS A 392 -50.51 30.48 -38.00
CA HIS A 392 -50.74 29.30 -37.17
C HIS A 392 -50.59 29.69 -35.71
N LEU A 393 -51.63 29.47 -34.92
CA LEU A 393 -51.65 29.90 -33.53
C LEU A 393 -51.63 28.68 -32.62
N TYR A 394 -51.23 28.91 -31.37
CA TYR A 394 -51.00 27.86 -30.39
C TYR A 394 -52.11 27.88 -29.35
N ASP A 395 -52.53 26.68 -28.93
CA ASP A 395 -53.61 26.53 -27.96
C ASP A 395 -53.02 26.19 -26.60
N SER A 396 -53.55 26.85 -25.56
CA SER A 396 -53.11 26.62 -24.19
C SER A 396 -53.90 25.49 -23.54
N THR A 402 -42.30 22.09 -19.19
CA THR A 402 -41.34 22.93 -19.88
C THR A 402 -40.84 22.25 -21.15
N ASP A 403 -40.92 20.92 -21.19
CA ASP A 403 -40.45 20.15 -22.33
C ASP A 403 -41.57 19.75 -23.28
N ARG A 404 -42.83 19.97 -22.91
CA ARG A 404 -43.96 19.64 -23.77
C ARG A 404 -44.24 20.71 -24.81
N LEU A 405 -43.49 21.81 -24.80
CA LEU A 405 -43.64 22.83 -25.83
C LEU A 405 -42.66 22.64 -26.98
N LEU A 406 -41.45 22.13 -26.69
CA LEU A 406 -40.45 21.92 -27.72
C LEU A 406 -40.84 20.78 -28.66
N ALA A 407 -41.54 19.76 -28.15
CA ALA A 407 -42.02 18.68 -29.02
C ALA A 407 -43.11 19.16 -29.95
N LYS A 408 -43.84 20.21 -29.57
CA LYS A 408 -44.83 20.80 -30.47
C LYS A 408 -44.19 21.78 -31.44
N LEU A 409 -43.12 22.48 -31.01
CA LEU A 409 -42.39 23.35 -31.93
C LEU A 409 -41.64 22.56 -32.99
N ALA A 410 -41.16 21.36 -32.65
CA ALA A 410 -40.54 20.49 -33.64
C ALA A 410 -41.56 20.01 -34.67
N TYR A 411 -42.80 19.75 -34.23
CA TYR A 411 -43.86 19.39 -35.17
C TYR A 411 -44.27 20.59 -36.01
N MET A 412 -44.20 21.79 -35.45
CA MET A 412 -44.53 22.99 -36.21
C MET A 412 -43.48 23.28 -37.27
N ARG A 413 -42.21 23.04 -36.96
CA ARG A 413 -41.13 23.29 -37.91
C ARG A 413 -41.05 22.20 -38.97
N SER A 414 -41.17 20.93 -38.56
CA SER A 414 -40.98 19.83 -39.49
C SER A 414 -42.24 19.48 -40.25
N GLY A 415 -43.39 19.50 -39.58
CA GLY A 415 -44.64 19.11 -40.21
C GLY A 415 -45.32 20.24 -40.96
N LEU A 416 -45.55 21.36 -40.29
CA LEU A 416 -46.25 22.48 -40.92
C LEU A 416 -45.33 23.25 -41.87
N GLY A 417 -44.05 23.35 -41.57
CA GLY A 417 -43.10 23.99 -42.46
C GLY A 417 -43.09 25.50 -42.39
N CYS A 418 -42.85 26.04 -41.20
CA CYS A 418 -42.86 27.48 -40.97
C CYS A 418 -41.44 28.02 -40.87
N ASP A 419 -41.30 29.33 -41.10
CA ASP A 419 -40.01 30.00 -41.09
C ASP A 419 -39.82 30.96 -39.94
N VAL A 420 -40.89 31.54 -39.40
CA VAL A 420 -40.80 32.53 -38.33
C VAL A 420 -41.62 32.00 -37.15
N ILE A 421 -40.95 31.70 -36.04
CA ILE A 421 -41.60 31.20 -34.84
C ILE A 421 -41.50 32.28 -33.76
N ILE A 422 -42.62 32.54 -33.09
CA ILE A 422 -42.71 33.59 -32.08
C ILE A 422 -43.09 32.97 -30.74
N LEU A 423 -42.30 33.26 -29.71
CA LEU A 423 -42.63 32.90 -28.34
C LEU A 423 -42.72 34.15 -27.47
N ASP A 424 -43.77 34.23 -26.66
CA ASP A 424 -44.05 35.40 -25.85
C ASP A 424 -44.22 34.97 -24.39
N HIS A 425 -43.79 35.87 -23.51
CA HIS A 425 -44.05 35.84 -22.07
C HIS A 425 -43.47 34.56 -21.44
N ILE A 426 -42.14 34.51 -21.44
CA ILE A 426 -41.40 33.34 -20.97
C ILE A 426 -41.48 33.12 -19.46
N SER A 427 -42.08 34.06 -18.72
CA SER A 427 -42.19 33.93 -17.27
C SER A 427 -43.14 32.81 -16.84
N ILE A 428 -44.03 32.37 -17.74
CA ILE A 428 -44.89 31.22 -17.42
C ILE A 428 -44.07 29.94 -17.37
N VAL A 429 -43.21 29.72 -18.37
CA VAL A 429 -42.43 28.48 -18.43
C VAL A 429 -41.36 28.47 -17.35
N VAL A 430 -40.60 29.55 -17.23
CA VAL A 430 -39.61 29.67 -16.17
C VAL A 430 -39.92 30.89 -15.30
N ASP A 437 -35.96 26.28 -7.92
CA ASP A 437 -34.88 27.11 -8.46
C ASP A 437 -35.27 27.68 -9.83
N GLU A 438 -35.09 28.99 -9.98
CA GLU A 438 -35.47 29.68 -11.20
C GLU A 438 -34.28 30.27 -11.95
N ARG A 439 -33.10 29.67 -11.77
CA ARG A 439 -31.92 30.02 -12.56
C ARG A 439 -31.43 28.87 -13.43
N LYS A 440 -31.60 27.63 -12.97
CA LYS A 440 -31.24 26.47 -13.78
C LYS A 440 -32.23 26.25 -14.91
N MET A 441 -33.52 26.50 -14.64
CA MET A 441 -34.56 26.25 -15.62
C MET A 441 -34.50 27.22 -16.80
N ILE A 442 -34.24 28.49 -16.51
CA ILE A 442 -34.18 29.49 -17.59
C ILE A 442 -32.94 29.29 -18.46
N ASP A 443 -31.82 28.87 -17.87
CA ASP A 443 -30.62 28.63 -18.66
C ASP A 443 -30.75 27.36 -19.48
N ASN A 444 -31.37 26.33 -18.89
CA ASN A 444 -31.63 25.09 -19.63
C ASN A 444 -32.60 25.32 -20.79
N LEU A 445 -33.62 26.16 -20.55
CA LEU A 445 -34.59 26.49 -21.61
C LEU A 445 -33.93 27.29 -22.72
N MET A 446 -33.07 28.26 -22.37
CA MET A 446 -32.39 29.06 -23.39
C MET A 446 -31.42 28.21 -24.20
N THR A 447 -30.75 27.25 -23.54
CA THR A 447 -29.86 26.34 -24.24
C THR A 447 -30.63 25.42 -25.18
N LYS A 448 -31.80 24.94 -24.75
CA LYS A 448 -32.60 24.05 -25.60
C LYS A 448 -33.19 24.81 -26.80
N LEU A 449 -33.61 26.06 -26.60
CA LEU A 449 -34.09 26.85 -27.74
C LEU A 449 -32.97 27.24 -28.68
N LYS A 450 -31.75 27.46 -28.17
CA LYS A 450 -30.62 27.71 -29.05
C LYS A 450 -30.25 26.46 -29.85
N GLY A 451 -30.32 25.29 -29.20
CA GLY A 451 -30.08 24.04 -29.93
C GLY A 451 -31.18 23.69 -30.90
N PHE A 452 -32.40 24.17 -30.63
CA PHE A 452 -33.48 23.99 -31.59
C PHE A 452 -33.30 24.88 -32.81
N ALA A 453 -32.88 26.14 -32.60
CA ALA A 453 -32.69 27.04 -33.72
C ALA A 453 -31.44 26.71 -34.53
N LYS A 454 -30.42 26.18 -33.88
CA LYS A 454 -29.18 25.83 -34.58
C LYS A 454 -29.39 24.58 -35.44
N SER A 455 -28.78 24.59 -36.63
CA SER A 455 -28.83 23.51 -37.63
C SER A 455 -30.27 23.21 -38.08
N THR A 456 -31.11 24.24 -38.09
CA THR A 456 -32.49 24.11 -38.54
C THR A 456 -32.84 25.09 -39.65
N GLY A 457 -32.38 26.34 -39.55
CA GLY A 457 -32.71 27.34 -40.54
C GLY A 457 -34.07 27.97 -40.29
N VAL A 458 -34.25 28.54 -39.10
CA VAL A 458 -35.53 29.11 -38.70
C VAL A 458 -35.25 30.37 -37.88
N VAL A 459 -36.15 31.35 -37.99
CA VAL A 459 -36.00 32.61 -37.28
C VAL A 459 -36.91 32.58 -36.07
N LEU A 460 -36.32 32.72 -34.88
CA LEU A 460 -37.05 32.64 -33.62
C LEU A 460 -37.02 34.00 -32.95
N VAL A 461 -38.19 34.49 -32.53
CA VAL A 461 -38.32 35.75 -31.81
C VAL A 461 -38.96 35.48 -30.46
N VAL A 462 -38.23 35.78 -29.39
CA VAL A 462 -38.66 35.49 -28.02
C VAL A 462 -38.79 36.81 -27.26
N ILE A 463 -39.91 36.98 -26.56
CA ILE A 463 -40.21 38.20 -25.81
C ILE A 463 -39.95 37.94 -24.33
N CYS A 464 -39.23 38.85 -23.67
CA CYS A 464 -38.97 38.72 -22.25
C CYS A 464 -39.32 40.01 -21.49
N HIS A 465 -38.96 40.06 -20.21
CA HIS A 465 -39.25 41.19 -19.34
C HIS A 465 -37.95 41.89 -18.93
N LEU A 466 -38.09 42.88 -18.06
CA LEU A 466 -36.97 43.54 -17.41
C LEU A 466 -37.14 43.47 -15.90
N LYS A 467 -36.02 43.56 -15.19
CA LYS A 467 -36.07 43.59 -13.74
C LYS A 467 -36.51 44.96 -13.25
N ASN A 468 -36.91 45.00 -11.99
CA ASN A 468 -37.30 46.27 -11.38
C ASN A 468 -36.04 47.06 -11.02
N PRO A 469 -35.94 48.32 -11.44
CA PRO A 469 -34.73 49.09 -11.15
C PRO A 469 -34.66 49.53 -9.69
N ASP A 470 -33.43 49.77 -9.22
CA ASP A 470 -33.23 50.13 -7.82
C ASP A 470 -33.50 51.61 -7.57
N LYS A 471 -32.75 52.48 -8.23
CA LYS A 471 -32.84 53.92 -7.99
C LYS A 471 -33.09 54.64 -9.31
N GLY A 472 -33.31 55.95 -9.21
CA GLY A 472 -33.55 56.76 -10.38
C GLY A 472 -34.99 56.66 -10.87
N LYS A 473 -35.18 57.11 -12.11
CA LYS A 473 -36.47 57.06 -12.75
C LYS A 473 -36.82 55.63 -13.14
N ALA A 474 -38.10 55.37 -13.33
CA ALA A 474 -38.57 54.05 -13.70
C ALA A 474 -38.49 53.87 -15.22
N HIS A 475 -38.83 52.66 -15.68
CA HIS A 475 -38.80 52.34 -17.10
C HIS A 475 -40.02 52.87 -17.85
N GLU A 476 -41.06 53.31 -17.14
CA GLU A 476 -42.27 53.84 -17.77
C GLU A 476 -42.14 55.31 -18.15
N GLU A 477 -40.99 55.93 -17.90
CA GLU A 477 -40.79 57.32 -18.23
C GLU A 477 -39.67 57.57 -19.24
N GLY A 478 -39.07 56.51 -19.76
CA GLY A 478 -38.06 56.65 -20.80
C GLY A 478 -36.63 56.56 -20.30
N ARG A 479 -36.38 55.65 -19.37
CA ARG A 479 -35.01 55.45 -18.88
C ARG A 479 -34.22 54.65 -19.90
N PRO A 480 -33.00 55.07 -20.24
CA PRO A 480 -32.16 54.27 -21.15
C PRO A 480 -31.74 52.95 -20.49
N VAL A 481 -32.19 51.85 -21.09
CA VAL A 481 -31.98 50.53 -20.52
C VAL A 481 -30.55 50.07 -20.82
N SER A 482 -29.95 49.36 -19.86
CA SER A 482 -28.63 48.78 -20.02
C SER A 482 -28.75 47.32 -20.44
N ILE A 483 -27.60 46.73 -20.76
CA ILE A 483 -27.57 45.34 -21.23
C ILE A 483 -27.75 44.36 -20.08
N THR A 484 -27.50 44.77 -18.84
CA THR A 484 -27.60 43.90 -17.67
C THR A 484 -28.91 44.08 -16.93
N ASP A 485 -30.01 44.33 -17.65
CA ASP A 485 -31.32 44.47 -17.04
C ASP A 485 -32.25 43.32 -17.39
N LEU A 486 -31.81 42.36 -18.18
CA LEU A 486 -32.62 41.18 -18.49
C LEU A 486 -32.67 40.28 -17.26
N ARG A 487 -33.86 40.08 -16.72
CA ARG A 487 -33.98 39.41 -15.43
C ARG A 487 -34.02 37.90 -15.60
N GLY A 488 -33.59 37.21 -14.54
CA GLY A 488 -33.65 35.77 -14.47
C GLY A 488 -32.30 35.07 -14.48
N SER A 489 -31.39 35.51 -15.35
CA SER A 489 -30.06 34.92 -15.47
C SER A 489 -29.18 35.90 -16.23
N GLY A 490 -27.97 35.44 -16.55
CA GLY A 490 -27.06 36.24 -17.35
C GLY A 490 -26.77 35.57 -18.68
N ALA A 491 -27.49 34.48 -18.96
CA ALA A 491 -27.35 33.76 -20.22
C ALA A 491 -28.28 34.29 -21.30
N LEU A 492 -29.19 35.20 -20.95
CA LEU A 492 -30.10 35.76 -21.94
C LEU A 492 -29.40 36.69 -22.92
N ARG A 493 -28.26 37.25 -22.55
CA ARG A 493 -27.44 38.04 -23.46
C ARG A 493 -26.23 37.27 -23.95
N GLN A 494 -26.16 35.96 -23.67
CA GLN A 494 -25.08 35.12 -24.16
C GLN A 494 -25.46 34.30 -25.38
N LEU A 495 -26.69 33.78 -25.44
CA LEU A 495 -27.13 32.97 -26.56
C LEU A 495 -28.01 33.71 -27.55
N SER A 496 -28.40 34.94 -27.25
CA SER A 496 -29.18 35.74 -28.19
C SER A 496 -28.30 36.23 -29.33
N ASP A 497 -28.89 36.33 -30.51
CA ASP A 497 -28.18 36.85 -31.68
C ASP A 497 -28.52 38.30 -31.99
N THR A 498 -29.73 38.76 -31.61
CA THR A 498 -30.07 40.17 -31.76
C THR A 498 -31.04 40.57 -30.65
N ILE A 499 -30.68 41.60 -29.89
CA ILE A 499 -31.47 42.04 -28.74
C ILE A 499 -32.04 43.42 -29.07
N ILE A 500 -33.36 43.54 -28.99
CA ILE A 500 -34.08 44.76 -29.35
C ILE A 500 -34.86 45.23 -28.13
N ALA A 501 -34.70 46.51 -27.77
CA ALA A 501 -35.40 47.11 -26.63
C ALA A 501 -36.28 48.24 -27.12
N LEU A 502 -37.43 48.40 -26.48
CA LEU A 502 -38.40 49.43 -26.82
C LEU A 502 -38.52 50.43 -25.68
N GLU A 503 -38.64 51.72 -26.03
CA GLU A 503 -38.69 52.79 -25.04
C GLU A 503 -39.77 53.80 -25.41
N ARG A 504 -40.64 54.13 -24.45
CA ARG A 504 -41.59 55.20 -24.65
C ARG A 504 -41.98 55.80 -23.29
N ASN A 505 -42.38 57.07 -23.33
CA ASN A 505 -42.79 57.81 -22.13
C ASN A 505 -44.27 58.16 -22.31
N GLN A 506 -45.11 57.55 -21.48
CA GLN A 506 -46.54 57.80 -21.53
C GLN A 506 -46.98 58.99 -20.67
N GLN A 507 -46.07 59.59 -19.92
CA GLN A 507 -46.41 60.69 -19.01
C GLN A 507 -45.82 62.02 -19.42
N GLY A 508 -44.99 62.06 -20.46
CA GLY A 508 -44.36 63.30 -20.90
C GLY A 508 -45.24 64.10 -21.85
N ASP A 509 -44.59 64.87 -22.71
CA ASP A 509 -45.31 65.68 -23.70
C ASP A 509 -45.84 64.79 -24.82
N MET A 510 -45.07 63.79 -25.24
CA MET A 510 -45.43 62.94 -26.37
C MET A 510 -45.69 61.53 -25.89
N PRO A 511 -46.94 61.15 -25.63
CA PRO A 511 -47.22 59.82 -25.08
C PRO A 511 -47.33 58.71 -26.11
N ASN A 512 -47.06 58.99 -27.38
CA ASN A 512 -47.18 58.00 -28.44
C ASN A 512 -45.95 58.01 -29.33
N LEU A 513 -44.78 58.25 -28.75
CA LEU A 513 -43.51 58.23 -29.48
C LEU A 513 -42.66 57.12 -28.90
N VAL A 514 -42.23 56.18 -29.74
CA VAL A 514 -41.45 55.03 -29.29
C VAL A 514 -40.07 55.09 -29.92
N LEU A 515 -39.14 54.35 -29.30
CA LEU A 515 -37.75 54.28 -29.72
C LEU A 515 -37.33 52.81 -29.71
N VAL A 516 -36.59 52.42 -30.75
CA VAL A 516 -36.03 51.08 -30.87
C VAL A 516 -34.53 51.19 -30.62
N ARG A 517 -34.01 50.33 -29.74
CA ARG A 517 -32.59 50.31 -29.42
C ARG A 517 -32.04 48.92 -29.67
N ILE A 518 -31.02 48.82 -30.51
CA ILE A 518 -30.28 47.58 -30.70
C ILE A 518 -29.23 47.49 -29.59
N LEU A 519 -29.26 46.39 -28.83
CA LEU A 519 -28.33 46.20 -27.73
C LEU A 519 -27.20 45.24 -28.04
N LYS A 520 -27.46 44.17 -28.79
CA LYS A 520 -26.44 43.20 -29.13
C LYS A 520 -26.55 42.84 -30.60
N CYS A 521 -25.44 42.94 -31.33
CA CYS A 521 -25.38 42.61 -32.74
C CYS A 521 -24.17 41.74 -32.98
N ARG A 522 -24.40 40.45 -33.25
CA ARG A 522 -23.30 39.54 -33.54
C ARG A 522 -22.86 39.65 -35.00
N PHE A 523 -23.77 40.01 -35.90
CA PHE A 523 -23.50 39.92 -37.32
C PHE A 523 -22.66 41.10 -37.81
N THR A 524 -23.09 42.33 -37.50
CA THR A 524 -22.39 43.52 -37.97
C THR A 524 -21.54 44.16 -36.88
N GLY A 525 -22.15 44.50 -35.75
CA GLY A 525 -21.44 45.09 -34.63
C GLY A 525 -21.75 46.55 -34.35
N ASP A 526 -22.96 47.01 -34.59
CA ASP A 526 -23.35 48.39 -34.33
C ASP A 526 -24.59 48.39 -33.44
N THR A 527 -24.53 49.14 -32.35
CA THR A 527 -25.61 49.21 -31.37
C THR A 527 -26.08 50.65 -31.22
N GLY A 528 -27.23 50.82 -30.56
CA GLY A 528 -27.72 52.15 -30.24
C GLY A 528 -29.12 52.36 -30.75
N ILE A 529 -29.49 53.63 -30.91
CA ILE A 529 -30.83 54.02 -31.33
C ILE A 529 -30.97 53.79 -32.82
N ALA A 530 -32.01 53.04 -33.21
CA ALA A 530 -32.29 52.80 -34.62
C ALA A 530 -33.07 53.95 -35.25
N GLY A 531 -34.13 54.41 -34.59
CA GLY A 531 -34.94 55.49 -35.12
C GLY A 531 -36.08 55.91 -34.21
N TYR A 532 -37.15 56.43 -34.79
CA TYR A 532 -38.30 56.90 -34.04
C TYR A 532 -39.57 56.55 -34.78
N MET A 533 -40.61 56.18 -34.03
CA MET A 533 -41.91 55.84 -34.62
C MET A 533 -43.02 56.45 -33.77
N GLU A 534 -44.08 56.88 -34.44
CA GLU A 534 -45.26 57.46 -33.79
C GLU A 534 -46.37 56.42 -33.69
N TYR A 535 -46.89 56.24 -32.48
CA TYR A 535 -47.97 55.30 -32.24
C TYR A 535 -49.32 55.99 -32.43
N ASN A 536 -50.31 55.20 -32.85
CA ASN A 536 -51.67 55.74 -33.13
C ASN A 536 -52.69 55.11 -32.18
N LYS A 537 -53.48 55.95 -31.51
CA LYS A 537 -54.52 55.51 -30.59
C LYS A 537 -55.88 55.36 -31.25
N GLU A 538 -55.94 55.36 -32.59
CA GLU A 538 -57.20 55.21 -33.31
C GLU A 538 -57.18 54.09 -34.32
N THR A 539 -56.07 53.87 -35.02
CA THR A 539 -56.01 52.88 -36.08
C THR A 539 -55.35 51.57 -35.64
N GLY A 540 -54.46 51.61 -34.66
CA GLY A 540 -53.66 50.46 -34.30
C GLY A 540 -52.34 50.35 -35.05
N TRP A 541 -52.28 50.85 -36.28
CA TRP A 541 -51.02 50.88 -37.02
C TRP A 541 -50.15 52.03 -36.52
N LEU A 542 -48.95 51.70 -36.05
CA LEU A 542 -47.97 52.69 -35.69
C LEU A 542 -47.07 52.98 -36.88
N GLU A 543 -46.85 54.26 -37.15
CA GLU A 543 -46.19 54.72 -38.35
C GLU A 543 -44.75 55.15 -38.06
N PRO A 544 -43.86 55.12 -39.04
CA PRO A 544 -42.50 55.64 -38.81
C PRO A 544 -42.51 57.16 -38.74
N SER A 545 -41.83 57.70 -37.73
CA SER A 545 -41.77 59.13 -37.47
C SER A 545 -40.43 59.68 -37.95
N SER A 546 -40.26 61.00 -37.77
CA SER A 546 -39.05 61.70 -38.19
C SER A 546 -38.60 62.66 -37.10
N TYR A 547 -38.62 62.21 -35.85
CA TYR A 547 -38.21 63.04 -34.73
C TYR A 547 -36.69 63.13 -34.66
N SER A 548 -36.20 64.30 -34.24
CA SER A 548 -34.78 64.53 -34.05
C SER A 548 -34.53 65.18 -32.69
N GLY A 549 -33.26 65.20 -32.29
CA GLY A 549 -32.88 65.79 -31.03
C GLY A 549 -31.58 66.57 -31.10
N VAL B 10 22.51 -41.25 -4.62
CA VAL B 10 23.88 -40.82 -4.34
C VAL B 10 24.85 -41.99 -4.59
N PHE B 11 26.01 -41.67 -5.14
CA PHE B 11 27.02 -42.67 -5.49
C PHE B 11 27.62 -43.28 -4.23
N LEU B 12 27.72 -44.62 -4.22
CA LEU B 12 28.32 -45.32 -3.09
C LEU B 12 29.62 -46.00 -3.43
N TYR B 13 29.62 -46.94 -4.38
CA TYR B 13 30.81 -47.72 -4.76
C TYR B 13 30.52 -48.45 -6.06
N HIS B 14 31.48 -49.28 -6.47
CA HIS B 14 31.44 -49.99 -7.75
C HIS B 14 31.31 -51.48 -7.53
N ILE B 15 30.42 -52.10 -8.31
CA ILE B 15 30.27 -53.56 -8.34
C ILE B 15 30.64 -54.02 -9.75
N PRO B 16 31.04 -55.27 -9.96
CA PRO B 16 31.29 -55.72 -11.34
C PRO B 16 30.00 -55.97 -12.09
N CYS B 17 29.95 -55.48 -13.32
CA CYS B 17 28.77 -55.61 -14.16
C CYS B 17 28.68 -57.03 -14.73
N ASP B 18 27.46 -57.40 -15.12
CA ASP B 18 27.20 -58.76 -15.60
C ASP B 18 26.89 -58.84 -17.08
N ASN B 19 26.20 -57.86 -17.66
CA ASN B 19 25.86 -57.89 -19.08
C ASN B 19 27.09 -57.64 -19.95
N CYS B 20 27.89 -56.64 -19.61
CA CYS B 20 29.11 -56.35 -20.36
C CYS B 20 30.34 -57.04 -19.80
N GLY B 21 30.25 -57.59 -18.58
CA GLY B 21 31.36 -58.31 -18.01
C GLY B 21 32.51 -57.44 -17.55
N SER B 22 32.25 -56.17 -17.24
CA SER B 22 33.31 -55.27 -16.80
C SER B 22 33.64 -55.51 -15.33
N SER B 23 34.71 -54.86 -14.88
CA SER B 23 35.21 -55.01 -13.52
C SER B 23 34.77 -53.90 -12.59
N ASP B 24 34.95 -52.64 -13.00
CA ASP B 24 34.60 -51.49 -12.19
C ASP B 24 33.68 -50.54 -12.94
N GLY B 25 32.81 -51.09 -13.77
CA GLY B 25 31.94 -50.26 -14.57
C GLY B 25 30.62 -49.95 -13.91
N ASN B 26 30.02 -50.95 -13.25
CA ASN B 26 28.72 -50.77 -12.64
C ASN B 26 28.87 -50.04 -11.32
N SER B 27 28.01 -49.05 -11.10
CA SER B 27 27.99 -48.24 -9.90
C SER B 27 26.68 -48.47 -9.16
N LEU B 28 26.77 -48.68 -7.85
CA LEU B 28 25.60 -48.89 -7.00
C LEU B 28 25.23 -47.58 -6.31
N PHE B 29 23.95 -47.43 -6.01
CA PHE B 29 23.42 -46.20 -5.45
C PHE B 29 22.54 -46.51 -4.25
N SER B 30 22.29 -45.49 -3.44
CA SER B 30 21.49 -45.65 -2.23
C SER B 30 20.00 -45.81 -2.52
N ASP B 31 19.55 -45.43 -3.71
CA ASP B 31 18.15 -45.59 -4.08
C ASP B 31 17.81 -47.01 -4.49
N GLY B 32 18.79 -47.89 -4.63
CA GLY B 32 18.55 -49.28 -4.96
C GLY B 32 18.82 -49.63 -6.41
N HIS B 33 19.00 -48.66 -7.29
CA HIS B 33 19.26 -48.91 -8.69
C HIS B 33 20.75 -48.89 -8.98
N THR B 34 21.14 -49.63 -10.00
CA THR B 34 22.52 -49.67 -10.46
C THR B 34 22.63 -48.98 -11.82
N PHE B 35 23.86 -48.65 -12.21
CA PHE B 35 24.06 -48.10 -13.54
C PHE B 35 25.47 -48.44 -14.02
N CYS B 36 25.56 -48.99 -15.22
CA CYS B 36 26.84 -49.31 -15.84
C CYS B 36 27.21 -48.21 -16.82
N TYR B 37 28.49 -47.85 -16.86
CA TYR B 37 28.98 -46.82 -17.75
C TYR B 37 29.52 -47.37 -19.06
N VAL B 38 29.62 -48.68 -19.19
CA VAL B 38 30.17 -49.32 -20.39
C VAL B 38 29.05 -49.86 -21.27
N CYS B 39 28.24 -50.78 -20.75
CA CYS B 39 27.14 -51.37 -21.51
C CYS B 39 25.90 -50.48 -21.55
N GLU B 40 25.88 -49.40 -20.75
CA GLU B 40 24.83 -48.37 -20.73
C GLU B 40 23.45 -48.96 -20.42
N LYS B 41 23.41 -49.99 -19.60
CA LYS B 41 22.15 -50.63 -19.22
C LYS B 41 21.71 -50.17 -17.84
N TRP B 42 20.49 -49.66 -17.75
CA TRP B 42 19.93 -49.19 -16.50
C TRP B 42 19.04 -50.28 -15.90
N THR B 43 19.12 -50.44 -14.59
CA THR B 43 18.36 -51.46 -13.87
C THR B 43 17.40 -50.79 -12.89
N ALA B 44 16.77 -51.60 -12.05
CA ALA B 44 15.86 -51.08 -11.04
C ALA B 44 15.85 -51.98 -9.81
N MET B 64 -15.91 -27.68 -20.32
CA MET B 64 -14.77 -28.51 -19.92
C MET B 64 -15.04 -29.98 -20.20
N THR B 65 -14.19 -30.84 -19.65
CA THR B 65 -14.29 -32.29 -19.82
C THR B 65 -14.32 -33.04 -18.50
N TYR B 66 -13.52 -32.58 -17.52
CA TYR B 66 -13.37 -33.19 -16.20
C TYR B 66 -12.90 -34.65 -16.30
N ASN B 67 -12.00 -34.91 -17.25
CA ASN B 67 -11.43 -36.23 -17.43
C ASN B 67 -9.93 -36.10 -17.67
N VAL B 68 -9.14 -36.69 -16.78
CA VAL B 68 -7.68 -36.70 -16.92
C VAL B 68 -7.31 -37.67 -18.02
N TRP B 69 -6.57 -37.18 -19.03
CA TRP B 69 -6.17 -38.03 -20.14
C TRP B 69 -5.10 -39.01 -19.71
N ASN B 70 -5.38 -40.30 -19.88
CA ASN B 70 -4.45 -41.34 -19.47
C ASN B 70 -3.29 -41.40 -20.47
N PHE B 71 -2.09 -41.68 -19.94
CA PHE B 71 -0.89 -41.69 -20.77
C PHE B 71 -0.87 -42.87 -21.73
N GLY B 72 -1.35 -44.03 -21.30
CA GLY B 72 -1.44 -45.18 -22.19
C GLY B 72 -2.59 -45.12 -23.18
N GLU B 73 -3.55 -44.23 -22.94
CA GLU B 73 -4.70 -44.05 -23.82
C GLU B 73 -4.46 -43.00 -24.89
N SER B 74 -3.87 -41.87 -24.52
CA SER B 74 -3.74 -40.72 -25.39
C SER B 74 -2.53 -40.78 -26.33
N ASN B 75 -1.84 -41.92 -26.37
CA ASN B 75 -0.65 -42.16 -27.21
C ASN B 75 0.44 -41.14 -26.90
N GLY B 76 0.93 -41.19 -25.67
CA GLY B 76 1.90 -40.22 -25.21
C GLY B 76 3.32 -40.47 -25.70
N ARG B 77 3.85 -39.53 -26.47
CA ARG B 77 5.21 -39.61 -26.98
C ARG B 77 5.93 -38.33 -26.62
N TYR B 78 7.08 -38.45 -25.97
CA TYR B 78 7.88 -37.30 -25.56
C TYR B 78 8.77 -36.83 -26.72
N SER B 79 8.14 -36.18 -27.68
CA SER B 79 8.88 -35.64 -28.81
C SER B 79 9.44 -34.26 -28.47
N ALA B 80 10.37 -33.80 -29.30
CA ALA B 80 11.03 -32.53 -29.09
C ALA B 80 10.47 -31.47 -30.03
N LEU B 81 10.64 -30.21 -29.63
CA LEU B 81 10.18 -29.07 -30.42
C LEU B 81 11.39 -28.46 -31.13
N THR B 82 11.39 -28.56 -32.46
CA THR B 82 12.54 -28.14 -33.26
C THR B 82 12.58 -26.63 -33.46
N ALA B 83 11.43 -26.02 -33.75
CA ALA B 83 11.39 -24.62 -34.15
C ALA B 83 11.67 -23.66 -33.00
N ARG B 84 11.55 -24.11 -31.75
CA ARG B 84 11.86 -23.27 -30.59
C ARG B 84 13.10 -23.73 -29.84
N GLY B 85 13.32 -25.04 -29.76
CA GLY B 85 14.53 -25.59 -29.20
C GLY B 85 14.33 -26.07 -27.78
N ILE B 86 14.02 -27.36 -27.63
CA ILE B 86 13.71 -28.01 -26.36
C ILE B 86 14.17 -29.45 -26.47
N SER B 87 15.00 -29.90 -25.54
CA SER B 87 15.48 -31.28 -25.57
C SER B 87 14.39 -32.24 -25.09
N LYS B 88 14.70 -33.54 -25.12
CA LYS B 88 13.72 -34.55 -24.77
C LYS B 88 13.67 -34.80 -23.27
N GLU B 89 14.82 -34.71 -22.59
CA GLU B 89 14.86 -34.93 -21.14
C GLU B 89 14.14 -33.81 -20.38
N THR B 90 14.10 -32.60 -20.95
CA THR B 90 13.33 -31.52 -20.34
C THR B 90 11.83 -31.82 -20.35
N CYS B 91 11.33 -32.35 -21.46
CA CYS B 91 9.93 -32.75 -21.52
C CYS B 91 9.66 -33.99 -20.68
N GLN B 92 10.67 -34.85 -20.49
CA GLN B 92 10.47 -36.01 -19.62
C GLN B 92 10.45 -35.61 -18.14
N LYS B 93 11.20 -34.58 -17.78
CA LYS B 93 11.20 -34.13 -16.39
C LYS B 93 10.04 -33.22 -16.05
N ALA B 94 9.69 -32.29 -16.94
CA ALA B 94 8.66 -31.30 -16.67
C ALA B 94 7.25 -31.80 -16.95
N GLY B 95 7.09 -32.85 -17.75
CA GLY B 95 5.78 -33.35 -18.07
C GLY B 95 5.06 -32.50 -19.09
N TYR B 96 5.63 -32.39 -20.29
CA TYR B 96 5.07 -31.59 -21.38
C TYR B 96 5.11 -32.48 -22.62
N TRP B 97 4.04 -33.25 -22.81
CA TRP B 97 4.08 -34.38 -23.73
C TRP B 97 3.04 -34.26 -24.83
N ILE B 98 3.38 -34.78 -26.00
CA ILE B 98 2.55 -34.66 -27.19
C ILE B 98 1.65 -35.89 -27.30
N ALA B 99 0.34 -35.64 -27.40
CA ALA B 99 -0.65 -36.68 -27.61
C ALA B 99 -1.03 -36.75 -29.09
N LYS B 100 -1.31 -37.97 -29.56
CA LYS B 100 -1.68 -38.23 -30.94
C LYS B 100 -3.11 -38.75 -31.03
N VAL B 101 -4.00 -38.20 -30.21
CA VAL B 101 -5.40 -38.58 -30.25
C VAL B 101 -6.09 -37.84 -31.38
N ASP B 102 -7.12 -38.48 -31.95
CA ASP B 102 -7.99 -37.93 -33.01
C ASP B 102 -7.22 -37.58 -34.29
N GLY B 103 -6.10 -38.24 -34.52
CA GLY B 103 -5.32 -37.98 -35.71
C GLY B 103 -4.59 -36.65 -35.75
N VAL B 104 -4.62 -35.88 -34.65
CA VAL B 104 -3.98 -34.58 -34.61
C VAL B 104 -2.92 -34.58 -33.52
N MET B 105 -2.22 -33.46 -33.37
CA MET B 105 -1.10 -33.33 -32.44
C MET B 105 -1.50 -32.36 -31.34
N TYR B 106 -1.68 -32.88 -30.13
CA TYR B 106 -1.97 -32.06 -28.96
C TYR B 106 -0.75 -31.99 -28.05
N GLN B 107 -0.66 -30.91 -27.28
CA GLN B 107 0.48 -30.66 -26.39
C GLN B 107 -0.04 -30.57 -24.96
N VAL B 108 -0.10 -31.72 -24.28
CA VAL B 108 -0.64 -31.79 -22.93
C VAL B 108 0.44 -31.40 -21.94
N ALA B 109 0.15 -30.39 -21.12
CA ALA B 109 1.00 -30.00 -20.01
C ALA B 109 0.30 -30.36 -18.71
N ASP B 110 1.03 -31.02 -17.80
CA ASP B 110 0.45 -31.58 -16.59
C ASP B 110 0.77 -30.70 -15.39
N TYR B 111 -0.21 -30.56 -14.48
CA TYR B 111 -0.01 -29.88 -13.21
C TYR B 111 -0.11 -30.91 -12.09
N ARG B 112 0.76 -30.77 -11.10
CA ARG B 112 0.84 -31.74 -10.01
C ARG B 112 0.72 -31.03 -8.67
N ASP B 113 0.88 -31.79 -7.59
CA ASP B 113 0.78 -31.28 -6.23
C ASP B 113 2.11 -31.52 -5.49
N GLN B 114 2.11 -31.19 -4.19
CA GLN B 114 3.30 -31.38 -3.38
C GLN B 114 3.58 -32.85 -3.08
N ASN B 115 2.56 -33.71 -3.13
CA ASN B 115 2.78 -35.14 -2.98
C ASN B 115 3.21 -35.80 -4.26
N GLY B 116 3.02 -35.15 -5.41
CA GLY B 116 3.41 -35.71 -6.68
C GLY B 116 2.34 -36.55 -7.33
N ASN B 117 1.15 -35.99 -7.49
CA ASN B 117 0.04 -36.69 -8.13
C ASN B 117 -0.60 -35.77 -9.15
N ILE B 118 -1.19 -36.38 -10.19
CA ILE B 118 -1.77 -35.62 -11.29
C ILE B 118 -3.07 -34.98 -10.83
N VAL B 119 -3.17 -33.66 -10.97
CA VAL B 119 -4.34 -32.90 -10.54
C VAL B 119 -5.10 -32.35 -11.73
N SER B 120 -4.44 -31.63 -12.63
CA SER B 120 -5.10 -31.03 -13.78
C SER B 120 -4.17 -31.07 -14.98
N GLN B 121 -4.77 -30.84 -16.16
CA GLN B 121 -4.04 -30.86 -17.41
C GLN B 121 -4.41 -29.65 -18.25
N LYS B 122 -3.61 -29.40 -19.27
CA LYS B 122 -3.92 -28.40 -20.29
C LYS B 122 -3.61 -28.99 -21.66
N VAL B 123 -4.63 -29.06 -22.50
CA VAL B 123 -4.50 -29.53 -23.88
C VAL B 123 -4.49 -28.32 -24.79
N ARG B 124 -3.31 -28.01 -25.34
CA ARG B 124 -3.15 -26.83 -26.22
C ARG B 124 -2.85 -27.29 -27.65
N ASP B 125 -3.36 -26.56 -28.64
CA ASP B 125 -3.14 -26.88 -30.04
C ASP B 125 -2.73 -25.65 -30.85
N LYS B 126 -2.78 -25.76 -32.18
CA LYS B 126 -2.38 -24.65 -33.04
C LYS B 126 -3.38 -23.52 -33.01
N ASP B 127 -4.65 -23.82 -32.79
CA ASP B 127 -5.70 -22.81 -32.69
C ASP B 127 -5.93 -22.33 -31.27
N LYS B 128 -5.10 -22.79 -30.32
CA LYS B 128 -5.12 -22.42 -28.91
C LYS B 128 -6.46 -22.73 -28.23
N ASN B 129 -7.15 -23.77 -28.70
CA ASN B 129 -8.43 -24.17 -28.14
C ASN B 129 -8.15 -24.91 -26.84
N PHE B 130 -8.20 -24.17 -25.73
CA PHE B 130 -7.82 -24.71 -24.43
C PHE B 130 -8.90 -25.64 -23.92
N LYS B 131 -8.47 -26.80 -23.40
CA LYS B 131 -9.36 -27.80 -22.82
C LYS B 131 -8.79 -28.13 -21.44
N THR B 132 -9.15 -27.33 -20.44
CA THR B 132 -8.61 -27.49 -19.09
C THR B 132 -9.43 -28.55 -18.39
N THR B 133 -8.85 -29.73 -18.23
CA THR B 133 -9.50 -30.85 -17.57
C THR B 133 -9.08 -30.92 -16.10
N GLY B 134 -9.82 -31.71 -15.34
CA GLY B 134 -9.49 -31.93 -13.95
C GLY B 134 -9.83 -30.75 -13.06
N SER B 135 -9.39 -30.85 -11.81
CA SER B 135 -9.68 -29.85 -10.79
C SER B 135 -8.60 -28.77 -10.86
N HIS B 136 -8.83 -27.76 -11.69
CA HIS B 136 -7.89 -26.66 -11.84
C HIS B 136 -8.11 -25.65 -10.73
N LYS B 137 -7.22 -25.64 -9.74
CA LYS B 137 -7.34 -24.73 -8.62
C LYS B 137 -6.87 -23.33 -9.01
N SER B 138 -7.07 -22.38 -8.09
CA SER B 138 -6.67 -21.00 -8.31
C SER B 138 -5.20 -20.75 -8.01
N ASP B 139 -4.52 -21.69 -7.38
CA ASP B 139 -3.11 -21.52 -6.99
C ASP B 139 -2.25 -22.64 -7.57
N ALA B 140 -2.55 -23.06 -8.80
CA ALA B 140 -1.79 -24.12 -9.45
C ALA B 140 -0.54 -23.55 -10.12
N LEU B 141 0.56 -24.27 -9.99
CA LEU B 141 1.82 -23.88 -10.59
C LEU B 141 2.43 -25.06 -11.34
N PHE B 142 3.19 -24.75 -12.39
CA PHE B 142 3.83 -25.75 -13.22
C PHE B 142 5.29 -25.88 -12.82
N GLY B 143 5.64 -26.99 -12.18
CA GLY B 143 7.01 -27.21 -11.78
C GLY B 143 7.24 -26.99 -10.30
N LYS B 144 6.20 -27.19 -9.50
CA LYS B 144 6.29 -27.10 -8.06
C LYS B 144 6.40 -28.45 -7.37
N HIS B 145 6.27 -29.55 -8.13
CA HIS B 145 6.33 -30.89 -7.57
C HIS B 145 7.72 -31.48 -7.53
N LEU B 146 8.71 -30.82 -8.15
CA LEU B 146 10.08 -31.29 -8.13
C LEU B 146 11.02 -30.40 -7.33
N TRP B 147 10.62 -29.16 -7.06
CA TRP B 147 11.53 -28.13 -6.54
C TRP B 147 10.90 -27.49 -5.31
N ASN B 148 11.39 -27.86 -4.14
CA ASN B 148 10.84 -27.38 -2.88
C ASN B 148 11.85 -26.64 -1.99
N GLY B 149 13.13 -26.86 -2.15
CA GLY B 149 14.13 -26.15 -1.37
C GLY B 149 15.21 -25.57 -2.27
N GLY B 150 15.72 -24.41 -1.87
CA GLY B 150 16.75 -23.77 -2.65
C GLY B 150 17.00 -22.35 -2.17
N LYS B 151 17.70 -21.60 -3.00
CA LYS B 151 18.08 -20.22 -2.71
C LYS B 151 17.47 -19.21 -3.67
N LYS B 152 17.49 -19.53 -4.97
CA LYS B 152 16.94 -18.58 -5.99
C LYS B 152 15.81 -19.26 -6.77
N ILE B 153 14.84 -18.47 -7.24
CA ILE B 153 13.71 -18.96 -8.02
C ILE B 153 13.41 -17.96 -9.13
N VAL B 154 13.15 -18.48 -10.33
CA VAL B 154 12.77 -17.67 -11.48
C VAL B 154 11.33 -18.02 -11.82
N VAL B 155 10.48 -17.01 -11.88
CA VAL B 155 9.05 -17.19 -12.11
C VAL B 155 8.68 -16.55 -13.44
N THR B 156 8.05 -17.32 -14.31
CA THR B 156 7.59 -16.84 -15.61
C THR B 156 6.06 -16.82 -15.65
N GLU B 157 5.52 -16.42 -16.80
CA GLU B 157 4.09 -16.31 -16.97
C GLU B 157 3.48 -17.40 -17.85
N GLY B 158 4.27 -18.05 -18.69
CA GLY B 158 3.74 -19.06 -19.59
C GLY B 158 4.30 -20.44 -19.29
N GLU B 159 4.61 -21.20 -20.33
CA GLU B 159 5.27 -22.49 -20.13
C GLU B 159 6.49 -22.60 -21.03
N ILE B 160 6.46 -21.93 -22.17
CA ILE B 160 7.57 -22.03 -23.13
C ILE B 160 8.80 -21.29 -22.61
N ASP B 161 8.59 -20.15 -21.93
CA ASP B 161 9.71 -19.46 -21.30
C ASP B 161 10.28 -20.25 -20.13
N MET B 162 9.41 -20.96 -19.40
CA MET B 162 9.86 -21.82 -18.30
C MET B 162 10.73 -22.97 -18.83
N LEU B 163 10.31 -23.58 -19.94
CA LEU B 163 11.13 -24.60 -20.58
C LEU B 163 12.39 -24.02 -21.18
N THR B 164 12.37 -22.75 -21.60
CA THR B 164 13.57 -22.11 -22.14
C THR B 164 14.60 -21.88 -21.04
N VAL B 165 14.16 -21.42 -19.87
CA VAL B 165 15.08 -21.23 -18.76
C VAL B 165 15.61 -22.58 -18.25
N MET B 166 14.77 -23.62 -18.27
CA MET B 166 15.27 -24.94 -17.93
C MET B 166 16.25 -25.48 -18.96
N GLU B 167 16.09 -25.13 -20.24
CA GLU B 167 17.06 -25.54 -21.25
C GLU B 167 18.38 -24.81 -21.09
N LEU B 168 18.33 -23.53 -20.70
CA LEU B 168 19.58 -22.80 -20.50
C LEU B 168 20.32 -23.28 -19.25
N GLN B 169 19.59 -23.58 -18.18
CA GLN B 169 20.19 -23.96 -16.91
C GLN B 169 20.27 -25.46 -16.71
N ASP B 170 19.87 -26.25 -17.73
CA ASP B 170 20.03 -27.72 -17.78
C ASP B 170 19.24 -28.40 -16.66
N CYS B 171 18.03 -27.89 -16.40
CA CYS B 171 16.99 -28.56 -15.60
C CYS B 171 17.42 -28.81 -14.15
N LYS B 172 18.23 -27.93 -13.57
CA LYS B 172 18.76 -28.17 -12.24
C LYS B 172 18.57 -27.01 -11.26
N TYR B 173 17.96 -25.91 -11.68
CA TYR B 173 17.72 -24.78 -10.80
C TYR B 173 16.23 -24.48 -10.70
N PRO B 174 15.73 -24.02 -9.55
CA PRO B 174 14.28 -23.93 -9.32
C PRO B 174 13.63 -22.85 -10.17
N VAL B 175 12.79 -23.27 -11.11
CA VAL B 175 11.99 -22.41 -11.97
C VAL B 175 10.56 -22.90 -11.93
N VAL B 176 9.62 -22.03 -11.53
CA VAL B 176 8.21 -22.37 -11.57
C VAL B 176 7.54 -21.42 -12.56
N SER B 177 6.25 -21.63 -12.80
CA SER B 177 5.54 -20.78 -13.75
C SER B 177 4.06 -20.75 -13.40
N LEU B 178 3.41 -19.64 -13.73
CA LEU B 178 2.01 -19.43 -13.41
C LEU B 178 1.13 -20.29 -14.31
N GLY B 179 -0.13 -20.43 -13.91
CA GLY B 179 -1.09 -21.23 -14.64
C GLY B 179 -2.40 -20.55 -15.00
N HIS B 180 -2.49 -19.22 -14.89
CA HIS B 180 -3.74 -18.55 -15.20
C HIS B 180 -3.49 -17.24 -15.94
N GLY B 181 -2.28 -17.04 -16.46
CA GLY B 181 -1.96 -15.82 -17.17
C GLY B 181 -1.38 -14.75 -16.27
N ALA B 182 -1.09 -13.60 -16.88
CA ALA B 182 -0.54 -12.47 -16.16
C ALA B 182 -1.62 -11.58 -15.56
N SER B 183 -2.89 -11.97 -15.67
CA SER B 183 -3.98 -11.21 -15.10
C SER B 183 -4.42 -11.71 -13.74
N ALA B 184 -3.99 -12.89 -13.33
CA ALA B 184 -4.30 -13.46 -12.03
C ALA B 184 -3.11 -13.34 -11.08
N ALA B 185 -2.33 -12.26 -11.24
CA ALA B 185 -1.17 -12.03 -10.38
C ALA B 185 -1.56 -11.64 -8.97
N LYS B 186 -2.76 -11.11 -8.77
CA LYS B 186 -3.24 -10.77 -7.44
C LYS B 186 -3.88 -11.96 -6.73
N LYS B 187 -4.06 -13.08 -7.41
CA LYS B 187 -4.74 -14.26 -6.87
C LYS B 187 -3.82 -15.46 -6.74
N THR B 188 -3.06 -15.78 -7.79
CA THR B 188 -2.24 -16.98 -7.78
C THR B 188 -1.03 -16.81 -6.88
N CYS B 189 -0.34 -15.67 -7.00
CA CYS B 189 0.83 -15.42 -6.17
C CYS B 189 0.45 -15.15 -4.72
N ALA B 190 -0.76 -14.62 -4.48
CA ALA B 190 -1.17 -14.29 -3.13
C ALA B 190 -1.58 -15.53 -2.35
N ALA B 191 -2.17 -16.52 -3.02
CA ALA B 191 -2.62 -17.72 -2.33
C ALA B 191 -1.44 -18.61 -1.92
N ASN B 192 -0.40 -18.68 -2.76
CA ASN B 192 0.82 -19.41 -2.44
C ASN B 192 1.77 -18.42 -1.76
N TYR B 193 1.70 -18.36 -0.44
CA TYR B 193 2.56 -17.47 0.33
C TYR B 193 3.60 -18.20 1.17
N GLU B 194 3.24 -19.35 1.74
CA GLU B 194 4.23 -20.14 2.47
C GLU B 194 5.12 -20.96 1.54
N TYR B 195 4.74 -21.09 0.27
CA TYR B 195 5.60 -21.80 -0.68
C TYR B 195 6.77 -20.93 -1.11
N PHE B 196 6.50 -19.67 -1.47
CA PHE B 196 7.55 -18.74 -1.85
C PHE B 196 8.33 -18.20 -0.67
N ASP B 197 7.87 -18.42 0.56
CA ASP B 197 8.55 -17.89 1.73
C ASP B 197 9.83 -18.67 2.05
N GLN B 198 9.95 -19.91 1.58
CA GLN B 198 11.11 -20.74 1.87
C GLN B 198 12.35 -20.34 1.09
N PHE B 199 12.22 -19.49 0.08
CA PHE B 199 13.33 -19.14 -0.79
C PHE B 199 13.86 -17.75 -0.44
N GLU B 200 15.13 -17.54 -0.74
CA GLU B 200 15.83 -16.33 -0.30
C GLU B 200 15.72 -15.18 -1.29
N GLN B 201 15.62 -15.45 -2.59
CA GLN B 201 15.60 -14.38 -3.58
C GLN B 201 14.67 -14.79 -4.71
N ILE B 202 13.57 -14.07 -4.87
CA ILE B 202 12.53 -14.39 -5.85
C ILE B 202 12.68 -13.45 -7.03
N ILE B 203 12.97 -14.01 -8.20
CA ILE B 203 13.27 -13.24 -9.40
C ILE B 203 12.13 -13.42 -10.40
N LEU B 204 11.59 -12.31 -10.88
CA LEU B 204 10.42 -12.32 -11.75
C LEU B 204 10.81 -12.10 -13.21
N MET B 205 10.07 -12.75 -14.11
CA MET B 205 10.28 -12.66 -15.55
C MET B 205 8.95 -12.55 -16.29
N PHE B 206 8.01 -11.76 -15.74
CA PHE B 206 6.68 -11.66 -16.31
C PHE B 206 6.63 -11.03 -17.70
N ASP B 207 6.94 -9.74 -17.80
CA ASP B 207 6.76 -8.98 -19.03
C ASP B 207 7.89 -7.99 -19.22
N MET B 208 8.42 -7.94 -20.43
CA MET B 208 9.48 -6.99 -20.77
C MET B 208 9.07 -6.12 -21.95
N ALA B 219 2.52 -7.07 -12.30
CA ALA B 219 3.40 -7.07 -11.15
C ALA B 219 2.62 -7.20 -9.85
N ALA B 220 3.23 -7.85 -8.85
CA ALA B 220 2.57 -8.11 -7.58
C ALA B 220 3.50 -7.76 -6.42
N GLN B 221 2.91 -7.27 -5.34
CA GLN B 221 3.65 -6.84 -4.16
C GLN B 221 3.25 -7.63 -2.92
N VAL B 222 2.48 -8.72 -3.08
CA VAL B 222 2.02 -9.50 -1.94
C VAL B 222 3.16 -10.31 -1.31
N LEU B 223 4.25 -10.52 -2.05
CA LEU B 223 5.43 -11.19 -1.52
C LEU B 223 6.12 -10.32 -0.47
N PRO B 224 6.87 -10.93 0.45
CA PRO B 224 7.57 -10.13 1.47
C PRO B 224 8.69 -9.29 0.87
N ALA B 225 8.84 -8.09 1.43
CA ALA B 225 9.74 -7.09 0.88
C ALA B 225 11.19 -7.42 1.17
N GLY B 226 12.08 -6.73 0.47
CA GLY B 226 13.50 -7.00 0.56
C GLY B 226 13.92 -8.33 -0.03
N LYS B 227 13.10 -8.91 -0.88
CA LYS B 227 13.33 -10.26 -1.38
C LYS B 227 13.06 -10.39 -2.87
N VAL B 228 12.35 -9.42 -3.46
CA VAL B 228 11.84 -9.55 -4.82
C VAL B 228 12.78 -8.79 -5.76
N ARG B 229 13.26 -9.47 -6.79
CA ARG B 229 14.08 -8.90 -7.84
C ARG B 229 13.33 -9.01 -9.17
N VAL B 230 13.41 -7.96 -9.99
CA VAL B 230 12.79 -7.94 -11.31
C VAL B 230 13.85 -7.49 -12.31
N ALA B 231 14.05 -8.30 -13.35
CA ALA B 231 15.06 -8.04 -14.36
C ALA B 231 14.41 -7.63 -15.69
N VAL B 232 15.21 -6.98 -16.52
CA VAL B 232 14.75 -6.39 -17.77
C VAL B 232 15.54 -7.02 -18.92
N LEU B 233 14.82 -7.44 -19.96
CA LEU B 233 15.34 -8.08 -21.17
C LEU B 233 14.99 -7.23 -22.39
N PRO B 234 15.83 -7.25 -23.43
CA PRO B 234 15.57 -6.39 -24.61
C PRO B 234 14.48 -6.89 -25.55
N CYS B 235 13.89 -8.05 -25.31
CA CYS B 235 12.85 -8.56 -26.20
C CYS B 235 11.55 -8.72 -25.42
N LYS B 236 10.57 -9.38 -26.06
CA LYS B 236 9.26 -9.57 -25.45
C LYS B 236 9.32 -10.55 -24.28
N ASP B 237 10.04 -11.66 -24.47
CA ASP B 237 10.14 -12.67 -23.43
C ASP B 237 11.51 -13.35 -23.53
N ALA B 238 11.63 -14.52 -22.92
CA ALA B 238 12.90 -15.24 -22.94
C ALA B 238 13.12 -16.02 -24.23
N ASN B 239 12.03 -16.44 -24.89
CA ASN B 239 12.19 -17.24 -26.10
C ASN B 239 12.67 -16.39 -27.28
N GLU B 240 12.24 -15.12 -27.34
CA GLU B 240 12.74 -14.23 -28.37
C GLU B 240 14.17 -13.80 -28.11
N CYS B 241 14.67 -13.97 -26.89
CA CYS B 241 16.09 -13.79 -26.65
C CYS B 241 16.88 -15.06 -26.94
N HIS B 242 16.26 -16.22 -26.75
CA HIS B 242 16.96 -17.48 -27.04
C HIS B 242 17.07 -17.75 -28.53
N LEU B 243 16.04 -17.44 -29.31
CA LEU B 243 16.04 -17.70 -30.74
C LEU B 243 16.69 -16.59 -31.56
N ASN B 244 17.31 -15.61 -30.91
CA ASN B 244 17.93 -14.51 -31.66
C ASN B 244 19.31 -14.15 -31.13
N GLY B 245 19.89 -14.94 -30.23
CA GLY B 245 21.25 -14.71 -29.77
C GLY B 245 21.41 -13.88 -28.52
N HIS B 246 20.31 -13.46 -27.89
CA HIS B 246 20.38 -12.68 -26.67
C HIS B 246 20.29 -13.55 -25.42
N ASP B 247 20.49 -14.87 -25.55
CA ASP B 247 20.30 -15.79 -24.42
C ASP B 247 21.35 -15.58 -23.33
N ARG B 248 22.55 -15.15 -23.72
CA ARG B 248 23.54 -14.70 -22.74
C ARG B 248 22.99 -13.59 -21.87
N GLU B 249 22.32 -12.61 -22.49
CA GLU B 249 21.66 -11.55 -21.74
C GLU B 249 20.45 -12.04 -20.95
N ILE B 250 19.98 -13.27 -21.18
CA ILE B 250 19.08 -13.89 -20.22
C ILE B 250 19.85 -14.22 -18.94
N MET B 251 20.94 -14.95 -19.08
CA MET B 251 21.66 -15.47 -17.92
C MET B 251 22.38 -14.38 -17.14
N GLU B 252 22.67 -13.24 -17.77
CA GLU B 252 23.24 -12.13 -17.03
C GLU B 252 22.17 -11.44 -16.19
N GLN B 253 20.90 -11.52 -16.60
CA GLN B 253 19.82 -10.92 -15.82
C GLN B 253 19.29 -11.83 -14.74
N VAL B 254 19.74 -13.08 -14.68
CA VAL B 254 19.31 -14.00 -13.63
C VAL B 254 20.20 -13.89 -12.41
N TRP B 255 21.51 -13.87 -12.59
CA TRP B 255 22.42 -13.87 -11.45
C TRP B 255 22.73 -12.48 -10.91
N ASN B 256 22.38 -11.42 -11.63
CA ASN B 256 22.63 -10.05 -11.19
C ASN B 256 21.40 -9.19 -11.41
N ALA B 257 20.24 -9.69 -10.99
CA ALA B 257 18.99 -8.95 -11.16
C ALA B 257 18.91 -7.80 -10.17
N GLY B 258 18.45 -6.65 -10.66
CA GLY B 258 18.35 -5.45 -9.84
C GLY B 258 17.16 -5.48 -8.91
N PRO B 259 17.17 -4.61 -7.90
CA PRO B 259 16.10 -4.62 -6.90
C PRO B 259 14.80 -4.02 -7.44
N TRP B 260 13.72 -4.32 -6.74
CA TRP B 260 12.37 -3.93 -7.17
C TRP B 260 12.04 -2.53 -6.66
N ILE B 261 11.96 -1.59 -7.57
CA ILE B 261 11.33 -0.30 -7.29
C ILE B 261 9.84 -0.51 -7.17
N PRO B 262 9.19 -0.08 -6.05
CA PRO B 262 7.82 -0.51 -5.77
C PRO B 262 6.77 -0.02 -6.75
N ASP B 263 6.80 1.26 -7.11
CA ASP B 263 5.74 1.89 -7.89
C ASP B 263 6.37 2.91 -8.82
N GLY B 264 5.55 3.81 -9.35
CA GLY B 264 6.00 4.84 -10.28
C GLY B 264 6.72 6.01 -9.65
N VAL B 265 7.09 5.95 -8.36
CA VAL B 265 7.92 6.98 -7.78
C VAL B 265 9.35 6.83 -8.30
N VAL B 266 10.05 7.96 -8.43
CA VAL B 266 11.41 7.96 -8.95
C VAL B 266 12.30 8.70 -7.96
N SER B 267 13.60 8.50 -8.11
CA SER B 267 14.58 9.30 -7.40
C SER B 267 14.97 10.51 -8.26
N ALA B 268 15.90 11.30 -7.75
CA ALA B 268 16.36 12.48 -8.44
C ALA B 268 17.65 12.27 -9.22
N LEU B 269 18.00 11.01 -9.50
CA LEU B 269 19.18 10.70 -10.29
C LEU B 269 18.87 9.97 -11.58
N SER B 270 17.77 9.20 -11.64
CA SER B 270 17.38 8.51 -12.85
C SER B 270 16.66 9.41 -13.85
N LEU B 271 16.44 10.67 -13.51
CA LEU B 271 15.85 11.64 -14.42
C LEU B 271 16.88 12.40 -15.24
N ARG B 272 18.17 12.07 -15.08
CA ARG B 272 19.28 12.90 -15.53
C ARG B 272 19.29 13.09 -17.03
N GLU B 273 18.90 12.08 -17.80
CA GLU B 273 18.80 12.25 -19.24
C GLU B 273 17.53 13.01 -19.62
N ARG B 274 16.42 12.71 -18.94
CA ARG B 274 15.14 13.30 -19.33
C ARG B 274 15.07 14.79 -19.00
N ILE B 275 15.69 15.19 -17.89
CA ILE B 275 15.89 16.62 -17.61
C ILE B 275 16.75 17.26 -18.70
N ARG B 276 17.71 16.50 -19.25
CA ARG B 276 18.42 16.96 -20.43
C ARG B 276 17.49 17.02 -21.64
N GLU B 277 16.62 16.01 -21.79
CA GLU B 277 15.83 15.88 -23.02
C GLU B 277 14.79 16.99 -23.14
N HIS B 278 14.07 17.27 -22.04
CA HIS B 278 13.19 18.44 -22.00
C HIS B 278 13.96 19.75 -22.13
N LEU B 279 15.25 19.75 -21.77
CA LEU B 279 16.09 20.92 -22.00
C LEU B 279 16.39 21.13 -23.48
N SER B 280 16.26 20.10 -24.31
CA SER B 280 16.56 20.18 -25.73
C SER B 280 15.30 19.96 -26.56
N SER B 281 14.19 20.54 -26.12
CA SER B 281 12.93 20.38 -26.85
C SER B 281 12.45 21.72 -27.40
N SER B 284 9.19 23.48 -26.33
CA SER B 284 9.56 24.39 -25.25
C SER B 284 9.75 25.81 -25.76
N VAL B 285 9.40 26.04 -27.03
CA VAL B 285 9.48 27.35 -27.67
C VAL B 285 8.07 27.93 -27.73
N GLY B 286 7.92 29.17 -27.26
CA GLY B 286 6.60 29.77 -27.18
C GLY B 286 6.05 30.18 -28.54
N LEU B 287 4.79 29.83 -28.77
CA LEU B 287 4.09 30.26 -29.98
C LEU B 287 3.70 31.71 -29.83
N LEU B 288 4.15 32.54 -30.76
CA LEU B 288 3.99 33.99 -30.62
C LEU B 288 2.57 34.42 -30.94
N PHE B 289 2.05 35.34 -30.15
CA PHE B 289 0.75 35.94 -30.42
C PHE B 289 0.91 37.08 -31.42
N SER B 290 -0.11 37.25 -32.25
CA SER B 290 -0.13 38.29 -33.26
C SER B 290 -1.15 39.36 -32.90
N GLY B 291 -1.10 40.47 -33.63
CA GLY B 291 -1.96 41.60 -33.40
C GLY B 291 -1.41 42.62 -32.42
N CYS B 292 -0.66 42.18 -31.43
CA CYS B 292 -0.03 43.10 -30.49
C CYS B 292 1.25 42.46 -29.96
N THR B 293 2.31 43.25 -29.89
CA THR B 293 3.58 42.79 -29.34
C THR B 293 3.70 43.03 -27.84
N GLY B 294 2.72 43.70 -27.24
CA GLY B 294 2.77 43.94 -25.80
C GLY B 294 2.49 42.71 -24.96
N ILE B 295 1.82 41.70 -25.53
CA ILE B 295 1.55 40.48 -24.77
C ILE B 295 2.82 39.64 -24.65
N ASN B 296 3.55 39.47 -25.77
CA ASN B 296 4.68 38.56 -25.84
C ASN B 296 5.88 39.03 -25.02
N ASP B 297 5.91 40.29 -24.60
CA ASP B 297 6.99 40.74 -23.73
C ASP B 297 6.78 40.29 -22.29
N LYS B 298 5.56 39.88 -21.92
CA LYS B 298 5.25 39.54 -20.55
C LYS B 298 4.42 38.25 -20.42
N THR B 299 4.37 37.44 -21.47
CA THR B 299 3.62 36.19 -21.40
C THR B 299 4.47 35.05 -21.94
N LEU B 300 5.40 35.38 -22.83
CA LEU B 300 6.29 34.44 -23.53
C LEU B 300 5.51 33.41 -24.34
N GLY B 301 4.34 33.79 -24.84
CA GLY B 301 3.61 32.95 -25.79
C GLY B 301 2.87 31.80 -25.14
N ALA B 302 2.76 30.71 -25.89
CA ALA B 302 2.07 29.50 -25.45
C ALA B 302 2.99 28.31 -25.64
N ARG B 303 2.96 27.37 -24.69
CA ARG B 303 3.87 26.25 -24.65
C ARG B 303 3.09 24.93 -24.59
N GLY B 304 3.82 23.83 -24.44
CA GLY B 304 3.16 22.54 -24.33
C GLY B 304 2.59 22.34 -22.95
N GLY B 305 1.34 21.89 -22.88
CA GLY B 305 0.65 21.77 -21.61
C GLY B 305 0.32 23.13 -21.02
N GLU B 306 -0.59 23.85 -21.68
CA GLU B 306 -0.84 25.25 -21.35
C GLU B 306 -2.30 25.53 -21.66
N VAL B 307 -3.10 25.72 -20.61
CA VAL B 307 -4.51 26.06 -20.76
C VAL B 307 -4.64 27.58 -20.62
N ILE B 308 -5.11 28.23 -21.68
CA ILE B 308 -5.18 29.69 -21.74
C ILE B 308 -6.65 30.09 -21.81
N MET B 309 -7.09 30.83 -20.80
CA MET B 309 -8.47 31.27 -20.68
C MET B 309 -8.62 32.67 -21.27
N VAL B 310 -9.67 32.86 -22.07
CA VAL B 310 -9.93 34.13 -22.74
C VAL B 310 -11.35 34.57 -22.41
N THR B 311 -11.51 35.82 -21.97
CA THR B 311 -12.84 36.30 -21.61
C THR B 311 -12.97 37.78 -21.92
N SER B 312 -14.23 38.21 -22.01
CA SER B 312 -14.61 39.61 -22.11
C SER B 312 -16.06 39.73 -21.65
N GLY B 313 -16.69 40.85 -21.96
CA GLY B 313 -18.11 40.99 -21.74
C GLY B 313 -18.94 40.21 -22.76
N SER B 314 -20.25 40.37 -22.65
CA SER B 314 -21.22 39.66 -23.53
C SER B 314 -21.27 40.29 -24.92
N GLY B 315 -20.44 39.81 -25.85
CA GLY B 315 -20.45 40.31 -27.20
C GLY B 315 -19.41 41.40 -27.46
N MET B 316 -18.23 41.26 -26.87
CA MET B 316 -17.18 42.26 -27.00
C MET B 316 -16.07 41.85 -27.94
N GLY B 317 -16.17 40.67 -28.58
CA GLY B 317 -15.22 40.31 -29.60
C GLY B 317 -14.18 39.27 -29.21
N LYS B 318 -14.62 38.25 -28.46
CA LYS B 318 -13.72 37.14 -28.14
C LYS B 318 -13.43 36.30 -29.39
N SER B 319 -14.48 35.97 -30.14
CA SER B 319 -14.37 35.06 -31.28
C SER B 319 -13.53 35.67 -32.40
N THR B 320 -13.56 37.00 -32.54
CA THR B 320 -12.75 37.66 -33.56
C THR B 320 -11.26 37.54 -33.26
N PHE B 321 -10.87 37.81 -32.01
CA PHE B 321 -9.47 37.70 -31.62
C PHE B 321 -8.98 36.25 -31.66
N VAL B 322 -9.82 35.32 -31.21
CA VAL B 322 -9.43 33.91 -31.23
C VAL B 322 -9.33 33.40 -32.67
N ARG B 323 -10.21 33.87 -33.56
CA ARG B 323 -10.18 33.45 -34.95
C ARG B 323 -8.96 34.02 -35.67
N GLN B 324 -8.58 35.26 -35.36
CA GLN B 324 -7.38 35.84 -35.95
C GLN B 324 -6.12 35.15 -35.46
N GLN B 325 -6.13 34.75 -34.18
CA GLN B 325 -4.99 34.02 -33.57
C GLN B 325 -4.90 32.65 -34.24
N ALA B 326 -6.06 32.04 -34.54
CA ALA B 326 -6.12 30.75 -35.22
C ALA B 326 -5.58 30.83 -36.64
N LEU B 327 -5.92 31.91 -37.35
CA LEU B 327 -5.42 32.10 -38.70
C LEU B 327 -3.90 32.34 -38.71
N GLN B 328 -3.41 33.18 -37.80
CA GLN B 328 -1.97 33.45 -37.73
C GLN B 328 -1.18 32.26 -37.22
N TRP B 329 -1.81 31.33 -36.52
CA TRP B 329 -1.15 30.08 -36.17
C TRP B 329 -1.26 29.02 -37.26
N GLY B 330 -2.28 29.09 -38.11
CA GLY B 330 -2.44 28.11 -39.15
C GLY B 330 -1.68 28.37 -40.43
N THR B 331 -1.83 29.57 -41.01
CA THR B 331 -1.29 29.83 -42.33
C THR B 331 0.10 30.46 -42.31
N ALA B 332 0.64 30.76 -41.13
CA ALA B 332 1.92 31.46 -41.04
C ALA B 332 3.03 30.66 -40.38
N MET B 333 2.71 29.67 -39.55
CA MET B 333 3.72 28.89 -38.85
C MET B 333 3.70 27.40 -39.17
N GLY B 334 2.67 26.90 -39.85
CA GLY B 334 2.61 25.50 -40.20
C GLY B 334 2.13 24.59 -39.09
N LYS B 335 1.65 25.13 -37.98
CA LYS B 335 1.11 24.31 -36.91
C LYS B 335 -0.30 23.86 -37.25
N LYS B 336 -0.57 22.58 -37.01
CA LYS B 336 -1.88 22.01 -37.27
C LYS B 336 -2.84 22.43 -36.16
N VAL B 337 -3.95 23.06 -36.53
CA VAL B 337 -4.85 23.73 -35.59
C VAL B 337 -6.21 23.05 -35.65
N GLY B 338 -6.72 22.64 -34.49
CA GLY B 338 -8.03 22.04 -34.41
C GLY B 338 -9.04 22.89 -33.68
N LEU B 339 -10.08 23.33 -34.39
CA LEU B 339 -11.14 24.14 -33.81
C LEU B 339 -12.29 23.25 -33.36
N ALA B 340 -12.98 23.69 -32.31
CA ALA B 340 -14.13 22.97 -31.78
C ALA B 340 -15.26 23.94 -31.47
N MET B 341 -15.59 24.81 -32.43
CA MET B 341 -16.56 25.88 -32.24
C MET B 341 -17.95 25.31 -31.98
N LEU B 342 -18.56 25.74 -30.88
CA LEU B 342 -19.86 25.24 -30.45
C LEU B 342 -20.99 26.24 -30.60
N GLN B 343 -20.69 27.53 -30.73
CA GLN B 343 -21.74 28.52 -30.95
C GLN B 343 -22.32 28.39 -32.35
N GLU B 344 -21.47 28.46 -33.36
CA GLU B 344 -21.87 28.37 -34.76
C GLU B 344 -21.38 27.06 -35.34
N SER B 345 -21.90 26.71 -36.52
CA SER B 345 -21.58 25.45 -37.16
C SER B 345 -20.31 25.60 -38.00
N VAL B 346 -20.05 24.61 -38.85
CA VAL B 346 -18.76 24.52 -39.54
C VAL B 346 -18.70 25.54 -40.68
N GLU B 347 -19.83 25.76 -41.36
CA GLU B 347 -19.83 26.57 -42.58
C GLU B 347 -19.60 28.05 -42.27
N GLU B 348 -20.12 28.52 -41.13
CA GLU B 348 -19.96 29.92 -40.77
C GLU B 348 -18.51 30.26 -40.48
N THR B 349 -17.84 29.44 -39.66
CA THR B 349 -16.44 29.72 -39.35
C THR B 349 -15.52 29.45 -40.55
N ALA B 350 -15.92 28.54 -41.44
CA ALA B 350 -15.14 28.33 -42.66
C ALA B 350 -15.21 29.54 -43.58
N GLU B 351 -16.43 30.07 -43.80
CA GLU B 351 -16.59 31.27 -44.62
C GLU B 351 -15.95 32.48 -43.97
N ASP B 352 -15.94 32.55 -42.63
CA ASP B 352 -15.30 33.67 -41.95
C ASP B 352 -13.79 33.61 -42.09
N LEU B 353 -13.20 32.41 -42.05
CA LEU B 353 -11.76 32.30 -42.28
C LEU B 353 -11.40 32.66 -43.73
N ILE B 354 -12.21 32.22 -44.69
CA ILE B 354 -11.94 32.51 -46.09
C ILE B 354 -12.07 34.00 -46.38
N GLY B 355 -13.07 34.66 -45.77
CA GLY B 355 -13.17 36.10 -45.91
C GLY B 355 -12.09 36.85 -45.16
N LEU B 356 -11.65 36.32 -44.03
CA LEU B 356 -10.68 37.03 -43.18
C LEU B 356 -9.28 37.00 -43.76
N HIS B 357 -8.87 35.92 -44.44
CA HIS B 357 -7.52 35.88 -44.99
C HIS B 357 -7.36 36.82 -46.18
N ASN B 358 -8.44 37.09 -46.92
CA ASN B 358 -8.38 37.96 -48.09
C ASN B 358 -8.72 39.40 -47.76
N ARG B 359 -8.61 39.79 -46.48
CA ARG B 359 -8.70 41.19 -46.01
C ARG B 359 -10.06 41.83 -46.29
N VAL B 360 -11.11 41.02 -46.42
CA VAL B 360 -12.44 41.50 -46.72
C VAL B 360 -13.40 40.96 -45.68
N ARG B 361 -14.68 41.29 -45.84
CA ARG B 361 -15.74 40.77 -44.97
C ARG B 361 -16.73 40.02 -45.84
N LEU B 362 -16.71 38.69 -45.74
CA LEU B 362 -17.41 37.85 -46.71
C LEU B 362 -18.92 37.84 -46.46
N ARG B 363 -19.33 37.44 -45.25
CA ARG B 363 -20.74 37.22 -44.99
C ARG B 363 -21.53 38.51 -44.84
N GLN B 364 -20.85 39.65 -44.61
CA GLN B 364 -21.51 40.93 -44.42
C GLN B 364 -21.72 41.69 -45.73
N SER B 365 -21.72 40.99 -46.87
CA SER B 365 -21.94 41.64 -48.16
C SER B 365 -22.59 40.63 -49.10
N ASP B 366 -23.83 40.93 -49.51
CA ASP B 366 -24.51 40.06 -50.48
C ASP B 366 -23.96 40.24 -51.88
N SER B 367 -23.47 41.43 -52.21
CA SER B 367 -22.96 41.70 -53.55
C SER B 367 -21.66 40.94 -53.81
N LEU B 368 -20.79 40.84 -52.81
CA LEU B 368 -19.53 40.11 -52.98
C LEU B 368 -19.78 38.61 -53.07
N LYS B 369 -20.76 38.10 -52.31
CA LYS B 369 -21.11 36.69 -52.39
C LYS B 369 -21.78 36.36 -53.73
N ARG B 370 -22.56 37.29 -54.28
CA ARG B 370 -23.12 37.08 -55.61
C ARG B 370 -22.05 37.21 -56.70
N GLU B 371 -21.02 38.01 -56.44
CA GLU B 371 -19.96 38.20 -57.42
C GLU B 371 -19.03 36.99 -57.50
N ILE B 372 -18.54 36.51 -56.35
CA ILE B 372 -17.51 35.47 -56.37
C ILE B 372 -18.07 34.08 -56.67
N ILE B 373 -19.38 33.93 -56.77
CA ILE B 373 -19.97 32.64 -57.15
C ILE B 373 -20.09 32.49 -58.66
N GLU B 374 -19.93 33.58 -59.41
CA GLU B 374 -20.09 33.56 -60.86
C GLU B 374 -18.77 33.42 -61.62
N ASN B 375 -17.78 34.26 -61.31
CA ASN B 375 -16.54 34.28 -62.07
C ASN B 375 -15.56 33.16 -61.69
N GLY B 376 -15.87 32.36 -60.68
CA GLY B 376 -15.03 31.23 -60.34
C GLY B 376 -13.75 31.57 -59.61
N LYS B 377 -13.68 32.71 -58.95
CA LYS B 377 -12.49 33.11 -58.20
C LYS B 377 -12.47 32.55 -56.79
N PHE B 378 -13.47 31.75 -56.41
CA PHE B 378 -13.55 31.23 -55.05
C PHE B 378 -12.53 30.13 -54.78
N ASP B 379 -12.24 29.30 -55.78
CA ASP B 379 -11.26 28.24 -55.59
C ASP B 379 -9.83 28.78 -55.47
N GLN B 380 -9.56 29.95 -56.04
CA GLN B 380 -8.26 30.60 -55.86
C GLN B 380 -8.03 31.01 -54.41
N TRP B 381 -9.09 31.31 -53.67
CA TRP B 381 -8.98 31.61 -52.26
C TRP B 381 -9.09 30.37 -51.39
N PHE B 382 -9.79 29.34 -51.87
CA PHE B 382 -9.91 28.10 -51.11
C PHE B 382 -8.61 27.32 -51.11
N ASP B 383 -7.93 27.25 -52.26
CA ASP B 383 -6.74 26.44 -52.40
C ASP B 383 -5.52 27.06 -51.73
N GLU B 384 -5.47 28.39 -51.64
CA GLU B 384 -4.33 29.03 -51.00
C GLU B 384 -4.39 28.89 -49.48
N LEU B 385 -5.58 28.65 -48.91
CA LEU B 385 -5.70 28.40 -47.48
C LEU B 385 -5.62 26.92 -47.14
N PHE B 386 -6.52 26.12 -47.70
CA PHE B 386 -6.67 24.73 -47.26
C PHE B 386 -5.88 23.77 -48.13
N GLY B 387 -4.74 24.21 -48.66
CA GLY B 387 -3.91 23.38 -49.51
C GLY B 387 -3.13 22.33 -48.76
N ASN B 388 -2.43 22.73 -47.70
CA ASN B 388 -1.61 21.82 -46.91
C ASN B 388 -2.31 21.38 -45.63
N ASP B 389 -3.62 21.14 -45.76
CA ASP B 389 -4.54 20.64 -44.70
C ASP B 389 -4.01 20.87 -43.27
N THR B 390 -3.80 22.14 -42.88
CA THR B 390 -3.44 22.44 -41.51
C THR B 390 -4.65 22.61 -40.60
N PHE B 391 -5.83 22.82 -41.17
CA PHE B 391 -7.03 23.10 -40.38
C PHE B 391 -7.92 21.86 -40.31
N HIS B 392 -8.47 21.62 -39.12
CA HIS B 392 -9.43 20.55 -38.89
C HIS B 392 -10.55 21.12 -38.04
N LEU B 393 -11.78 20.84 -38.42
CA LEU B 393 -12.94 21.44 -37.77
C LEU B 393 -13.76 20.37 -37.06
N TYR B 394 -14.71 20.83 -36.26
CA TYR B 394 -15.58 19.96 -35.49
C TYR B 394 -17.03 20.32 -35.77
N ASP B 395 -17.89 19.31 -35.87
CA ASP B 395 -19.30 19.49 -36.14
C ASP B 395 -20.06 19.12 -34.87
N SER B 396 -20.73 20.11 -34.28
CA SER B 396 -21.52 19.89 -33.07
C SER B 396 -22.79 19.10 -33.38
N THR B 402 -20.61 15.25 -21.91
CA THR B 402 -19.36 15.89 -21.52
C THR B 402 -18.22 14.87 -21.51
N ASP B 403 -18.56 13.61 -21.73
CA ASP B 403 -17.56 12.54 -21.74
C ASP B 403 -17.17 12.11 -23.15
N ARG B 404 -18.08 12.22 -24.12
CA ARG B 404 -17.72 11.92 -25.50
C ARG B 404 -16.92 13.03 -26.14
N LEU B 405 -17.02 14.25 -25.61
CA LEU B 405 -16.29 15.39 -26.19
C LEU B 405 -14.80 15.27 -25.91
N LEU B 406 -14.44 14.80 -24.71
CA LEU B 406 -13.03 14.58 -24.40
C LEU B 406 -12.46 13.42 -25.20
N ALA B 407 -13.29 12.41 -25.50
CA ALA B 407 -12.85 11.32 -26.36
C ALA B 407 -12.63 11.79 -27.79
N LYS B 408 -13.48 12.69 -28.28
CA LYS B 408 -13.29 13.24 -29.62
C LYS B 408 -12.08 14.15 -29.68
N LEU B 409 -11.80 14.90 -28.59
CA LEU B 409 -10.59 15.70 -28.55
C LEU B 409 -9.34 14.83 -28.46
N ALA B 410 -9.42 13.70 -27.76
CA ALA B 410 -8.29 12.78 -27.70
C ALA B 410 -8.04 12.11 -29.05
N TYR B 411 -9.11 11.80 -29.79
CA TYR B 411 -8.96 11.28 -31.14
C TYR B 411 -8.42 12.34 -32.09
N MET B 412 -8.78 13.60 -31.87
CA MET B 412 -8.24 14.67 -32.70
C MET B 412 -6.75 14.91 -32.41
N ARG B 413 -6.33 14.73 -31.16
CA ARG B 413 -4.93 14.93 -30.82
C ARG B 413 -4.07 13.75 -31.27
N SER B 414 -4.48 12.53 -30.91
CA SER B 414 -3.63 11.37 -31.16
C SER B 414 -3.68 10.92 -32.61
N GLY B 415 -4.89 10.84 -33.18
CA GLY B 415 -5.02 10.28 -34.51
C GLY B 415 -4.60 11.25 -35.61
N LEU B 416 -5.17 12.45 -35.60
CA LEU B 416 -4.90 13.40 -36.67
C LEU B 416 -3.55 14.08 -36.50
N GLY B 417 -3.21 14.50 -35.29
CA GLY B 417 -1.92 15.08 -35.03
C GLY B 417 -1.93 16.60 -34.94
N CYS B 418 -2.99 17.16 -34.35
CA CYS B 418 -3.09 18.59 -34.18
C CYS B 418 -2.20 19.07 -33.04
N ASP B 419 -1.82 20.34 -33.09
CA ASP B 419 -0.92 20.92 -32.09
C ASP B 419 -1.57 21.95 -31.19
N VAL B 420 -2.58 22.67 -31.67
CA VAL B 420 -3.27 23.69 -30.89
C VAL B 420 -4.76 23.43 -30.98
N ILE B 421 -5.41 23.22 -29.84
CA ILE B 421 -6.84 22.93 -29.81
C ILE B 421 -7.56 24.13 -29.23
N ILE B 422 -8.58 24.60 -29.94
CA ILE B 422 -9.35 25.78 -29.55
C ILE B 422 -10.78 25.33 -29.26
N LEU B 423 -11.27 25.67 -28.08
CA LEU B 423 -12.67 25.51 -27.73
C LEU B 423 -13.36 26.87 -27.73
N ASP B 424 -14.66 26.85 -27.45
CA ASP B 424 -15.43 28.08 -27.41
C ASP B 424 -16.68 27.84 -26.58
N HIS B 425 -16.99 28.81 -25.72
CA HIS B 425 -18.28 28.96 -25.06
C HIS B 425 -18.61 27.75 -24.19
N ILE B 426 -17.82 27.61 -23.11
CA ILE B 426 -17.90 26.46 -22.21
C ILE B 426 -19.21 26.40 -21.43
N SER B 427 -20.05 27.44 -21.49
CA SER B 427 -21.30 27.45 -20.73
C SER B 427 -22.34 26.46 -21.24
N ILE B 428 -22.26 26.04 -22.51
CA ILE B 428 -23.18 25.02 -23.01
C ILE B 428 -22.83 23.65 -22.44
N VAL B 429 -21.53 23.35 -22.32
CA VAL B 429 -21.07 22.04 -21.86
C VAL B 429 -21.44 21.81 -20.41
N VAL B 430 -21.50 22.87 -19.60
CA VAL B 430 -21.90 22.75 -18.20
C VAL B 430 -23.40 22.98 -18.07
N SER B 431 -24.12 22.99 -19.19
CA SER B 431 -25.57 23.13 -19.17
C SER B 431 -26.26 21.84 -19.58
N SER B 436 -27.47 18.35 -12.05
CA SER B 436 -26.98 18.44 -10.67
C SER B 436 -26.35 19.80 -10.40
N ASP B 437 -25.45 19.84 -9.41
CA ASP B 437 -24.77 21.07 -9.03
C ASP B 437 -23.76 21.43 -10.10
N GLU B 438 -23.86 22.67 -10.61
CA GLU B 438 -23.01 23.09 -11.72
C GLU B 438 -21.56 23.32 -11.32
N ARG B 439 -21.30 23.64 -10.05
CA ARG B 439 -19.93 23.87 -9.60
C ARG B 439 -19.12 22.57 -9.64
N LYS B 440 -19.73 21.47 -9.22
CA LYS B 440 -19.04 20.17 -9.26
C LYS B 440 -18.80 19.72 -10.69
N MET B 441 -19.76 19.98 -11.59
CA MET B 441 -19.60 19.63 -13.00
C MET B 441 -18.49 20.44 -13.65
N ILE B 442 -18.45 21.76 -13.41
CA ILE B 442 -17.42 22.57 -14.04
C ILE B 442 -16.06 22.32 -13.41
N ASP B 443 -16.01 21.90 -12.13
CA ASP B 443 -14.74 21.57 -11.53
C ASP B 443 -14.18 20.25 -12.07
N ASN B 444 -15.05 19.25 -12.24
CA ASN B 444 -14.61 17.97 -12.80
C ASN B 444 -14.23 18.15 -14.27
N LEU B 445 -14.95 19.02 -15.00
CA LEU B 445 -14.62 19.30 -16.39
C LEU B 445 -13.27 19.98 -16.51
N MET B 446 -13.01 20.99 -15.68
CA MET B 446 -11.72 21.69 -15.74
C MET B 446 -10.58 20.78 -15.30
N THR B 447 -10.84 19.87 -14.36
CA THR B 447 -9.82 18.91 -13.95
C THR B 447 -9.48 17.93 -15.09
N LYS B 448 -10.51 17.46 -15.81
CA LYS B 448 -10.26 16.56 -16.93
C LYS B 448 -9.55 17.27 -18.09
N LEU B 449 -9.88 18.53 -18.34
CA LEU B 449 -9.19 19.28 -19.38
C LEU B 449 -7.74 19.58 -19.02
N LYS B 450 -7.46 19.86 -17.74
CA LYS B 450 -6.07 20.05 -17.33
C LYS B 450 -5.30 18.74 -17.37
N GLY B 451 -5.96 17.63 -17.05
CA GLY B 451 -5.30 16.33 -17.17
C GLY B 451 -5.03 15.91 -18.60
N PHE B 452 -5.91 16.30 -19.51
CA PHE B 452 -5.66 16.03 -20.92
C PHE B 452 -4.57 16.93 -21.48
N ALA B 453 -4.51 18.19 -21.05
CA ALA B 453 -3.48 19.09 -21.56
C ALA B 453 -2.10 18.73 -21.02
N LYS B 454 -2.03 18.19 -19.80
CA LYS B 454 -0.78 17.76 -19.23
C LYS B 454 -0.38 16.42 -19.82
N SER B 455 0.94 16.20 -19.96
CA SER B 455 1.57 14.96 -20.45
C SER B 455 1.19 14.67 -21.91
N THR B 456 0.84 15.69 -22.66
CA THR B 456 0.64 15.58 -24.10
C THR B 456 1.38 16.65 -24.88
N GLY B 457 1.43 17.87 -24.37
CA GLY B 457 2.15 18.94 -25.04
C GLY B 457 1.33 19.74 -26.02
N VAL B 458 0.05 19.97 -25.72
CA VAL B 458 -0.86 20.66 -26.63
C VAL B 458 -1.30 21.97 -25.99
N VAL B 459 -1.29 23.04 -26.80
CA VAL B 459 -1.86 24.31 -26.37
C VAL B 459 -3.38 24.18 -26.38
N LEU B 460 -4.03 24.61 -25.31
CA LEU B 460 -5.47 24.46 -25.19
C LEU B 460 -6.06 25.83 -24.87
N VAL B 461 -6.75 26.43 -25.84
CA VAL B 461 -7.36 27.75 -25.66
C VAL B 461 -8.83 27.56 -25.34
N VAL B 462 -9.28 28.17 -24.24
CA VAL B 462 -10.64 28.02 -23.73
C VAL B 462 -11.24 29.42 -23.61
N ILE B 463 -12.50 29.56 -24.01
CA ILE B 463 -13.21 30.83 -23.99
C ILE B 463 -14.33 30.75 -22.96
N CYS B 464 -14.42 31.76 -22.09
CA CYS B 464 -15.49 31.80 -21.09
C CYS B 464 -16.08 33.21 -21.03
N HIS B 465 -17.20 33.32 -20.30
CA HIS B 465 -17.90 34.62 -20.17
C HIS B 465 -17.77 35.15 -18.75
N LEU B 466 -18.61 36.14 -18.42
CA LEU B 466 -18.63 36.79 -17.12
C LEU B 466 -20.05 36.81 -16.57
N LYS B 467 -20.16 36.90 -15.25
CA LYS B 467 -21.46 36.88 -14.59
C LYS B 467 -22.08 38.27 -14.60
N ASN B 468 -23.29 38.37 -14.06
CA ASN B 468 -23.93 39.66 -13.87
C ASN B 468 -23.26 40.40 -12.72
N PRO B 469 -22.88 41.66 -12.93
CA PRO B 469 -22.29 42.44 -11.83
C PRO B 469 -23.34 42.81 -10.80
N ASP B 470 -22.87 43.01 -9.56
CA ASP B 470 -23.76 43.33 -8.46
C ASP B 470 -24.21 44.78 -8.51
N LYS B 471 -23.27 45.72 -8.45
CA LYS B 471 -23.54 47.13 -8.49
C LYS B 471 -22.63 47.78 -9.53
N GLY B 472 -22.66 49.12 -9.58
CA GLY B 472 -21.86 49.83 -10.55
C GLY B 472 -22.47 49.76 -11.94
N LYS B 473 -21.64 50.00 -12.94
CA LYS B 473 -22.06 49.91 -14.33
C LYS B 473 -21.69 48.55 -14.90
N ALA B 474 -22.07 48.31 -16.15
CA ALA B 474 -21.88 47.02 -16.78
C ALA B 474 -20.47 46.89 -17.33
N HIS B 475 -20.04 45.63 -17.52
CA HIS B 475 -18.72 45.35 -18.08
C HIS B 475 -18.65 45.76 -19.54
N GLU B 476 -19.77 45.66 -20.25
CA GLU B 476 -19.83 45.94 -21.68
C GLU B 476 -19.79 47.43 -21.99
N GLU B 477 -20.00 48.29 -21.00
CA GLU B 477 -20.01 49.73 -21.19
C GLU B 477 -18.68 50.39 -20.80
N GLY B 478 -17.71 49.62 -20.33
CA GLY B 478 -16.40 50.17 -20.05
C GLY B 478 -15.93 49.99 -18.62
N ARG B 479 -16.43 48.98 -17.92
CA ARG B 479 -15.98 48.72 -16.56
C ARG B 479 -14.73 47.86 -16.58
N PRO B 480 -13.69 48.20 -15.82
CA PRO B 480 -12.50 47.34 -15.75
C PRO B 480 -12.79 46.05 -15.00
N VAL B 481 -12.39 44.94 -15.59
CA VAL B 481 -12.71 43.61 -15.08
C VAL B 481 -11.66 43.21 -14.05
N SER B 482 -12.08 42.46 -13.04
CA SER B 482 -11.19 41.96 -12.01
C SER B 482 -10.99 40.45 -12.19
N ILE B 483 -10.12 39.88 -11.37
CA ILE B 483 -9.73 38.47 -11.53
C ILE B 483 -10.82 37.51 -11.05
N THR B 484 -11.72 37.96 -10.17
CA THR B 484 -12.77 37.10 -9.65
C THR B 484 -14.13 37.41 -10.26
N ASP B 485 -14.16 37.74 -11.54
CA ASP B 485 -15.41 37.99 -12.25
C ASP B 485 -15.86 36.82 -13.11
N LEU B 486 -15.08 35.74 -13.14
CA LEU B 486 -15.40 34.59 -13.98
C LEU B 486 -16.57 33.82 -13.38
N ARG B 487 -17.51 33.40 -14.23
CA ARG B 487 -18.73 32.79 -13.74
C ARG B 487 -18.65 31.27 -13.81
N GLY B 488 -19.53 30.62 -13.05
CA GLY B 488 -19.64 29.18 -13.03
C GLY B 488 -19.11 28.56 -11.75
N SER B 489 -17.95 29.02 -11.31
CA SER B 489 -17.31 28.59 -10.06
C SER B 489 -16.16 29.54 -9.77
N GLY B 490 -15.38 29.23 -8.73
CA GLY B 490 -14.09 29.83 -8.52
C GLY B 490 -12.94 28.93 -8.90
N ALA B 491 -13.18 27.87 -9.67
CA ALA B 491 -12.13 26.96 -10.08
C ALA B 491 -11.53 27.31 -11.43
N LEU B 492 -12.13 28.24 -12.17
CA LEU B 492 -11.61 28.58 -13.49
C LEU B 492 -10.32 29.39 -13.42
N ARG B 493 -10.11 30.13 -12.33
CA ARG B 493 -8.91 30.94 -12.19
C ARG B 493 -7.81 30.25 -11.40
N GLN B 494 -8.04 29.02 -10.94
CA GLN B 494 -7.01 28.27 -10.23
C GLN B 494 -6.31 27.25 -11.11
N LEU B 495 -6.94 26.80 -12.18
CA LEU B 495 -6.35 25.84 -13.10
C LEU B 495 -6.00 26.44 -14.45
N SER B 496 -6.18 27.74 -14.63
CA SER B 496 -5.80 28.42 -15.86
C SER B 496 -4.40 28.98 -15.71
N ASP B 497 -3.55 28.72 -16.69
CA ASP B 497 -2.15 29.14 -16.59
C ASP B 497 -1.92 30.53 -17.15
N THR B 498 -2.90 31.06 -17.90
CA THR B 498 -2.86 32.41 -18.43
C THR B 498 -4.30 32.86 -18.63
N ILE B 499 -4.63 34.05 -18.13
CA ILE B 499 -5.98 34.59 -18.24
C ILE B 499 -5.90 35.93 -18.97
N ILE B 500 -6.57 36.02 -20.12
CA ILE B 500 -6.57 37.21 -20.96
C ILE B 500 -7.98 37.75 -21.01
N ALA B 501 -8.13 39.07 -20.84
CA ALA B 501 -9.43 39.71 -20.88
C ALA B 501 -9.41 40.85 -21.89
N LEU B 502 -10.53 41.03 -22.58
CA LEU B 502 -10.70 42.08 -23.56
C LEU B 502 -11.73 43.09 -23.08
N GLU B 503 -11.48 44.38 -23.33
CA GLU B 503 -12.37 45.45 -22.89
C GLU B 503 -12.58 46.44 -24.01
N ARG B 504 -13.84 46.81 -24.27
CA ARG B 504 -14.13 47.89 -25.20
C ARG B 504 -15.43 48.57 -24.80
N ASN B 505 -15.63 49.76 -25.33
CA ASN B 505 -16.76 50.63 -24.98
C ASN B 505 -17.58 50.86 -26.24
N GLN B 506 -18.64 50.07 -26.42
CA GLN B 506 -19.43 50.14 -27.65
C GLN B 506 -20.30 51.39 -27.71
N GLN B 507 -20.63 52.00 -26.56
CA GLN B 507 -21.46 53.20 -26.54
C GLN B 507 -20.70 54.41 -26.04
N GLY B 508 -19.36 54.38 -26.10
CA GLY B 508 -18.55 55.52 -25.76
C GLY B 508 -18.25 56.38 -26.97
N ASP B 509 -17.04 56.95 -26.98
CA ASP B 509 -16.64 57.79 -28.11
C ASP B 509 -15.96 56.96 -29.19
N MET B 510 -15.07 56.05 -28.81
CA MET B 510 -14.31 55.23 -29.75
C MET B 510 -14.70 53.76 -29.59
N PRO B 511 -15.67 53.27 -30.36
CA PRO B 511 -16.13 51.88 -30.19
C PRO B 511 -15.29 50.83 -30.89
N ASN B 512 -14.07 51.14 -31.31
CA ASN B 512 -13.24 50.17 -32.03
C ASN B 512 -11.82 50.14 -31.48
N LEU B 513 -11.62 50.61 -30.25
CA LEU B 513 -10.31 50.58 -29.60
C LEU B 513 -10.43 49.68 -28.37
N VAL B 514 -9.79 48.52 -28.43
CA VAL B 514 -9.90 47.53 -27.38
C VAL B 514 -8.67 47.61 -26.48
N LEU B 515 -8.85 47.16 -25.24
CA LEU B 515 -7.79 47.08 -24.25
C LEU B 515 -7.61 45.63 -23.87
N VAL B 516 -6.36 45.17 -23.84
CA VAL B 516 -6.02 43.80 -23.49
C VAL B 516 -5.43 43.79 -22.09
N ARG B 517 -5.98 42.96 -21.22
CA ARG B 517 -5.58 42.92 -19.82
C ARG B 517 -5.18 41.50 -19.46
N ILE B 518 -3.91 41.31 -19.09
CA ILE B 518 -3.44 40.03 -18.57
C ILE B 518 -3.74 40.00 -17.09
N LEU B 519 -4.61 39.08 -16.68
CA LEU B 519 -4.97 38.99 -15.26
C LEU B 519 -4.08 38.04 -14.49
N LYS B 520 -3.59 36.96 -15.13
CA LYS B 520 -2.79 35.96 -14.46
C LYS B 520 -1.75 35.44 -15.44
N CYS B 521 -0.52 35.26 -14.97
CA CYS B 521 0.54 34.64 -15.76
C CYS B 521 1.41 33.85 -14.78
N ARG B 522 1.26 32.52 -14.81
CA ARG B 522 1.98 31.62 -13.87
C ARG B 522 3.45 31.44 -14.28
N PHE B 523 3.83 31.81 -15.50
CA PHE B 523 5.21 31.64 -15.94
C PHE B 523 6.08 32.82 -15.56
N THR B 524 5.70 34.03 -15.98
CA THR B 524 6.50 35.22 -15.69
C THR B 524 6.04 35.92 -14.42
N GLY B 525 4.76 36.22 -14.32
CA GLY B 525 4.24 36.96 -13.18
C GLY B 525 3.97 38.43 -13.43
N ASP B 526 3.96 38.86 -14.68
CA ASP B 526 3.68 40.25 -15.02
C ASP B 526 2.23 40.35 -15.49
N THR B 527 1.43 41.13 -14.77
CA THR B 527 0.03 41.34 -15.09
C THR B 527 -0.22 42.80 -15.40
N GLY B 528 -1.41 43.09 -15.93
CA GLY B 528 -1.81 44.46 -16.18
C GLY B 528 -2.18 44.65 -17.63
N ILE B 529 -2.16 45.92 -18.06
CA ILE B 529 -2.55 46.27 -19.43
C ILE B 529 -1.39 45.93 -20.37
N ALA B 530 -1.68 45.14 -21.39
CA ALA B 530 -0.64 44.75 -22.36
C ALA B 530 -0.44 45.84 -23.40
N GLY B 531 -1.49 46.19 -24.13
CA GLY B 531 -1.37 47.20 -25.16
C GLY B 531 -2.73 47.65 -25.65
N TYR B 532 -2.73 48.34 -26.78
CA TYR B 532 -3.95 48.82 -27.40
C TYR B 532 -4.01 48.38 -28.85
N MET B 533 -5.19 47.92 -29.26
CA MET B 533 -5.42 47.51 -30.64
C MET B 533 -6.68 48.18 -31.16
N GLU B 534 -6.65 48.55 -32.44
CA GLU B 534 -7.75 49.22 -33.12
C GLU B 534 -8.44 48.23 -34.04
N TYR B 535 -9.76 48.17 -33.97
CA TYR B 535 -10.54 47.26 -34.80
C TYR B 535 -10.94 47.95 -36.10
N ASN B 536 -10.85 47.21 -37.20
CA ASN B 536 -11.16 47.74 -38.53
C ASN B 536 -12.59 47.35 -38.87
N LYS B 537 -13.38 48.33 -39.31
CA LYS B 537 -14.75 48.09 -39.71
C LYS B 537 -14.88 47.56 -41.14
N GLU B 538 -13.81 47.63 -41.94
CA GLU B 538 -13.87 47.24 -43.33
C GLU B 538 -13.16 45.92 -43.63
N THR B 539 -12.04 45.63 -42.97
CA THR B 539 -11.28 44.44 -43.26
C THR B 539 -11.39 43.36 -42.19
N GLY B 540 -12.00 43.66 -41.04
CA GLY B 540 -12.07 42.70 -39.96
C GLY B 540 -10.77 42.44 -39.23
N TRP B 541 -9.74 43.24 -39.48
CA TRP B 541 -8.43 43.07 -38.88
C TRP B 541 -8.27 44.04 -37.71
N LEU B 542 -8.31 43.52 -36.49
CA LEU B 542 -7.83 44.31 -35.37
C LEU B 542 -6.31 44.31 -35.39
N GLU B 543 -5.74 45.50 -35.31
CA GLU B 543 -4.36 45.79 -35.64
C GLU B 543 -3.74 46.64 -34.54
N PRO B 544 -2.39 46.63 -34.40
CA PRO B 544 -1.78 47.43 -33.32
C PRO B 544 -1.91 48.93 -33.52
N SER B 545 -2.61 49.59 -32.58
CA SER B 545 -2.89 51.01 -32.66
C SER B 545 -1.73 51.80 -32.06
N SER B 546 -1.95 53.10 -31.85
CA SER B 546 -0.90 53.98 -31.34
C SER B 546 -1.43 54.91 -30.25
N TYR B 547 -2.51 54.52 -29.58
CA TYR B 547 -3.07 55.35 -28.52
C TYR B 547 -2.45 55.00 -27.17
N SER B 548 -2.27 56.02 -26.34
CA SER B 548 -1.82 55.86 -24.97
C SER B 548 -2.90 56.38 -24.04
N GLY B 549 -3.20 55.61 -22.99
CA GLY B 549 -4.23 55.98 -22.04
C GLY B 549 -3.73 56.93 -20.95
N THR C 65 -17.75 -39.07 9.18
CA THR C 65 -18.94 -38.79 8.39
C THR C 65 -20.06 -39.76 8.76
N TYR C 66 -19.69 -41.03 8.96
CA TYR C 66 -20.69 -42.07 9.19
C TYR C 66 -21.25 -42.00 10.61
N ASN C 67 -20.39 -42.24 11.60
CA ASN C 67 -20.82 -42.35 12.99
C ASN C 67 -19.57 -42.22 13.86
N VAL C 68 -19.74 -42.37 15.17
CA VAL C 68 -18.62 -42.45 16.10
C VAL C 68 -17.87 -43.74 15.83
N TRP C 69 -16.58 -43.63 15.56
CA TRP C 69 -15.74 -44.80 15.29
C TRP C 69 -15.40 -45.48 16.61
N ASN C 70 -15.75 -46.76 16.72
CA ASN C 70 -15.36 -47.54 17.88
C ASN C 70 -13.91 -47.99 17.71
N PHE C 71 -13.23 -48.17 18.84
CA PHE C 71 -11.82 -48.57 18.78
C PHE C 71 -11.63 -50.02 18.36
N GLY C 72 -12.62 -50.87 18.58
CA GLY C 72 -12.52 -52.26 18.17
C GLY C 72 -12.67 -52.44 16.68
N GLU C 73 -13.61 -51.71 16.08
CA GLU C 73 -13.83 -51.75 14.64
C GLU C 73 -12.87 -50.87 13.86
N SER C 74 -11.94 -50.19 14.53
CA SER C 74 -10.95 -49.36 13.88
C SER C 74 -9.54 -49.63 14.41
N ASN C 75 -9.36 -50.70 15.18
CA ASN C 75 -8.07 -51.18 15.69
C ASN C 75 -7.37 -50.11 16.55
N GLY C 76 -8.09 -49.66 17.57
CA GLY C 76 -7.61 -48.58 18.41
C GLY C 76 -6.53 -49.02 19.37
N ARG C 77 -5.73 -48.04 19.82
CA ARG C 77 -4.61 -48.34 20.75
C ARG C 77 -4.18 -47.06 21.48
N TYR C 78 -4.14 -47.14 22.82
CA TYR C 78 -3.74 -46.04 23.68
C TYR C 78 -2.24 -46.17 23.96
N SER C 79 -1.45 -45.35 23.27
CA SER C 79 0.01 -45.39 23.38
C SER C 79 0.53 -43.99 23.67
N ALA C 80 1.85 -43.86 23.73
CA ALA C 80 2.49 -42.60 24.01
C ALA C 80 2.72 -41.81 22.73
N LEU C 81 3.31 -40.62 22.87
CA LEU C 81 3.65 -39.77 21.74
C LEU C 81 5.12 -39.38 21.89
N THR C 82 5.98 -39.99 21.08
CA THR C 82 7.42 -39.79 21.24
C THR C 82 7.86 -38.45 20.66
N ALA C 83 7.43 -38.13 19.44
CA ALA C 83 7.88 -36.93 18.77
C ALA C 83 7.21 -35.66 19.26
N ARG C 84 6.20 -35.81 20.13
CA ARG C 84 5.46 -34.64 20.67
C ARG C 84 5.87 -34.39 22.13
N GLY C 85 6.13 -35.46 22.88
CA GLY C 85 6.52 -35.35 24.27
C GLY C 85 5.39 -35.61 25.25
N ILE C 86 4.54 -36.59 24.95
CA ILE C 86 3.42 -36.95 25.81
C ILE C 86 3.48 -38.46 26.04
N SER C 87 3.47 -38.87 27.31
CA SER C 87 3.51 -40.28 27.67
C SER C 87 2.14 -40.93 27.44
N LYS C 88 2.07 -42.24 27.67
CA LYS C 88 0.84 -42.97 27.41
C LYS C 88 -0.17 -42.84 28.54
N GLU C 89 0.28 -42.48 29.74
CA GLU C 89 -0.63 -42.37 30.88
C GLU C 89 -1.59 -41.19 30.71
N THR C 90 -1.09 -40.07 30.19
CA THR C 90 -1.95 -38.91 29.98
C THR C 90 -2.92 -39.14 28.83
N CYS C 91 -2.49 -39.87 27.80
CA CYS C 91 -3.39 -40.22 26.71
C CYS C 91 -4.43 -41.25 27.14
N GLN C 92 -4.07 -42.12 28.08
CA GLN C 92 -5.05 -43.03 28.67
C GLN C 92 -6.06 -42.26 29.53
N LYS C 93 -5.58 -41.23 30.22
CA LYS C 93 -6.45 -40.41 31.06
C LYS C 93 -7.44 -39.61 30.22
N ALA C 94 -6.96 -38.95 29.17
CA ALA C 94 -7.83 -38.07 28.39
C ALA C 94 -8.70 -38.87 27.42
N GLY C 95 -8.09 -39.67 26.56
CA GLY C 95 -8.84 -40.39 25.55
C GLY C 95 -8.39 -40.07 24.14
N TYR C 96 -7.13 -39.72 23.99
CA TYR C 96 -6.54 -39.46 22.67
C TYR C 96 -5.85 -40.74 22.20
N TRP C 97 -6.28 -41.26 21.06
CA TRP C 97 -5.78 -42.56 20.62
C TRP C 97 -5.64 -42.58 19.11
N ILE C 98 -5.25 -43.74 18.57
CA ILE C 98 -4.88 -43.88 17.16
C ILE C 98 -5.64 -45.08 16.58
N ALA C 99 -6.30 -44.86 15.45
CA ALA C 99 -7.01 -45.91 14.74
C ALA C 99 -6.26 -46.28 13.47
N LYS C 100 -6.56 -47.47 12.95
CA LYS C 100 -6.00 -47.97 11.70
C LYS C 100 -7.16 -48.26 10.75
N VAL C 101 -7.54 -47.23 9.98
CA VAL C 101 -8.50 -47.39 8.90
C VAL C 101 -7.86 -46.87 7.61
N ASP C 102 -8.28 -47.46 6.49
CA ASP C 102 -7.84 -47.11 5.14
C ASP C 102 -6.32 -47.27 4.95
N GLY C 103 -5.70 -48.15 5.72
CA GLY C 103 -4.25 -48.35 5.63
C GLY C 103 -3.38 -47.39 6.42
N VAL C 104 -3.66 -46.08 6.33
CA VAL C 104 -2.83 -45.08 6.98
C VAL C 104 -3.33 -44.87 8.41
N MET C 105 -2.39 -44.82 9.35
CA MET C 105 -2.73 -44.62 10.76
C MET C 105 -3.28 -43.21 10.97
N TYR C 106 -4.47 -43.13 11.57
CA TYR C 106 -5.14 -41.84 11.78
C TYR C 106 -5.28 -41.59 13.27
N GLN C 107 -4.84 -40.42 13.73
CA GLN C 107 -5.01 -40.07 15.13
C GLN C 107 -6.41 -39.52 15.35
N VAL C 108 -6.94 -39.73 16.55
CA VAL C 108 -8.32 -39.35 16.84
C VAL C 108 -8.42 -38.91 18.30
N ALA C 109 -9.14 -37.80 18.48
CA ALA C 109 -9.47 -37.24 19.77
C ALA C 109 -10.97 -37.37 20.02
N ASP C 110 -11.34 -37.51 21.29
CA ASP C 110 -12.71 -37.81 21.69
C ASP C 110 -13.33 -36.61 22.38
N TYR C 111 -14.54 -36.23 21.96
CA TYR C 111 -15.30 -35.20 22.65
C TYR C 111 -16.39 -35.83 23.50
N ARG C 112 -16.50 -35.38 24.74
CA ARG C 112 -17.53 -35.84 25.65
C ARG C 112 -18.41 -34.67 26.06
N ASP C 113 -19.57 -34.99 26.62
CA ASP C 113 -20.47 -33.98 27.16
C ASP C 113 -20.11 -33.71 28.61
N GLN C 114 -20.99 -33.00 29.32
CA GLN C 114 -20.79 -32.76 30.74
C GLN C 114 -21.00 -34.03 31.56
N ASN C 115 -21.88 -34.91 31.09
CA ASN C 115 -22.15 -36.15 31.79
C ASN C 115 -21.01 -37.15 31.61
N GLY C 116 -20.53 -37.32 30.39
CA GLY C 116 -19.46 -38.26 30.12
C GLY C 116 -19.71 -39.13 28.91
N ASN C 117 -20.79 -38.86 28.19
CA ASN C 117 -21.13 -39.65 27.01
C ASN C 117 -20.39 -39.12 25.77
N ILE C 118 -20.01 -40.04 24.89
CA ILE C 118 -19.28 -39.68 23.68
C ILE C 118 -20.23 -39.03 22.69
N VAL C 119 -19.85 -37.85 22.20
CA VAL C 119 -20.71 -37.08 21.31
C VAL C 119 -20.05 -36.92 19.93
N SER C 120 -18.72 -36.95 19.88
CA SER C 120 -18.04 -36.66 18.63
C SER C 120 -16.63 -37.23 18.63
N GLN C 121 -16.17 -37.59 17.43
CA GLN C 121 -14.77 -37.91 17.18
C GLN C 121 -14.16 -36.75 16.41
N LYS C 122 -12.83 -36.66 16.47
CA LYS C 122 -12.09 -35.71 15.64
C LYS C 122 -10.86 -36.43 15.12
N VAL C 123 -10.79 -36.60 13.80
CA VAL C 123 -9.79 -37.45 13.16
C VAL C 123 -8.82 -36.57 12.40
N ARG C 124 -7.53 -36.76 12.69
CA ARG C 124 -6.42 -36.03 12.05
C ARG C 124 -5.51 -37.05 11.36
N ASP C 125 -5.00 -36.71 10.17
CA ASP C 125 -4.15 -37.59 9.39
C ASP C 125 -2.68 -37.28 9.66
N LYS C 126 -1.80 -37.85 8.84
CA LYS C 126 -0.37 -37.60 8.91
C LYS C 126 0.04 -36.30 8.21
N ASP C 127 -0.88 -35.61 7.56
CA ASP C 127 -0.56 -34.36 6.86
C ASP C 127 -1.36 -33.18 7.38
N LYS C 128 -1.86 -33.27 8.62
CA LYS C 128 -2.54 -32.21 9.36
C LYS C 128 -3.80 -31.74 8.61
N ASN C 129 -4.76 -32.66 8.53
CA ASN C 129 -6.10 -32.35 8.06
C ASN C 129 -7.10 -32.61 9.19
N PHE C 130 -8.30 -32.04 9.04
CA PHE C 130 -9.34 -32.15 10.05
C PHE C 130 -10.53 -32.93 9.49
N LYS C 131 -11.23 -33.66 10.37
CA LYS C 131 -12.36 -34.47 9.94
C LYS C 131 -13.29 -34.66 11.14
N THR C 132 -14.48 -34.07 11.06
CA THR C 132 -15.52 -34.26 12.08
C THR C 132 -16.46 -35.36 11.63
N THR C 133 -16.72 -36.32 12.52
CA THR C 133 -17.52 -37.49 12.17
C THR C 133 -19.03 -37.23 12.23
N GLY C 134 -19.47 -36.09 12.77
CA GLY C 134 -20.89 -35.86 12.93
C GLY C 134 -21.25 -34.47 13.39
N SER C 135 -22.19 -34.39 14.33
CA SER C 135 -22.69 -33.10 14.82
C SER C 135 -21.65 -32.45 15.69
N HIS C 136 -21.14 -31.30 15.25
CA HIS C 136 -20.10 -30.57 15.98
C HIS C 136 -20.73 -29.35 16.62
N LYS C 137 -20.85 -29.37 17.95
CA LYS C 137 -21.48 -28.29 18.69
C LYS C 137 -20.47 -27.20 19.02
N SER C 138 -20.95 -26.15 19.68
CA SER C 138 -20.09 -25.08 20.18
C SER C 138 -19.88 -25.14 21.69
N ASP C 139 -20.69 -25.89 22.42
CA ASP C 139 -20.54 -26.04 23.86
C ASP C 139 -19.83 -27.34 24.25
N ALA C 140 -18.95 -27.84 23.38
CA ALA C 140 -18.20 -29.06 23.62
C ALA C 140 -16.72 -28.71 23.73
N LEU C 141 -16.11 -29.05 24.88
CA LEU C 141 -14.72 -28.77 25.13
C LEU C 141 -13.94 -30.07 25.27
N PHE C 142 -12.68 -30.03 24.83
CA PHE C 142 -11.82 -31.19 24.85
C PHE C 142 -11.06 -31.22 26.17
N GLY C 143 -11.57 -31.99 27.13
CA GLY C 143 -11.02 -32.03 28.47
C GLY C 143 -11.89 -31.43 29.54
N LYS C 144 -13.20 -31.33 29.32
CA LYS C 144 -14.12 -30.66 30.22
C LYS C 144 -14.78 -31.62 31.22
N HIS C 145 -15.09 -32.84 30.77
CA HIS C 145 -15.89 -33.79 31.54
C HIS C 145 -15.19 -34.28 32.81
N LEU C 146 -13.86 -34.26 32.83
CA LEU C 146 -13.13 -34.87 33.94
C LEU C 146 -13.24 -34.06 35.22
N TRP C 147 -13.45 -32.76 35.10
CA TRP C 147 -13.52 -31.86 36.24
C TRP C 147 -14.89 -31.21 36.31
N ASN C 148 -15.37 -30.98 37.53
CA ASN C 148 -16.70 -30.34 37.73
C ASN C 148 -16.57 -29.27 38.82
N GLY C 149 -15.47 -28.51 38.80
CA GLY C 149 -15.25 -27.47 39.79
C GLY C 149 -13.76 -27.22 39.96
N GLY C 150 -13.45 -26.54 41.07
CA GLY C 150 -12.07 -26.29 41.44
C GLY C 150 -11.85 -24.83 41.73
N LYS C 151 -10.57 -24.44 41.75
CA LYS C 151 -10.18 -23.08 42.06
C LYS C 151 -9.33 -22.42 40.98
N LYS C 152 -8.87 -23.16 39.97
CA LYS C 152 -7.97 -22.62 38.96
C LYS C 152 -8.04 -23.49 37.72
N ILE C 153 -8.41 -22.90 36.58
CA ILE C 153 -8.39 -23.62 35.31
C ILE C 153 -7.42 -22.95 34.38
N VAL C 154 -6.92 -23.71 33.41
CA VAL C 154 -6.02 -23.22 32.38
C VAL C 154 -6.64 -23.57 31.04
N VAL C 155 -6.92 -22.55 30.23
CA VAL C 155 -7.56 -22.73 28.93
C VAL C 155 -6.51 -22.62 27.85
N THR C 156 -6.43 -23.61 26.98
CA THR C 156 -5.44 -23.68 25.93
C THR C 156 -6.03 -23.24 24.60
N GLU C 157 -5.26 -23.41 23.52
CA GLU C 157 -5.66 -23.02 22.17
C GLU C 157 -5.91 -24.23 21.27
N GLY C 158 -4.94 -25.14 21.16
CA GLY C 158 -5.10 -26.32 20.35
C GLY C 158 -5.68 -27.49 21.13
N GLU C 159 -5.17 -28.69 20.89
CA GLU C 159 -5.59 -29.87 21.62
C GLU C 159 -4.46 -30.67 22.23
N ILE C 160 -3.26 -30.62 21.65
CA ILE C 160 -2.10 -31.27 22.26
C ILE C 160 -1.60 -30.53 23.48
N ASP C 161 -1.94 -29.23 23.59
CA ASP C 161 -1.52 -28.44 24.74
C ASP C 161 -2.17 -28.91 26.04
N MET C 162 -3.37 -29.48 25.95
CA MET C 162 -4.02 -30.04 27.14
C MET C 162 -3.28 -31.25 27.67
N LEU C 163 -2.84 -32.14 26.75
CA LEU C 163 -2.01 -33.27 27.14
C LEU C 163 -0.65 -32.81 27.65
N THR C 164 -0.12 -31.72 27.09
CA THR C 164 1.16 -31.17 27.52
C THR C 164 1.09 -30.64 28.94
N VAL C 165 0.00 -29.94 29.27
CA VAL C 165 -0.12 -29.39 30.63
C VAL C 165 -0.47 -30.50 31.63
N MET C 166 -1.33 -31.45 31.28
CA MET C 166 -1.65 -32.51 32.23
C MET C 166 -0.53 -33.54 32.36
N GLU C 167 0.44 -33.52 31.44
CA GLU C 167 1.60 -34.39 31.59
C GLU C 167 2.50 -33.95 32.73
N LEU C 168 2.64 -32.65 32.94
CA LEU C 168 3.64 -32.10 33.85
C LEU C 168 3.09 -31.78 35.24
N GLN C 169 1.86 -32.18 35.55
CA GLN C 169 1.27 -31.90 36.85
C GLN C 169 0.67 -33.12 37.52
N ASP C 170 0.64 -34.27 36.86
CA ASP C 170 0.06 -35.52 37.34
C ASP C 170 -1.41 -35.36 37.74
N CYS C 171 -2.16 -34.65 36.88
CA CYS C 171 -3.63 -34.54 36.92
C CYS C 171 -4.10 -33.89 38.22
N LYS C 172 -3.55 -32.72 38.54
CA LYS C 172 -3.86 -32.03 39.78
C LYS C 172 -4.69 -30.77 39.57
N TYR C 173 -4.51 -30.09 38.43
CA TYR C 173 -5.30 -28.90 38.16
C TYR C 173 -6.21 -29.12 36.96
N PRO C 174 -7.42 -28.57 36.99
CA PRO C 174 -8.37 -28.74 35.87
C PRO C 174 -7.90 -27.99 34.63
N VAL C 175 -7.78 -28.71 33.52
CA VAL C 175 -7.33 -28.14 32.25
C VAL C 175 -8.36 -28.48 31.18
N VAL C 176 -8.84 -27.47 30.48
CA VAL C 176 -9.76 -27.64 29.37
C VAL C 176 -9.12 -27.10 28.10
N SER C 177 -9.73 -27.45 26.96
CA SER C 177 -9.25 -27.03 25.62
C SER C 177 -10.44 -26.57 24.79
N LEU C 178 -10.18 -25.73 23.78
CA LEU C 178 -11.21 -25.20 22.91
C LEU C 178 -11.43 -26.14 21.73
N GLY C 179 -12.67 -26.14 21.22
CA GLY C 179 -13.06 -27.00 20.14
C GLY C 179 -12.88 -26.43 18.75
N HIS C 180 -12.64 -25.13 18.64
CA HIS C 180 -12.40 -24.48 17.36
C HIS C 180 -11.02 -23.84 17.27
N GLY C 181 -10.46 -23.42 18.41
CA GLY C 181 -9.15 -22.80 18.41
C GLY C 181 -9.21 -21.31 18.64
N ALA C 182 -8.57 -20.53 17.77
CA ALA C 182 -8.52 -19.09 17.88
C ALA C 182 -9.38 -18.39 16.85
N SER C 183 -9.93 -19.12 15.88
CA SER C 183 -10.71 -18.50 14.82
C SER C 183 -12.15 -18.23 15.25
N ALA C 184 -12.75 -19.17 15.98
CA ALA C 184 -14.13 -19.08 16.44
C ALA C 184 -14.19 -19.26 17.95
N ALA C 185 -13.32 -18.56 18.66
CA ALA C 185 -13.26 -18.69 20.11
C ALA C 185 -14.37 -17.90 20.80
N LYS C 186 -14.81 -16.78 20.20
CA LYS C 186 -15.84 -15.97 20.84
C LYS C 186 -17.19 -16.68 20.84
N LYS C 187 -17.48 -17.45 19.80
CA LYS C 187 -18.73 -18.20 19.72
C LYS C 187 -18.77 -19.31 20.77
N THR C 188 -17.66 -20.03 20.95
CA THR C 188 -17.62 -21.11 21.93
C THR C 188 -17.37 -20.61 23.35
N CYS C 189 -17.02 -19.33 23.52
CA CYS C 189 -16.95 -18.76 24.87
C CYS C 189 -18.23 -18.05 25.28
N ALA C 190 -19.02 -17.55 24.33
CA ALA C 190 -20.28 -16.90 24.69
C ALA C 190 -21.31 -17.91 25.17
N ALA C 191 -21.34 -19.10 24.57
CA ALA C 191 -22.27 -20.14 24.98
C ALA C 191 -21.79 -20.92 26.20
N ASN C 192 -20.52 -20.71 26.58
CA ASN C 192 -19.92 -21.43 27.73
C ASN C 192 -19.74 -20.48 28.93
N TYR C 193 -20.61 -19.48 29.07
CA TYR C 193 -20.52 -18.55 30.19
C TYR C 193 -20.89 -19.22 31.50
N GLU C 194 -21.83 -20.16 31.47
CA GLU C 194 -22.36 -20.76 32.68
C GLU C 194 -21.45 -21.83 33.26
N TYR C 195 -20.53 -22.40 32.47
CA TYR C 195 -19.62 -23.40 32.99
C TYR C 195 -18.49 -22.78 33.79
N PHE C 196 -18.09 -21.56 33.46
CA PHE C 196 -16.96 -20.90 34.09
C PHE C 196 -17.35 -20.11 35.33
N ASP C 197 -18.63 -20.12 35.70
CA ASP C 197 -19.11 -19.43 36.88
C ASP C 197 -18.76 -20.16 38.16
N GLN C 198 -18.57 -21.48 38.10
CA GLN C 198 -18.25 -22.29 39.27
C GLN C 198 -16.77 -22.30 39.58
N PHE C 199 -15.98 -21.45 38.93
CA PHE C 199 -14.53 -21.45 39.03
C PHE C 199 -14.07 -20.20 39.78
N GLU C 200 -12.79 -20.17 40.09
CA GLU C 200 -12.28 -19.07 40.90
C GLU C 200 -11.20 -18.25 40.19
N GLN C 201 -10.31 -18.90 39.45
CA GLN C 201 -9.35 -18.20 38.61
C GLN C 201 -9.26 -18.88 37.26
N ILE C 202 -9.08 -18.08 36.20
CA ILE C 202 -8.98 -18.56 34.84
C ILE C 202 -7.67 -18.06 34.26
N ILE C 203 -6.86 -18.96 33.72
CA ILE C 203 -5.58 -18.62 33.12
C ILE C 203 -5.66 -18.94 31.63
N LEU C 204 -5.67 -17.92 30.79
CA LEU C 204 -5.68 -18.15 29.35
C LEU C 204 -4.26 -18.38 28.86
N MET C 205 -4.07 -19.46 28.09
CA MET C 205 -2.77 -19.87 27.58
C MET C 205 -2.89 -20.06 26.08
N PHE C 206 -2.70 -18.99 25.32
CA PHE C 206 -2.82 -19.02 23.87
C PHE C 206 -1.44 -18.91 23.22
N ASP C 207 -1.46 -18.84 21.89
CA ASP C 207 -0.22 -18.75 21.13
C ASP C 207 0.41 -17.38 21.27
N MET C 208 1.71 -17.31 21.03
CA MET C 208 2.43 -16.04 20.97
C MET C 208 2.56 -15.59 19.51
N ASP C 209 1.41 -15.37 18.89
CA ASP C 209 1.30 -14.95 17.50
C ASP C 209 0.34 -13.77 17.43
N GLU C 210 0.11 -13.26 16.22
CA GLU C 210 -0.85 -12.17 16.05
C GLU C 210 -2.27 -12.66 16.25
N ALA C 211 -2.60 -13.83 15.71
CA ALA C 211 -3.92 -14.42 15.92
C ALA C 211 -4.13 -14.82 17.38
N GLY C 212 -3.06 -15.24 18.06
CA GLY C 212 -3.18 -15.57 19.47
C GLY C 212 -3.45 -14.36 20.34
N ARG C 213 -2.75 -13.25 20.07
CA ARG C 213 -3.00 -12.03 20.85
C ARG C 213 -4.36 -11.45 20.52
N LYS C 214 -4.79 -11.56 19.26
CA LYS C 214 -6.13 -11.08 18.90
C LYS C 214 -7.21 -11.92 19.55
N ALA C 215 -7.00 -13.24 19.65
CA ALA C 215 -7.98 -14.11 20.27
C ALA C 215 -8.04 -13.91 21.78
N VAL C 216 -6.89 -13.72 22.42
CA VAL C 216 -6.91 -13.48 23.86
C VAL C 216 -7.39 -12.07 24.18
N GLU C 217 -7.32 -11.14 23.23
CA GLU C 217 -7.87 -9.81 23.46
C GLU C 217 -9.39 -9.81 23.27
N GLU C 218 -9.89 -10.50 22.25
CA GLU C 218 -11.30 -10.47 21.94
C GLU C 218 -12.12 -11.52 22.69
N ALA C 219 -11.47 -12.50 23.31
CA ALA C 219 -12.19 -13.55 24.02
C ALA C 219 -12.35 -13.28 25.50
N ALA C 220 -11.69 -12.25 26.04
CA ALA C 220 -11.81 -11.91 27.45
C ALA C 220 -12.97 -10.97 27.73
N GLN C 221 -13.78 -10.66 26.72
CA GLN C 221 -14.90 -9.73 26.90
C GLN C 221 -16.15 -10.44 27.40
N VAL C 222 -16.46 -11.62 26.86
CA VAL C 222 -17.66 -12.35 27.26
C VAL C 222 -17.46 -13.14 28.55
N LEU C 223 -16.22 -13.27 29.02
CA LEU C 223 -15.93 -13.97 30.25
C LEU C 223 -16.18 -13.07 31.45
N PRO C 224 -16.38 -13.63 32.64
CA PRO C 224 -16.49 -12.79 33.84
C PRO C 224 -15.18 -12.10 34.16
N ALA C 225 -15.30 -10.82 34.53
CA ALA C 225 -14.13 -10.00 34.84
C ALA C 225 -13.62 -10.31 36.25
N GLY C 226 -12.35 -9.99 36.47
CA GLY C 226 -11.71 -10.25 37.75
C GLY C 226 -11.10 -11.62 37.89
N LYS C 227 -11.39 -12.54 36.97
CA LYS C 227 -10.86 -13.89 37.03
C LYS C 227 -9.96 -14.26 35.86
N VAL C 228 -9.99 -13.51 34.78
CA VAL C 228 -9.24 -13.83 33.56
C VAL C 228 -7.85 -13.23 33.68
N ARG C 229 -6.86 -14.14 33.65
CA ARG C 229 -5.42 -13.78 33.72
C ARG C 229 -4.75 -14.29 32.43
N VAL C 230 -3.78 -13.55 31.92
CA VAL C 230 -3.10 -13.92 30.68
C VAL C 230 -1.62 -14.15 30.98
N ALA C 231 -1.09 -15.27 30.50
CA ALA C 231 0.31 -15.61 30.67
C ALA C 231 1.07 -15.45 29.37
N VAL C 232 2.37 -15.18 29.48
CA VAL C 232 3.24 -15.04 28.33
C VAL C 232 4.20 -16.23 28.29
N LEU C 233 4.71 -16.51 27.09
CA LEU C 233 5.60 -17.64 26.87
C LEU C 233 6.74 -17.22 25.94
N PRO C 234 7.94 -17.75 26.14
CA PRO C 234 9.03 -17.53 25.16
C PRO C 234 8.94 -18.45 23.95
N CYS C 235 8.11 -19.48 23.99
CA CYS C 235 7.97 -20.41 22.87
C CYS C 235 6.83 -19.95 21.96
N LYS C 236 6.42 -20.83 21.04
CA LYS C 236 5.20 -20.59 20.29
C LYS C 236 3.98 -20.87 21.16
N ASP C 237 3.93 -22.05 21.77
CA ASP C 237 2.97 -22.37 22.82
C ASP C 237 3.65 -23.34 23.78
N ALA C 238 2.85 -24.07 24.56
CA ALA C 238 3.39 -24.89 25.64
C ALA C 238 4.21 -26.08 25.16
N ASN C 239 4.02 -26.53 23.91
CA ASN C 239 4.66 -27.76 23.48
C ASN C 239 6.14 -27.58 23.19
N GLU C 240 6.53 -26.45 22.57
CA GLU C 240 7.95 -26.20 22.37
C GLU C 240 8.67 -25.93 23.68
N CYS C 241 7.99 -25.32 24.65
CA CYS C 241 8.59 -25.20 25.97
C CYS C 241 8.62 -26.53 26.71
N HIS C 242 7.79 -27.50 26.32
CA HIS C 242 7.94 -28.84 26.88
C HIS C 242 9.10 -29.59 26.23
N LEU C 243 9.32 -29.38 24.93
CA LEU C 243 10.37 -30.09 24.23
C LEU C 243 11.76 -29.54 24.56
N ASN C 244 11.90 -28.22 24.61
CA ASN C 244 13.21 -27.59 24.79
C ASN C 244 13.62 -27.47 26.25
N GLY C 245 13.06 -28.27 27.15
CA GLY C 245 13.48 -28.27 28.54
C GLY C 245 13.04 -27.08 29.35
N HIS C 246 12.08 -26.31 28.86
CA HIS C 246 11.59 -25.14 29.59
C HIS C 246 10.36 -25.51 30.42
N ASP C 247 10.55 -26.50 31.29
CA ASP C 247 9.50 -26.95 32.19
C ASP C 247 9.46 -26.16 33.49
N ARG C 248 10.38 -25.22 33.68
CA ARG C 248 10.39 -24.37 34.85
C ARG C 248 9.65 -23.06 34.65
N GLU C 249 9.41 -22.67 33.40
CA GLU C 249 8.73 -21.40 33.13
C GLU C 249 7.22 -21.58 33.06
N ILE C 250 6.75 -22.70 32.51
CA ILE C 250 5.31 -22.88 32.33
C ILE C 250 4.64 -23.20 33.66
N MET C 251 5.38 -23.75 34.62
CA MET C 251 4.82 -24.01 35.93
C MET C 251 4.73 -22.74 36.79
N GLU C 252 5.45 -21.69 36.42
CA GLU C 252 5.30 -20.41 37.10
C GLU C 252 4.23 -19.53 36.47
N GLN C 253 4.01 -19.66 35.16
CA GLN C 253 2.99 -18.86 34.49
C GLN C 253 1.58 -19.33 34.81
N VAL C 254 1.42 -20.56 35.30
CA VAL C 254 0.11 -21.02 35.74
C VAL C 254 -0.20 -20.46 37.12
N TRP C 255 0.75 -20.56 38.05
CA TRP C 255 0.50 -20.12 39.42
C TRP C 255 0.58 -18.61 39.56
N ASN C 256 1.45 -17.97 38.79
CA ASN C 256 1.62 -16.51 38.84
C ASN C 256 1.57 -15.98 37.42
N ALA C 257 0.41 -15.46 37.02
CA ALA C 257 0.20 -15.01 35.65
C ALA C 257 0.05 -13.50 35.66
N GLY C 258 -0.10 -12.93 34.47
CA GLY C 258 -0.27 -11.50 34.32
C GLY C 258 -1.71 -11.08 34.53
N PRO C 259 -1.91 -9.98 35.25
CA PRO C 259 -3.28 -9.49 35.49
C PRO C 259 -3.88 -8.78 34.28
N TRP C 260 -5.04 -8.15 34.50
CA TRP C 260 -5.73 -7.41 33.47
C TRP C 260 -4.91 -6.23 32.95
N ILE C 261 -4.63 -6.22 31.65
CA ILE C 261 -4.14 -5.03 30.96
C ILE C 261 -4.60 -5.09 29.50
N PRO C 262 -5.78 -4.55 29.20
CA PRO C 262 -6.22 -4.49 27.81
C PRO C 262 -5.49 -3.39 27.06
N ASP C 263 -5.31 -3.61 25.76
CA ASP C 263 -4.61 -2.65 24.92
C ASP C 263 -5.48 -1.43 24.67
N GLY C 264 -4.90 -0.26 24.87
CA GLY C 264 -5.64 0.98 24.73
C GLY C 264 -5.57 1.84 25.97
N VAL C 265 -5.62 1.21 27.14
CA VAL C 265 -5.52 1.92 28.40
C VAL C 265 -4.10 1.80 28.93
N VAL C 266 -3.55 2.91 29.43
CA VAL C 266 -2.20 2.97 29.96
C VAL C 266 -2.28 3.66 31.32
N SER C 267 -1.75 3.00 32.34
CA SER C 267 -1.69 3.60 33.66
C SER C 267 -0.69 4.74 33.69
N ALA C 268 -0.98 5.76 34.50
CA ALA C 268 -0.13 6.93 34.57
C ALA C 268 1.15 6.70 35.36
N LEU C 269 1.20 5.65 36.17
CA LEU C 269 2.41 5.36 36.95
C LEU C 269 3.45 4.61 36.15
N SER C 270 3.02 3.64 35.34
CA SER C 270 3.95 2.81 34.56
C SER C 270 4.25 3.42 33.19
N LEU C 271 4.70 4.68 33.20
CA LEU C 271 4.98 5.40 31.95
C LEU C 271 6.23 6.27 32.12
N ARG C 272 7.12 5.90 33.05
CA ARG C 272 8.25 6.76 33.38
C ARG C 272 9.33 6.73 32.29
N GLU C 273 9.57 5.56 31.70
CA GLU C 273 10.66 5.42 30.73
C GLU C 273 10.33 6.10 29.41
N ARG C 274 9.06 6.03 28.98
CA ARG C 274 8.66 6.63 27.71
C ARG C 274 8.67 8.15 27.80
N ILE C 275 8.27 8.71 28.93
CA ILE C 275 8.33 10.16 29.10
C ILE C 275 9.78 10.59 29.33
N ARG C 276 10.62 9.72 29.90
CA ARG C 276 12.04 10.04 30.04
C ARG C 276 12.72 10.13 28.67
N GLU C 277 12.48 9.14 27.81
CA GLU C 277 13.10 9.15 26.48
C GLU C 277 12.40 10.09 25.51
N HIS C 278 11.18 10.54 25.81
CA HIS C 278 10.43 11.32 24.84
C HIS C 278 10.88 12.77 24.80
N LEU C 279 11.30 13.31 25.94
CA LEU C 279 11.80 14.67 26.01
C LEU C 279 13.31 14.75 25.76
N SER C 280 13.93 13.66 25.32
CA SER C 280 15.34 13.63 25.00
C SER C 280 15.63 13.88 23.53
N SER C 281 14.85 13.30 22.63
CA SER C 281 15.05 13.48 21.20
C SER C 281 14.51 14.83 20.73
N SER C 284 10.71 15.03 16.77
CA SER C 284 11.84 15.73 17.34
C SER C 284 11.51 17.21 17.57
N VAL C 285 12.49 18.08 17.34
CA VAL C 285 12.33 19.51 17.56
C VAL C 285 13.35 20.23 16.68
N GLY C 286 12.99 21.45 16.24
CA GLY C 286 13.88 22.25 15.42
C GLY C 286 13.31 22.55 14.05
N LEU C 287 14.15 22.41 13.02
CA LEU C 287 13.78 22.54 11.60
C LEU C 287 13.21 23.93 11.31
N LEU C 288 14.11 24.92 11.40
CA LEU C 288 13.73 26.31 11.22
C LEU C 288 13.36 26.59 9.76
N PHE C 289 12.60 27.67 9.57
CA PHE C 289 12.15 28.09 8.25
C PHE C 289 13.22 28.94 7.58
N SER C 290 12.87 29.59 6.48
CA SER C 290 13.81 30.41 5.73
C SER C 290 13.06 31.55 5.07
N GLY C 291 13.80 32.60 4.72
CA GLY C 291 13.26 33.77 4.08
C GLY C 291 12.88 34.88 5.05
N CYS C 292 12.41 34.50 6.24
CA CYS C 292 11.99 35.50 7.25
C CYS C 292 12.41 35.05 8.65
N THR C 293 12.38 35.98 9.61
CA THR C 293 12.75 35.72 10.99
C THR C 293 11.53 35.59 11.89
N GLY C 294 10.51 36.42 11.65
CA GLY C 294 9.30 36.42 12.46
C GLY C 294 8.50 35.14 12.39
N ILE C 295 8.63 34.38 11.30
CA ILE C 295 7.97 33.07 11.20
C ILE C 295 8.54 32.11 12.25
N ASN C 296 9.87 32.09 12.40
CA ASN C 296 10.45 31.29 13.47
C ASN C 296 10.33 31.96 14.84
N ASP C 297 10.08 33.27 14.87
CA ASP C 297 9.82 33.93 16.14
C ASP C 297 8.46 33.55 16.70
N LYS C 298 7.49 33.30 15.83
CA LYS C 298 6.13 32.96 16.26
C LYS C 298 5.85 31.46 16.31
N THR C 299 6.24 30.71 15.29
CA THR C 299 5.88 29.30 15.20
C THR C 299 6.96 28.34 15.70
N LEU C 300 8.21 28.83 15.83
CA LEU C 300 9.36 28.06 16.32
C LEU C 300 9.62 26.82 15.45
N GLY C 301 9.51 26.99 14.14
CA GLY C 301 9.88 25.94 13.21
C GLY C 301 8.81 24.88 13.02
N ALA C 302 9.14 23.91 12.17
CA ALA C 302 8.25 22.80 11.84
C ALA C 302 8.71 21.56 12.59
N ARG C 303 7.74 20.77 13.05
CA ARG C 303 8.00 19.66 13.95
C ARG C 303 7.39 18.38 13.39
N GLY C 304 7.84 17.25 13.94
CA GLY C 304 7.32 15.97 13.51
C GLY C 304 5.90 15.76 14.03
N GLY C 305 5.03 15.27 13.17
CA GLY C 305 3.65 15.03 13.53
C GLY C 305 2.70 16.19 13.34
N GLU C 306 3.16 17.27 12.72
CA GLU C 306 2.32 18.44 12.51
C GLU C 306 1.94 18.58 11.04
N VAL C 307 0.94 19.43 10.81
CA VAL C 307 0.46 19.75 9.46
C VAL C 307 0.50 21.26 9.31
N ILE C 308 1.36 21.74 8.41
CA ILE C 308 1.50 23.16 8.13
C ILE C 308 0.82 23.41 6.79
N MET C 309 -0.14 24.32 6.76
CA MET C 309 -1.01 24.54 5.62
C MET C 309 -0.80 25.95 5.10
N VAL C 310 -0.28 26.07 3.88
CA VAL C 310 0.08 27.34 3.29
C VAL C 310 -0.99 27.71 2.27
N THR C 311 -1.53 28.92 2.39
CA THR C 311 -2.61 29.39 1.53
C THR C 311 -2.25 30.69 0.85
N SER C 312 -2.88 30.92 -0.31
CA SER C 312 -2.79 32.17 -1.06
C SER C 312 -3.99 32.24 -2.00
N GLY C 313 -3.99 33.23 -2.87
CA GLY C 313 -5.04 33.34 -3.87
C GLY C 313 -4.74 32.56 -5.12
N SER C 314 -4.96 33.16 -6.29
CA SER C 314 -4.61 32.53 -7.56
C SER C 314 -3.38 33.22 -8.14
N GLY C 315 -2.29 32.47 -8.27
CA GLY C 315 -1.06 33.02 -8.78
C GLY C 315 -0.40 34.01 -7.86
N MET C 316 -0.42 33.75 -6.56
CA MET C 316 0.08 34.68 -5.56
C MET C 316 1.38 34.21 -4.93
N GLY C 317 1.91 33.06 -5.35
CA GLY C 317 3.17 32.57 -4.82
C GLY C 317 3.00 31.62 -3.65
N LYS C 318 2.19 30.58 -3.86
CA LYS C 318 1.94 29.54 -2.81
C LYS C 318 2.84 28.32 -3.07
N SER C 319 3.44 28.24 -4.27
CA SER C 319 4.32 27.13 -4.61
C SER C 319 5.78 27.52 -4.62
N THR C 320 6.09 28.78 -4.93
CA THR C 320 7.46 29.27 -4.95
C THR C 320 8.07 29.27 -3.55
N PHE C 321 7.29 29.72 -2.56
CA PHE C 321 7.73 29.69 -1.16
C PHE C 321 7.99 28.27 -0.70
N VAL C 322 7.15 27.33 -1.13
CA VAL C 322 7.28 25.95 -0.68
C VAL C 322 8.49 25.28 -1.32
N ARG C 323 8.74 25.57 -2.61
CA ARG C 323 9.94 25.02 -3.24
C ARG C 323 11.21 25.65 -2.69
N GLN C 324 11.14 26.92 -2.28
CA GLN C 324 12.28 27.56 -1.62
C GLN C 324 12.57 26.93 -0.27
N GLN C 325 11.52 26.64 0.51
CA GLN C 325 11.70 25.93 1.78
C GLN C 325 12.22 24.52 1.57
N ALA C 326 11.78 23.87 0.48
CA ALA C 326 12.27 22.53 0.18
C ALA C 326 13.75 22.55 -0.20
N LEU C 327 14.18 23.59 -0.91
CA LEU C 327 15.60 23.74 -1.24
C LEU C 327 16.43 23.97 0.00
N GLN C 328 15.97 24.83 0.91
CA GLN C 328 16.72 25.09 2.14
C GLN C 328 16.72 23.88 3.08
N TRP C 329 15.67 23.06 3.05
CA TRP C 329 15.64 21.89 3.92
C TRP C 329 16.30 20.67 3.29
N GLY C 330 16.54 20.69 1.98
CA GLY C 330 17.25 19.59 1.37
C GLY C 330 18.74 19.84 1.24
N THR C 331 19.14 21.11 1.23
CA THR C 331 20.55 21.46 1.09
C THR C 331 21.22 21.77 2.42
N ALA C 332 20.68 22.73 3.18
CA ALA C 332 21.38 23.22 4.36
C ALA C 332 21.29 22.31 5.57
N MET C 333 20.34 21.37 5.61
CA MET C 333 20.14 20.55 6.79
C MET C 333 20.21 19.05 6.53
N GLY C 334 20.24 18.60 5.28
CA GLY C 334 20.46 17.20 5.00
C GLY C 334 19.30 16.27 5.30
N LYS C 335 18.06 16.73 5.09
CA LYS C 335 16.90 15.88 5.28
C LYS C 335 16.39 15.37 3.94
N LYS C 336 15.92 14.11 3.96
CA LYS C 336 15.31 13.46 2.77
C LYS C 336 13.97 14.15 2.54
N VAL C 337 13.76 14.69 1.34
CA VAL C 337 12.56 15.46 1.04
C VAL C 337 11.78 14.74 -0.04
N GLY C 338 10.49 14.51 0.21
CA GLY C 338 9.62 13.89 -0.78
C GLY C 338 8.56 14.83 -1.30
N LEU C 339 8.65 15.16 -2.58
CA LEU C 339 7.76 16.12 -3.22
C LEU C 339 6.66 15.36 -3.97
N ALA C 340 5.41 15.78 -3.79
CA ALA C 340 4.31 15.30 -4.60
C ALA C 340 3.73 16.51 -5.33
N MET C 341 4.34 16.84 -6.46
CA MET C 341 3.89 17.96 -7.28
C MET C 341 2.85 17.47 -8.27
N LEU C 342 1.67 18.08 -8.22
CA LEU C 342 0.57 17.72 -9.09
C LEU C 342 0.14 18.83 -10.03
N GLN C 343 0.77 20.00 -9.92
CA GLN C 343 0.47 21.15 -10.81
C GLN C 343 1.20 20.96 -12.15
N GLU C 344 2.39 20.35 -12.10
CA GLU C 344 3.21 20.07 -13.27
C GLU C 344 3.81 18.68 -13.17
N SER C 345 4.47 18.26 -14.24
CA SER C 345 5.06 16.94 -14.31
C SER C 345 6.39 16.92 -13.57
N VAL C 346 7.07 15.77 -13.56
CA VAL C 346 8.37 15.66 -12.91
C VAL C 346 9.49 16.27 -13.74
N GLU C 347 9.22 16.64 -14.98
CA GLU C 347 10.23 17.26 -15.83
C GLU C 347 10.52 18.69 -15.42
N GLU C 348 9.57 19.36 -14.76
CA GLU C 348 9.68 20.78 -14.45
C GLU C 348 10.10 21.04 -13.00
N THR C 349 9.53 20.30 -12.05
CA THR C 349 9.80 20.56 -10.63
C THR C 349 11.18 20.13 -10.19
N ALA C 350 11.89 19.32 -11.00
CA ALA C 350 13.30 19.05 -10.76
C ALA C 350 14.21 19.91 -11.62
N GLU C 351 13.64 20.75 -12.48
CA GLU C 351 14.40 21.57 -13.41
C GLU C 351 14.68 22.95 -12.85
N ASP C 352 13.70 23.56 -12.17
CA ASP C 352 13.87 24.93 -11.68
C ASP C 352 14.75 24.99 -10.44
N LEU C 353 14.93 23.86 -9.75
CA LEU C 353 15.80 23.82 -8.57
C LEU C 353 17.25 24.06 -8.92
N ILE C 354 17.65 23.66 -10.14
CA ILE C 354 19.02 23.86 -10.61
C ILE C 354 19.36 25.35 -10.69
N GLY C 355 18.56 26.10 -11.45
CA GLY C 355 18.78 27.53 -11.55
C GLY C 355 18.49 28.27 -10.26
N LEU C 356 17.58 27.75 -9.44
CA LEU C 356 17.30 28.37 -8.15
C LEU C 356 18.46 28.23 -7.19
N HIS C 357 19.19 27.11 -7.27
CA HIS C 357 20.42 26.98 -6.49
C HIS C 357 21.54 27.82 -7.09
N ASN C 358 21.59 27.93 -8.42
CA ASN C 358 22.56 28.77 -9.09
C ASN C 358 22.11 30.22 -9.24
N ARG C 359 21.11 30.64 -8.47
CA ARG C 359 20.69 32.04 -8.30
C ARG C 359 20.18 32.67 -9.60
N VAL C 360 19.66 31.86 -10.52
CA VAL C 360 19.10 32.35 -11.77
C VAL C 360 17.71 31.75 -11.95
N ARG C 361 17.10 32.12 -13.07
CA ARG C 361 15.78 31.61 -13.52
C ARG C 361 16.10 30.71 -14.72
N LEU C 362 15.87 29.39 -14.60
CA LEU C 362 16.34 28.52 -15.67
C LEU C 362 15.33 28.41 -16.79
N ARG C 363 14.07 28.10 -16.46
CA ARG C 363 13.07 27.87 -17.50
C ARG C 363 12.59 29.16 -18.14
N GLN C 364 12.84 30.30 -17.47
CA GLN C 364 12.36 31.63 -17.92
C GLN C 364 13.38 32.38 -18.79
N SER C 365 14.29 31.66 -19.46
CA SER C 365 15.25 32.31 -20.35
C SER C 365 15.74 31.26 -21.35
N ASP C 366 15.44 31.48 -22.62
CA ASP C 366 15.78 30.50 -23.65
C ASP C 366 17.24 30.59 -24.08
N SER C 367 17.88 31.75 -23.88
CA SER C 367 19.25 31.93 -24.31
C SER C 367 20.23 31.17 -23.42
N LEU C 368 19.94 31.06 -22.13
CA LEU C 368 20.85 30.39 -21.21
C LEU C 368 20.77 28.88 -21.33
N LYS C 369 19.66 28.35 -21.85
CA LYS C 369 19.47 26.91 -21.94
C LYS C 369 20.43 26.28 -22.94
N ARG C 370 20.55 26.88 -24.13
CA ARG C 370 21.50 26.39 -25.12
C ARG C 370 22.94 26.55 -24.65
N GLU C 371 23.22 27.64 -23.93
CA GLU C 371 24.58 27.90 -23.46
C GLU C 371 25.01 26.90 -22.40
N ILE C 372 24.07 26.47 -21.54
CA ILE C 372 24.44 25.43 -20.57
C ILE C 372 24.33 24.03 -21.16
N ILE C 373 23.67 23.87 -22.32
CA ILE C 373 23.80 22.60 -23.04
C ILE C 373 25.20 22.48 -23.65
N GLU C 374 25.72 23.57 -24.23
CA GLU C 374 26.95 23.49 -25.02
C GLU C 374 28.19 23.29 -24.16
N ASN C 375 28.40 24.16 -23.16
CA ASN C 375 29.67 24.16 -22.43
C ASN C 375 29.84 23.01 -21.44
N GLY C 376 28.80 22.21 -21.23
CA GLY C 376 28.90 21.11 -20.28
C GLY C 376 28.78 21.52 -18.82
N LYS C 377 28.34 22.75 -18.55
CA LYS C 377 28.18 23.21 -17.17
C LYS C 377 26.95 22.60 -16.51
N PHE C 378 26.02 22.05 -17.31
CA PHE C 378 24.80 21.45 -16.79
C PHE C 378 25.08 20.21 -15.96
N ASP C 379 26.09 19.42 -16.33
CA ASP C 379 26.44 18.25 -15.53
C ASP C 379 27.06 18.66 -14.20
N GLN C 380 27.79 19.77 -14.22
CA GLN C 380 28.42 20.33 -12.99
C GLN C 380 27.31 20.81 -12.06
N TRP C 381 26.28 21.48 -12.61
CA TRP C 381 25.16 21.95 -11.82
C TRP C 381 24.28 20.80 -11.31
N PHE C 382 24.19 19.71 -12.07
CA PHE C 382 23.45 18.55 -11.59
C PHE C 382 24.22 17.82 -10.49
N ASP C 383 25.56 17.81 -10.58
CA ASP C 383 26.35 17.10 -9.58
C ASP C 383 26.46 17.87 -8.27
N GLU C 384 26.57 19.20 -8.32
CA GLU C 384 26.75 19.97 -7.09
C GLU C 384 25.47 20.08 -6.27
N LEU C 385 24.31 19.77 -6.85
CA LEU C 385 23.05 19.82 -6.13
C LEU C 385 22.60 18.44 -5.67
N PHE C 386 22.45 17.51 -6.61
CA PHE C 386 21.87 16.20 -6.34
C PHE C 386 22.91 15.14 -6.02
N GLY C 387 24.02 15.52 -5.39
CA GLY C 387 25.06 14.57 -5.03
C GLY C 387 24.63 13.53 -4.01
N ASN C 388 23.63 13.84 -3.20
CA ASN C 388 23.08 12.90 -2.24
C ASN C 388 21.66 12.52 -2.67
N ASP C 389 21.15 11.43 -2.08
CA ASP C 389 19.80 10.95 -2.36
C ASP C 389 18.82 11.63 -1.41
N THR C 390 18.63 12.93 -1.62
CA THR C 390 17.80 13.73 -0.73
C THR C 390 16.58 14.33 -1.41
N PHE C 391 16.20 13.87 -2.60
CA PHE C 391 15.03 14.38 -3.30
C PHE C 391 14.29 13.22 -3.95
N HIS C 392 13.03 13.01 -3.58
CA HIS C 392 12.20 11.95 -4.12
C HIS C 392 10.96 12.54 -4.73
N LEU C 393 10.81 12.40 -6.04
CA LEU C 393 9.71 13.02 -6.76
C LEU C 393 8.54 12.06 -6.93
N TYR C 394 7.41 12.60 -7.38
CA TYR C 394 6.19 11.83 -7.58
C TYR C 394 5.39 12.47 -8.71
N ASP C 395 4.76 11.62 -9.53
CA ASP C 395 3.94 12.07 -10.64
C ASP C 395 2.52 11.52 -10.48
N SER C 396 1.58 12.21 -11.11
CA SER C 396 0.18 11.79 -11.05
C SER C 396 -0.18 10.89 -12.24
N GLU C 401 -8.39 7.62 -7.98
CA GLU C 401 -8.57 7.06 -6.65
C GLU C 401 -7.73 7.81 -5.63
N THR C 402 -8.15 7.74 -4.36
CA THR C 402 -7.42 8.36 -3.27
C THR C 402 -6.82 7.34 -2.31
N ASP C 403 -6.82 6.05 -2.68
CA ASP C 403 -6.31 5.00 -1.82
C ASP C 403 -4.83 4.73 -2.04
N ARG C 404 -4.36 4.85 -3.29
CA ARG C 404 -2.97 4.52 -3.61
C ARG C 404 -2.00 5.65 -3.32
N LEU C 405 -2.49 6.89 -3.21
CA LEU C 405 -1.61 8.03 -2.89
C LEU C 405 -1.04 7.91 -1.48
N LEU C 406 -1.87 7.48 -0.53
CA LEU C 406 -1.39 7.25 0.82
C LEU C 406 -0.45 6.05 0.89
N ALA C 407 -0.62 5.09 -0.02
CA ALA C 407 0.34 3.99 -0.12
C ALA C 407 1.68 4.49 -0.64
N LYS C 408 1.66 5.44 -1.59
CA LYS C 408 2.90 6.06 -2.04
C LYS C 408 3.58 6.82 -0.91
N LEU C 409 2.79 7.52 -0.10
CA LEU C 409 3.37 8.28 1.02
C LEU C 409 3.92 7.34 2.09
N ALA C 410 3.26 6.19 2.30
CA ALA C 410 3.78 5.19 3.23
C ALA C 410 5.06 4.55 2.71
N TYR C 411 5.16 4.35 1.39
CA TYR C 411 6.42 3.86 0.82
C TYR C 411 7.52 4.90 0.90
N MET C 412 7.17 6.19 0.83
CA MET C 412 8.19 7.23 0.97
C MET C 412 8.65 7.36 2.42
N ARG C 413 7.74 7.12 3.37
CA ARG C 413 8.06 7.33 4.82
C ARG C 413 8.72 6.10 5.46
N SER C 414 8.21 4.90 5.21
CA SER C 414 8.75 3.71 5.87
C SER C 414 9.96 3.14 5.15
N GLY C 415 9.86 2.98 3.83
CA GLY C 415 10.94 2.38 3.07
C GLY C 415 12.12 3.30 2.86
N LEU C 416 11.90 4.44 2.21
CA LEU C 416 13.00 5.30 1.82
C LEU C 416 13.47 6.19 2.97
N GLY C 417 12.56 6.63 3.82
CA GLY C 417 12.95 7.39 5.00
C GLY C 417 12.95 8.90 4.82
N CYS C 418 11.82 9.45 4.37
CA CYS C 418 11.68 10.88 4.18
C CYS C 418 11.29 11.57 5.48
N ASP C 419 11.74 12.81 5.65
CA ASP C 419 11.41 13.58 6.83
C ASP C 419 10.55 14.80 6.55
N VAL C 420 10.53 15.29 5.32
CA VAL C 420 9.67 16.41 4.92
C VAL C 420 8.90 15.98 3.68
N ILE C 421 7.59 15.86 3.80
CA ILE C 421 6.73 15.44 2.70
C ILE C 421 5.87 16.62 2.30
N ILE C 422 5.95 17.01 1.03
CA ILE C 422 5.18 18.14 0.51
C ILE C 422 4.06 17.60 -0.36
N LEU C 423 2.82 17.99 -0.04
CA LEU C 423 1.63 17.63 -0.79
C LEU C 423 1.08 18.93 -1.37
N ASP C 424 1.46 19.18 -2.62
CA ASP C 424 1.09 20.39 -3.33
C ASP C 424 -0.29 20.23 -3.97
N HIS C 425 -1.08 21.31 -3.87
CA HIS C 425 -2.31 21.52 -4.66
C HIS C 425 -3.34 20.43 -4.39
N ILE C 426 -3.83 20.41 -3.15
CA ILE C 426 -4.74 19.36 -2.70
C ILE C 426 -6.10 19.43 -3.40
N SER C 427 -6.44 20.57 -4.02
CA SER C 427 -7.76 20.74 -4.63
C SER C 427 -7.98 19.89 -5.87
N ILE C 428 -6.98 19.14 -6.34
CA ILE C 428 -7.16 18.20 -7.43
C ILE C 428 -6.94 16.76 -6.97
N VAL C 429 -7.04 16.49 -5.67
CA VAL C 429 -7.26 15.11 -5.21
C VAL C 429 -8.62 14.95 -4.55
N VAL C 430 -9.36 16.04 -4.35
CA VAL C 430 -10.73 15.97 -3.87
C VAL C 430 -11.74 16.28 -4.95
N SER C 431 -11.32 16.90 -6.06
CA SER C 431 -12.22 17.18 -7.18
C SER C 431 -12.02 16.24 -8.36
N ALA C 432 -10.92 15.48 -8.38
CA ALA C 432 -10.68 14.52 -9.44
C ALA C 432 -11.29 13.16 -9.14
N SER C 433 -11.80 12.95 -7.94
CA SER C 433 -12.45 11.70 -7.56
C SER C 433 -13.96 11.82 -7.75
N GLY C 434 -14.57 10.72 -8.15
CA GLY C 434 -15.99 10.72 -8.41
C GLY C 434 -16.83 10.45 -7.18
N GLU C 435 -17.33 11.53 -6.57
CA GLU C 435 -18.16 11.44 -5.37
C GLU C 435 -19.35 12.37 -5.52
N SER C 436 -20.47 11.97 -4.92
CA SER C 436 -21.64 12.83 -4.90
C SER C 436 -21.47 13.97 -3.90
N ASP C 437 -20.97 13.66 -2.71
CA ASP C 437 -20.76 14.64 -1.66
C ASP C 437 -19.26 14.84 -1.49
N GLU C 438 -18.81 16.09 -1.60
CA GLU C 438 -17.39 16.40 -1.53
C GLU C 438 -16.92 16.58 -0.09
N ARG C 439 -17.81 17.01 0.80
CA ARG C 439 -17.43 17.42 2.15
C ARG C 439 -17.00 16.22 2.99
N LYS C 440 -17.73 15.11 2.92
CA LYS C 440 -17.35 13.91 3.66
C LYS C 440 -16.06 13.32 3.12
N MET C 441 -15.81 13.45 1.81
CA MET C 441 -14.56 12.95 1.25
C MET C 441 -13.37 13.80 1.71
N ILE C 442 -13.56 15.12 1.79
CA ILE C 442 -12.50 16.00 2.31
C ILE C 442 -12.22 15.69 3.78
N ASP C 443 -13.29 15.47 4.56
CA ASP C 443 -13.11 15.17 5.98
C ASP C 443 -12.41 13.84 6.20
N ASN C 444 -12.81 12.80 5.44
CA ASN C 444 -12.20 11.48 5.59
C ASN C 444 -10.75 11.50 5.14
N LEU C 445 -10.44 12.19 4.03
CA LEU C 445 -9.07 12.31 3.57
C LEU C 445 -8.20 13.07 4.56
N MET C 446 -8.77 14.13 5.17
CA MET C 446 -7.99 14.93 6.10
C MET C 446 -7.72 14.16 7.40
N THR C 447 -8.72 13.42 7.90
CA THR C 447 -8.48 12.69 9.15
C THR C 447 -7.60 11.46 8.93
N LYS C 448 -7.64 10.86 7.73
CA LYS C 448 -6.74 9.73 7.48
C LYS C 448 -5.32 10.20 7.25
N LEU C 449 -5.15 11.39 6.65
CA LEU C 449 -3.83 11.96 6.50
C LEU C 449 -3.25 12.40 7.85
N LYS C 450 -4.10 12.92 8.73
CA LYS C 450 -3.64 13.27 10.07
C LYS C 450 -3.29 12.03 10.89
N GLY C 451 -4.06 10.94 10.72
CA GLY C 451 -3.71 9.70 11.38
C GLY C 451 -2.39 9.12 10.87
N PHE C 452 -2.13 9.25 9.57
CA PHE C 452 -0.84 8.85 9.02
C PHE C 452 0.30 9.68 9.58
N ALA C 453 0.12 11.01 9.64
CA ALA C 453 1.18 11.88 10.12
C ALA C 453 1.38 11.77 11.63
N LYS C 454 0.38 11.28 12.35
CA LYS C 454 0.53 11.06 13.79
C LYS C 454 1.15 9.68 14.07
N SER C 455 0.82 8.68 13.26
CA SER C 455 1.42 7.36 13.46
C SER C 455 2.89 7.35 13.08
N THR C 456 3.22 7.89 11.89
CA THR C 456 4.62 7.86 11.46
C THR C 456 5.45 8.97 12.08
N GLY C 457 4.85 10.15 12.30
CA GLY C 457 5.58 11.26 12.88
C GLY C 457 6.55 11.92 11.91
N VAL C 458 6.01 12.51 10.85
CA VAL C 458 6.81 13.12 9.79
C VAL C 458 6.31 14.54 9.59
N VAL C 459 7.22 15.44 9.21
CA VAL C 459 6.83 16.80 8.86
C VAL C 459 6.09 16.76 7.54
N LEU C 460 4.90 17.31 7.51
CA LEU C 460 4.01 17.21 6.36
C LEU C 460 3.44 18.59 6.03
N VAL C 461 3.79 19.11 4.86
CA VAL C 461 3.28 20.39 4.38
C VAL C 461 2.20 20.10 3.35
N VAL C 462 1.05 20.75 3.50
CA VAL C 462 -0.11 20.55 2.63
C VAL C 462 -0.50 21.92 2.07
N ILE C 463 -0.81 21.98 0.78
CA ILE C 463 -1.18 23.25 0.14
C ILE C 463 -2.63 23.19 -0.32
N CYS C 464 -3.44 24.15 0.11
CA CYS C 464 -4.83 24.27 -0.29
C CYS C 464 -5.12 25.70 -0.75
N HIS C 465 -6.33 25.92 -1.26
CA HIS C 465 -6.71 27.19 -1.87
C HIS C 465 -7.82 27.87 -1.08
N LEU C 466 -8.20 29.06 -1.56
CA LEU C 466 -9.23 29.89 -0.97
C LEU C 466 -10.47 29.87 -1.85
N LYS C 467 -11.55 30.47 -1.37
CA LYS C 467 -12.80 30.54 -2.10
C LYS C 467 -13.14 31.98 -2.43
N ASN C 468 -14.28 32.16 -3.11
CA ASN C 468 -14.71 33.47 -3.55
C ASN C 468 -15.26 34.28 -2.37
N PRO C 469 -14.90 35.55 -2.27
CA PRO C 469 -15.53 36.42 -1.27
C PRO C 469 -16.95 36.78 -1.69
N ASP C 470 -17.72 37.24 -0.70
CA ASP C 470 -19.10 37.63 -0.97
C ASP C 470 -19.19 39.01 -1.60
N LYS C 471 -18.33 39.93 -1.19
CA LYS C 471 -18.33 41.29 -1.72
C LYS C 471 -16.94 41.89 -1.53
N GLY C 472 -16.78 43.12 -2.02
CA GLY C 472 -15.56 43.87 -1.79
C GLY C 472 -14.49 43.62 -2.83
N LYS C 473 -13.23 43.66 -2.40
CA LYS C 473 -12.11 43.41 -3.29
C LYS C 473 -11.96 41.92 -3.55
N ALA C 474 -10.97 41.57 -4.36
CA ALA C 474 -10.60 40.19 -4.60
C ALA C 474 -9.38 39.84 -3.75
N HIS C 475 -9.20 38.53 -3.50
CA HIS C 475 -8.09 38.05 -2.69
C HIS C 475 -6.73 38.26 -3.35
N GLU C 476 -6.70 38.49 -4.67
CA GLU C 476 -5.46 38.67 -5.40
C GLU C 476 -5.06 40.14 -5.54
N GLU C 477 -5.68 41.04 -4.78
CA GLU C 477 -5.36 42.46 -4.85
C GLU C 477 -5.12 43.08 -3.47
N GLY C 478 -4.68 42.30 -2.50
CA GLY C 478 -4.39 42.81 -1.18
C GLY C 478 -5.49 42.65 -0.16
N ARG C 479 -6.44 41.74 -0.37
CA ARG C 479 -7.50 41.51 0.59
C ARG C 479 -6.95 40.76 1.80
N PRO C 480 -7.20 41.22 3.02
CA PRO C 480 -6.84 40.43 4.20
C PRO C 480 -7.73 39.22 4.35
N VAL C 481 -7.12 38.05 4.37
CA VAL C 481 -7.88 36.79 4.40
C VAL C 481 -8.33 36.52 5.83
N SER C 482 -9.49 35.86 5.96
CA SER C 482 -9.95 35.36 7.23
C SER C 482 -9.70 33.86 7.30
N ILE C 483 -10.00 33.26 8.45
CA ILE C 483 -9.73 31.84 8.64
C ILE C 483 -10.85 30.97 8.09
N THR C 484 -12.03 31.55 7.84
CA THR C 484 -13.13 30.79 7.25
C THR C 484 -13.10 30.77 5.73
N ASP C 485 -12.07 31.34 5.10
CA ASP C 485 -12.00 31.40 3.65
C ASP C 485 -11.35 30.17 3.03
N LEU C 486 -11.13 29.11 3.80
CA LEU C 486 -10.58 27.89 3.22
C LEU C 486 -11.63 27.19 2.38
N ARG C 487 -11.25 26.82 1.15
CA ARG C 487 -12.21 26.31 0.18
C ARG C 487 -12.39 24.81 0.34
N GLY C 488 -13.64 24.39 0.42
CA GLY C 488 -13.99 22.98 0.32
C GLY C 488 -14.73 22.41 1.51
N SER C 489 -14.32 22.77 2.71
CA SER C 489 -14.93 22.27 3.93
C SER C 489 -14.53 23.17 5.09
N GLY C 490 -14.92 22.78 6.30
CA GLY C 490 -14.59 23.53 7.49
C GLY C 490 -13.80 22.70 8.48
N ALA C 491 -13.34 21.53 8.04
CA ALA C 491 -12.41 20.73 8.83
C ALA C 491 -10.99 20.83 8.32
N LEU C 492 -10.73 21.68 7.33
CA LEU C 492 -9.36 21.92 6.91
C LEU C 492 -8.60 22.75 7.92
N ARG C 493 -9.31 23.54 8.74
CA ARG C 493 -8.67 24.31 9.79
C ARG C 493 -8.80 23.68 11.16
N GLN C 494 -9.64 22.65 11.30
CA GLN C 494 -9.82 22.00 12.60
C GLN C 494 -8.85 20.86 12.83
N LEU C 495 -8.23 20.32 11.77
CA LEU C 495 -7.32 19.20 11.89
C LEU C 495 -5.93 19.54 11.37
N SER C 496 -5.67 20.82 11.09
CA SER C 496 -4.35 21.30 10.74
C SER C 496 -3.72 21.99 11.94
N ASP C 497 -2.40 21.93 12.01
CA ASP C 497 -1.71 22.39 13.20
C ASP C 497 -1.07 23.76 13.06
N THR C 498 -0.85 24.24 11.83
CA THR C 498 -0.38 25.61 11.63
C THR C 498 -0.92 26.08 10.30
N ILE C 499 -1.47 27.30 10.24
CA ILE C 499 -1.99 27.87 9.01
C ILE C 499 -1.23 29.16 8.71
N ILE C 500 -0.57 29.19 7.57
CA ILE C 500 0.20 30.34 7.11
C ILE C 500 -0.45 30.85 5.83
N ALA C 501 -0.71 32.15 5.75
CA ALA C 501 -1.30 32.76 4.57
C ALA C 501 -0.35 33.79 3.99
N LEU C 502 -0.23 33.79 2.67
CA LEU C 502 0.64 34.72 1.96
C LEU C 502 -0.20 35.67 1.13
N GLU C 503 0.03 36.98 1.30
CA GLU C 503 -0.77 37.97 0.61
C GLU C 503 0.13 39.01 -0.06
N ARG C 504 -0.27 39.48 -1.24
CA ARG C 504 0.39 40.62 -1.86
C ARG C 504 -0.62 41.37 -2.72
N ASN C 505 -0.14 42.40 -3.41
CA ASN C 505 -1.01 43.24 -4.23
C ASN C 505 -0.30 43.51 -5.54
N GLN C 506 -1.02 43.36 -6.64
CA GLN C 506 -0.47 43.58 -7.97
C GLN C 506 -1.08 44.81 -8.63
N MET C 510 3.71 48.63 -5.91
CA MET C 510 4.57 47.65 -5.25
C MET C 510 4.05 46.24 -5.48
N PRO C 511 4.47 45.60 -6.57
CA PRO C 511 3.96 44.26 -6.90
C PRO C 511 4.67 43.12 -6.19
N ASN C 512 5.72 43.39 -5.41
CA ASN C 512 6.52 42.33 -4.83
C ASN C 512 6.52 42.32 -3.31
N LEU C 513 5.82 43.24 -2.65
CA LEU C 513 5.78 43.27 -1.19
C LEU C 513 4.74 42.26 -0.71
N VAL C 514 5.21 41.08 -0.31
CA VAL C 514 4.34 40.01 0.18
C VAL C 514 4.42 40.01 1.72
N LEU C 515 3.25 39.85 2.35
CA LEU C 515 3.17 39.75 3.80
C LEU C 515 2.65 38.39 4.22
N VAL C 516 3.04 37.99 5.42
CA VAL C 516 2.78 36.66 5.97
C VAL C 516 1.85 36.83 7.17
N ARG C 517 0.76 36.07 7.18
CA ARG C 517 -0.20 36.10 8.28
C ARG C 517 -0.28 34.71 8.88
N ILE C 518 0.07 34.59 10.16
CA ILE C 518 -0.08 33.34 10.89
C ILE C 518 -1.49 33.32 11.46
N LEU C 519 -2.34 32.45 10.95
CA LEU C 519 -3.74 32.45 11.36
C LEU C 519 -4.01 31.57 12.57
N LYS C 520 -3.30 30.46 12.71
CA LYS C 520 -3.52 29.58 13.85
C LYS C 520 -2.22 28.86 14.16
N CYS C 521 -1.83 28.88 15.44
CA CYS C 521 -0.69 28.12 15.93
C CYS C 521 -1.12 27.36 17.17
N ARG C 522 -0.92 26.05 17.15
CA ARG C 522 -1.33 25.18 18.30
C ARG C 522 -0.21 25.07 19.34
N PHE C 523 1.06 25.22 18.92
CA PHE C 523 2.16 25.11 19.85
C PHE C 523 2.30 26.38 20.68
N THR C 524 2.55 27.51 20.02
CA THR C 524 2.57 28.80 20.69
C THR C 524 1.18 29.42 20.61
N GLY C 525 1.07 30.72 20.90
CA GLY C 525 -0.21 31.38 20.84
C GLY C 525 -0.25 32.63 19.98
N ASP C 526 0.92 33.16 19.64
CA ASP C 526 1.01 34.43 18.94
C ASP C 526 0.64 34.27 17.47
N THR C 527 -0.36 35.02 17.02
CA THR C 527 -0.85 35.02 15.65
C THR C 527 -0.71 36.42 15.07
N GLY C 528 -1.15 36.57 13.81
CA GLY C 528 -1.17 37.89 13.21
C GLY C 528 -0.12 38.10 12.14
N ILE C 529 0.32 39.35 11.98
CA ILE C 529 1.31 39.69 10.96
C ILE C 529 2.68 39.23 11.42
N ALA C 530 3.34 38.40 10.61
CA ALA C 530 4.64 37.86 10.98
C ALA C 530 5.80 38.59 10.33
N GLY C 531 5.58 39.25 9.20
CA GLY C 531 6.66 39.98 8.56
C GLY C 531 6.33 40.37 7.14
N TYR C 532 7.40 40.67 6.38
CA TYR C 532 7.28 41.09 4.99
C TYR C 532 8.47 40.54 4.21
N MET C 533 8.25 40.21 2.95
CA MET C 533 9.32 39.74 2.07
C MET C 533 9.18 40.40 0.71
N GLU C 534 10.22 40.23 -0.11
CA GLU C 534 10.23 40.70 -1.49
C GLU C 534 10.65 39.56 -2.40
N TYR C 535 9.99 39.47 -3.56
CA TYR C 535 10.33 38.46 -4.55
C TYR C 535 11.23 39.08 -5.60
N ASN C 536 12.41 38.48 -5.76
CA ASN C 536 13.43 38.95 -6.73
C ASN C 536 13.05 38.46 -8.13
N LYS C 537 12.91 39.40 -9.07
CA LYS C 537 12.54 39.07 -10.44
C LYS C 537 13.72 38.62 -11.28
N GLU C 538 14.94 38.72 -10.78
CA GLU C 538 16.13 38.34 -11.54
C GLU C 538 16.76 37.04 -11.05
N THR C 539 16.73 36.76 -9.76
CA THR C 539 17.32 35.54 -9.22
C THR C 539 16.28 34.49 -8.87
N GLY C 540 15.22 34.86 -8.17
CA GLY C 540 14.19 33.92 -7.79
C GLY C 540 14.10 33.61 -6.30
N TRP C 541 14.79 34.36 -5.45
CA TRP C 541 14.76 34.14 -4.02
C TRP C 541 13.74 35.05 -3.35
N LEU C 542 13.32 34.65 -2.15
CA LEU C 542 12.44 35.45 -1.32
C LEU C 542 13.32 36.15 -0.29
N GLU C 543 13.59 37.44 -0.53
CA GLU C 543 14.49 38.14 0.38
C GLU C 543 13.71 38.83 1.48
N PRO C 544 14.27 38.91 2.69
CA PRO C 544 13.64 39.73 3.72
C PRO C 544 13.83 41.21 3.44
N SER C 545 12.81 41.98 3.77
CA SER C 545 12.80 43.42 3.53
C SER C 545 12.76 44.14 4.88
N SER C 546 12.62 45.46 4.83
CA SER C 546 12.59 46.29 6.02
C SER C 546 11.23 46.95 6.24
N TYR C 547 10.74 47.68 5.24
CA TYR C 547 9.54 48.52 5.30
C TYR C 547 9.56 49.51 6.46
N ASP D 263 -44.53 -7.38 33.97
CA ASP D 263 -44.70 -5.93 34.00
C ASP D 263 -43.54 -5.27 34.76
N GLY D 264 -43.26 -4.02 34.42
CA GLY D 264 -42.19 -3.29 35.07
C GLY D 264 -42.62 -1.91 35.53
N VAL D 265 -43.93 -1.75 35.76
CA VAL D 265 -44.48 -0.47 36.20
C VAL D 265 -44.07 -0.23 37.64
N VAL D 266 -44.03 1.05 38.03
CA VAL D 266 -43.58 1.46 39.36
C VAL D 266 -44.67 2.29 40.00
N SER D 267 -45.13 1.87 41.17
CA SER D 267 -46.09 2.65 41.94
C SER D 267 -45.38 3.74 42.74
N ALA D 268 -46.06 4.87 42.89
CA ALA D 268 -45.55 5.96 43.72
C ALA D 268 -45.89 5.80 45.19
N LEU D 269 -46.56 4.70 45.57
CA LEU D 269 -46.89 4.42 46.96
C LEU D 269 -45.80 3.61 47.64
N SER D 270 -45.34 2.54 47.00
CA SER D 270 -44.26 1.71 47.53
C SER D 270 -42.90 2.15 47.00
N LEU D 271 -42.59 3.43 47.17
CA LEU D 271 -41.35 4.00 46.66
C LEU D 271 -40.73 4.95 47.70
N ARG D 272 -41.07 4.78 48.97
CA ARG D 272 -40.70 5.75 49.99
C ARG D 272 -39.22 5.66 50.34
N GLU D 273 -38.69 4.45 50.52
CA GLU D 273 -37.31 4.29 50.95
C GLU D 273 -36.34 4.64 49.84
N ARG D 274 -36.73 4.41 48.58
CA ARG D 274 -35.86 4.75 47.46
C ARG D 274 -35.73 6.26 47.27
N ILE D 275 -36.81 7.00 47.50
CA ILE D 275 -36.73 8.46 47.45
C ILE D 275 -36.00 9.00 48.68
N ARG D 276 -36.19 8.37 49.84
CA ARG D 276 -35.51 8.82 51.05
C ARG D 276 -34.00 8.60 50.99
N GLU D 277 -33.57 7.48 50.41
CA GLU D 277 -32.14 7.18 50.33
C GLU D 277 -31.43 7.98 49.25
N HIS D 278 -32.17 8.59 48.32
CA HIS D 278 -31.55 9.27 47.19
C HIS D 278 -30.95 10.61 47.59
N LEU D 279 -31.69 11.40 48.38
CA LEU D 279 -31.29 12.76 48.70
C LEU D 279 -30.42 12.87 49.93
N SER D 280 -29.81 11.78 50.38
CA SER D 280 -28.92 11.82 51.54
C SER D 280 -27.60 12.51 51.21
N VAL D 285 -24.19 19.75 45.87
CA VAL D 285 -23.66 20.63 44.85
C VAL D 285 -22.87 19.82 43.82
N GLY D 286 -21.80 19.17 44.27
CA GLY D 286 -20.97 18.36 43.41
C GLY D 286 -19.58 18.93 43.24
N LEU D 287 -18.94 18.56 42.13
CA LEU D 287 -17.59 18.98 41.84
C LEU D 287 -17.59 20.44 41.39
N LEU D 288 -16.53 21.16 41.72
CA LEU D 288 -16.44 22.57 41.38
C LEU D 288 -15.46 22.80 40.24
N PHE D 289 -15.63 23.93 39.56
CA PHE D 289 -14.76 24.34 38.47
C PHE D 289 -13.71 25.31 38.99
N SER D 290 -12.50 25.20 38.44
CA SER D 290 -11.37 26.03 38.85
C SER D 290 -11.13 27.11 37.81
N GLY D 291 -11.08 28.36 38.26
CA GLY D 291 -11.05 29.49 37.37
C GLY D 291 -12.46 29.92 36.98
N CYS D 292 -12.64 31.21 36.68
CA CYS D 292 -13.90 31.86 36.29
C CYS D 292 -15.06 31.45 37.21
N THR D 293 -14.97 31.96 38.45
CA THR D 293 -15.85 31.59 39.56
C THR D 293 -17.31 32.00 39.37
N GLY D 294 -17.68 32.64 38.26
CA GLY D 294 -19.08 32.79 37.92
C GLY D 294 -19.75 31.55 37.37
N ILE D 295 -19.00 30.48 37.12
CA ILE D 295 -19.60 29.25 36.62
C ILE D 295 -20.32 28.51 37.74
N ASN D 296 -19.59 28.12 38.79
CA ASN D 296 -20.15 27.33 39.87
C ASN D 296 -21.12 28.09 40.75
N ASP D 297 -21.23 29.42 40.57
CA ASP D 297 -22.34 30.16 41.16
C ASP D 297 -23.57 30.15 40.28
N LYS D 298 -23.41 29.99 38.96
CA LYS D 298 -24.52 30.04 38.02
C LYS D 298 -25.10 28.67 37.76
N THR D 299 -24.29 27.72 37.31
CA THR D 299 -24.76 26.37 37.02
C THR D 299 -24.56 25.42 38.19
N LEU D 300 -23.99 25.90 39.31
CA LEU D 300 -23.84 25.15 40.56
C LEU D 300 -23.02 23.88 40.40
N GLY D 301 -21.91 23.98 39.67
CA GLY D 301 -20.93 22.92 39.60
C GLY D 301 -21.38 21.72 38.78
N ALA D 302 -20.47 20.76 38.68
CA ALA D 302 -20.75 19.54 37.93
C ALA D 302 -21.32 18.47 38.86
N ARG D 303 -22.18 17.63 38.30
CA ARG D 303 -22.87 16.58 39.05
C ARG D 303 -22.73 15.26 38.33
N GLY D 304 -23.08 14.18 39.04
CA GLY D 304 -23.05 12.87 38.44
C GLY D 304 -24.19 12.68 37.46
N GLY D 305 -23.96 11.85 36.46
CA GLY D 305 -24.95 11.66 35.41
C GLY D 305 -25.07 12.84 34.46
N GLU D 306 -24.03 13.67 34.36
CA GLU D 306 -24.04 14.82 33.47
C GLU D 306 -23.11 14.59 32.30
N VAL D 307 -23.49 15.16 31.16
CA VAL D 307 -22.68 15.19 29.95
C VAL D 307 -22.48 16.66 29.61
N ILE D 308 -21.29 17.17 29.92
CA ILE D 308 -20.94 18.57 29.70
C ILE D 308 -20.35 18.69 28.30
N MET D 309 -20.73 19.73 27.57
CA MET D 309 -20.18 20.00 26.26
C MET D 309 -19.32 21.25 26.31
N VAL D 310 -18.15 21.21 25.67
CA VAL D 310 -17.26 22.37 25.58
C VAL D 310 -17.13 22.74 24.11
N THR D 311 -17.44 24.01 23.80
CA THR D 311 -17.42 24.52 22.43
C THR D 311 -16.56 25.78 22.34
N SER D 312 -15.83 25.89 21.22
CA SER D 312 -15.12 27.10 20.83
C SER D 312 -14.78 26.98 19.35
N GLY D 313 -14.08 28.00 18.85
CA GLY D 313 -13.62 28.02 17.48
C GLY D 313 -12.39 27.15 17.27
N SER D 314 -11.67 27.47 16.20
CA SER D 314 -10.49 26.69 15.82
C SER D 314 -9.26 27.25 16.52
N GLY D 315 -8.76 26.50 17.50
CA GLY D 315 -7.59 26.95 18.24
C GLY D 315 -7.86 28.01 19.28
N MET D 316 -8.98 27.89 20.01
CA MET D 316 -9.37 28.88 21.01
C MET D 316 -9.17 28.40 22.43
N GLY D 317 -8.72 27.16 22.64
CA GLY D 317 -8.39 26.71 23.97
C GLY D 317 -9.41 25.78 24.61
N LYS D 318 -9.92 24.83 23.84
CA LYS D 318 -10.81 23.82 24.42
C LYS D 318 -10.01 22.80 25.21
N SER D 319 -8.93 22.29 24.62
CA SER D 319 -8.06 21.35 25.32
C SER D 319 -7.35 22.03 26.49
N THR D 320 -7.01 23.32 26.32
CA THR D 320 -6.38 24.08 27.39
C THR D 320 -7.34 24.29 28.56
N PHE D 321 -8.62 24.48 28.27
CA PHE D 321 -9.59 24.64 29.36
C PHE D 321 -9.89 23.30 30.03
N VAL D 322 -9.96 22.22 29.26
CA VAL D 322 -10.34 20.94 29.89
C VAL D 322 -9.15 20.31 30.63
N ARG D 323 -7.92 20.66 30.25
CA ARG D 323 -6.76 20.06 30.90
C ARG D 323 -6.55 20.63 32.30
N GLN D 324 -6.85 21.91 32.49
CA GLN D 324 -6.81 22.50 33.82
C GLN D 324 -7.89 21.92 34.72
N GLN D 325 -9.06 21.61 34.16
CA GLN D 325 -10.11 20.98 34.95
C GLN D 325 -9.73 19.57 35.36
N ALA D 326 -9.06 18.83 34.47
CA ALA D 326 -8.55 17.51 34.84
C ALA D 326 -7.46 17.61 35.91
N LEU D 327 -6.60 18.62 35.81
CA LEU D 327 -5.52 18.79 36.77
C LEU D 327 -6.04 19.18 38.15
N GLN D 328 -7.11 19.98 38.19
CA GLN D 328 -7.65 20.40 39.48
C GLN D 328 -8.69 19.44 40.03
N TRP D 329 -9.20 18.52 39.23
CA TRP D 329 -10.02 17.45 39.77
C TRP D 329 -9.23 16.19 40.09
N GLY D 330 -7.97 16.12 39.68
CA GLY D 330 -7.16 14.95 39.97
C GLY D 330 -6.37 15.03 41.26
N THR D 331 -6.15 16.24 41.77
CA THR D 331 -5.31 16.43 42.96
C THR D 331 -6.08 16.96 44.16
N ALA D 332 -6.80 18.08 44.01
CA ALA D 332 -7.45 18.71 45.14
C ALA D 332 -8.72 18.00 45.58
N MET D 333 -9.33 17.20 44.70
CA MET D 333 -10.54 16.47 45.05
C MET D 333 -10.29 15.01 45.38
N GLY D 334 -9.23 14.42 44.84
CA GLY D 334 -8.89 13.04 45.14
C GLY D 334 -9.67 12.00 44.36
N LYS D 335 -10.48 12.40 43.39
CA LYS D 335 -11.28 11.47 42.62
C LYS D 335 -10.50 10.97 41.40
N LYS D 336 -10.81 9.75 40.98
CA LYS D 336 -10.12 9.14 39.84
C LYS D 336 -10.51 9.83 38.54
N VAL D 337 -9.52 10.12 37.70
CA VAL D 337 -9.72 10.88 36.47
C VAL D 337 -9.27 10.01 35.30
N GLY D 338 -10.13 9.87 34.30
CA GLY D 338 -9.82 9.10 33.11
C GLY D 338 -9.89 9.95 31.85
N LEU D 339 -8.76 10.08 31.18
CA LEU D 339 -8.65 10.89 29.98
C LEU D 339 -8.86 10.02 28.75
N ALA D 340 -9.21 10.65 27.63
CA ALA D 340 -9.21 9.97 26.33
C ALA D 340 -8.69 10.94 25.28
N MET D 341 -7.37 10.96 25.09
CA MET D 341 -6.75 11.81 24.07
C MET D 341 -6.80 11.08 22.74
N LEU D 342 -7.90 11.28 22.02
CA LEU D 342 -8.05 10.71 20.69
C LEU D 342 -7.31 11.52 19.64
N GLN D 343 -6.88 12.74 19.97
CA GLN D 343 -6.26 13.63 18.99
C GLN D 343 -4.75 13.51 18.96
N GLU D 344 -4.11 13.42 20.12
CA GLU D 344 -2.65 13.41 20.17
C GLU D 344 -2.12 12.27 21.03
N SER D 345 -0.80 12.22 21.21
CA SER D 345 -0.16 11.15 21.95
C SER D 345 -0.18 11.43 23.45
N VAL D 346 -0.07 10.36 24.23
CA VAL D 346 -0.19 10.47 25.68
C VAL D 346 1.04 11.11 26.32
N GLU D 347 2.19 11.06 25.67
CA GLU D 347 3.39 11.69 26.22
C GLU D 347 3.26 13.21 26.19
N GLU D 348 2.61 13.76 25.16
CA GLU D 348 2.44 15.20 25.06
C GLU D 348 1.52 15.73 26.16
N THR D 349 0.38 15.08 26.38
CA THR D 349 -0.53 15.53 27.43
C THR D 349 0.04 15.23 28.82
N ALA D 350 0.88 14.20 28.95
CA ALA D 350 1.53 13.94 30.23
C ALA D 350 2.55 15.02 30.56
N GLU D 351 3.38 15.41 29.58
CA GLU D 351 4.32 16.50 29.77
C GLU D 351 3.61 17.82 30.03
N ASP D 352 2.44 18.01 29.40
CA ASP D 352 1.70 19.26 29.63
C ASP D 352 1.11 19.30 31.04
N LEU D 353 0.62 18.16 31.54
CA LEU D 353 0.13 18.11 32.92
C LEU D 353 1.25 18.32 33.94
N ILE D 354 2.41 17.70 33.71
CA ILE D 354 3.54 17.84 34.63
C ILE D 354 4.08 19.28 34.61
N GLY D 355 4.11 19.91 33.45
CA GLY D 355 4.52 21.31 33.39
C GLY D 355 3.48 22.25 33.98
N LEU D 356 2.20 21.91 33.84
CA LEU D 356 1.16 22.82 34.30
C LEU D 356 1.00 22.78 35.82
N HIS D 357 1.24 21.62 36.45
CA HIS D 357 1.14 21.56 37.90
C HIS D 357 2.29 22.29 38.58
N ASN D 358 3.49 22.20 38.03
CA ASN D 358 4.66 22.82 38.62
C ASN D 358 4.92 24.24 38.13
N ARG D 359 3.88 24.92 37.62
CA ARG D 359 3.83 26.35 37.28
C ARG D 359 4.75 26.75 36.12
N VAL D 360 5.48 25.82 35.51
CA VAL D 360 6.53 26.16 34.56
C VAL D 360 6.18 25.57 33.20
N ARG D 361 6.09 26.44 32.19
CA ARG D 361 5.78 26.02 30.82
C ARG D 361 6.90 25.16 30.27
N LEU D 362 6.61 23.88 30.04
CA LEU D 362 7.63 22.88 29.76
C LEU D 362 7.81 22.61 28.26
N ARG D 363 6.72 22.48 27.51
CA ARG D 363 6.81 22.05 26.12
C ARG D 363 7.37 23.17 25.24
N GLN D 364 6.96 24.41 25.48
CA GLN D 364 7.37 25.54 24.68
C GLN D 364 8.72 26.11 25.09
N SER D 365 9.52 25.36 25.85
CA SER D 365 10.87 25.76 26.22
C SER D 365 11.80 24.60 25.92
N ASP D 366 12.89 24.87 25.20
CA ASP D 366 13.79 23.81 24.77
C ASP D 366 14.97 23.62 25.72
N SER D 367 15.57 24.72 26.20
CA SER D 367 16.71 24.62 27.10
C SER D 367 16.33 24.16 28.49
N LEU D 368 15.04 24.20 28.84
CA LEU D 368 14.58 23.80 30.16
C LEU D 368 14.22 22.32 30.23
N LYS D 369 13.89 21.69 29.11
CA LYS D 369 13.62 20.27 29.10
C LYS D 369 14.88 19.45 29.32
N ARG D 370 16.00 19.87 28.75
CA ARG D 370 17.26 19.18 28.91
C ARG D 370 17.91 19.43 30.27
N GLU D 371 17.47 20.45 31.00
CA GLU D 371 18.02 20.71 32.32
C GLU D 371 17.52 19.70 33.35
N ILE D 372 16.21 19.45 33.37
CA ILE D 372 15.63 18.65 34.43
C ILE D 372 15.88 17.16 34.26
N ILE D 373 16.25 16.70 33.06
CA ILE D 373 16.57 15.29 32.88
C ILE D 373 17.98 14.98 33.39
N GLU D 374 18.91 15.95 33.35
CA GLU D 374 20.25 15.73 33.85
C GLU D 374 20.46 16.24 35.27
N ASN D 375 19.60 17.14 35.75
CA ASN D 375 19.63 17.52 37.16
C ASN D 375 19.11 16.39 38.03
N GLY D 376 18.18 15.59 37.52
CA GLY D 376 17.58 14.52 38.27
C GLY D 376 16.30 14.90 38.99
N LYS D 377 15.87 16.16 38.91
CA LYS D 377 14.66 16.59 39.58
C LYS D 377 13.41 16.32 38.77
N PHE D 378 13.55 15.77 37.56
CA PHE D 378 12.38 15.31 36.82
C PHE D 378 11.69 14.16 37.52
N ASP D 379 12.46 13.27 38.13
CA ASP D 379 11.83 12.20 38.91
C ASP D 379 11.26 12.71 40.21
N GLN D 380 11.73 13.87 40.70
CA GLN D 380 11.08 14.52 41.83
C GLN D 380 9.77 15.17 41.41
N TRP D 381 9.69 15.64 40.15
CA TRP D 381 8.42 16.17 39.66
C TRP D 381 7.43 15.07 39.33
N PHE D 382 7.91 13.90 38.91
CA PHE D 382 7.02 12.86 38.40
C PHE D 382 6.23 12.20 39.52
N ASP D 383 6.90 11.86 40.63
CA ASP D 383 6.23 11.15 41.70
C ASP D 383 5.39 12.04 42.59
N GLU D 384 5.43 13.36 42.40
CA GLU D 384 4.64 14.27 43.22
C GLU D 384 3.16 14.22 42.84
N LEU D 385 2.85 14.09 41.56
CA LEU D 385 1.48 14.11 41.07
C LEU D 385 0.98 12.79 40.53
N PHE D 386 1.85 11.98 39.92
CA PHE D 386 1.52 10.62 39.52
C PHE D 386 1.92 9.59 40.58
N GLY D 387 2.06 10.01 41.83
CA GLY D 387 2.39 9.06 42.89
C GLY D 387 1.24 8.15 43.25
N ASN D 388 0.01 8.63 43.08
CA ASN D 388 -1.16 7.81 43.33
C ASN D 388 -1.59 7.10 42.04
N ASP D 389 -2.69 6.34 42.14
CA ASP D 389 -3.29 5.67 40.99
C ASP D 389 -4.49 6.46 40.49
N THR D 390 -4.38 7.79 40.51
CA THR D 390 -5.52 8.66 40.19
C THR D 390 -5.75 8.75 38.69
N PHE D 391 -4.74 9.22 37.95
CA PHE D 391 -4.90 9.47 36.52
C PHE D 391 -4.82 8.17 35.73
N HIS D 392 -5.67 8.04 34.71
CA HIS D 392 -5.61 6.91 33.79
C HIS D 392 -5.81 7.43 32.38
N LEU D 393 -4.83 7.19 31.52
CA LEU D 393 -4.84 7.69 30.15
C LEU D 393 -5.31 6.62 29.18
N TYR D 394 -5.76 7.06 28.01
CA TYR D 394 -6.21 6.18 26.94
C TYR D 394 -5.37 6.44 25.71
N ASP D 395 -5.05 5.37 24.98
CA ASP D 395 -4.25 5.46 23.76
C ASP D 395 -5.13 5.11 22.57
N SER D 396 -4.93 5.82 21.47
CA SER D 396 -5.71 5.61 20.27
C SER D 396 -5.32 4.32 19.57
N THR D 402 -16.16 2.16 16.82
CA THR D 402 -17.25 2.81 17.54
C THR D 402 -17.59 2.06 18.82
N ASP D 403 -17.93 0.78 18.69
CA ASP D 403 -18.26 -0.03 19.85
C ASP D 403 -17.04 -0.38 20.70
N ARG D 404 -15.85 -0.37 20.10
CA ARG D 404 -14.63 -0.67 20.84
C ARG D 404 -14.31 0.42 21.85
N LEU D 405 -14.51 1.69 21.47
CA LEU D 405 -14.26 2.80 22.38
C LEU D 405 -15.27 2.80 23.52
N LEU D 406 -16.52 2.48 23.22
CA LEU D 406 -17.54 2.38 24.28
C LEU D 406 -17.25 1.21 25.21
N ALA D 407 -16.72 0.12 24.68
CA ALA D 407 -16.33 -1.01 25.52
C ALA D 407 -15.15 -0.65 26.41
N LYS D 408 -14.19 0.12 25.89
CA LYS D 408 -13.06 0.56 26.71
C LYS D 408 -13.49 1.52 27.80
N LEU D 409 -14.42 2.43 27.51
CA LEU D 409 -14.89 3.35 28.54
C LEU D 409 -15.75 2.65 29.58
N ALA D 410 -16.56 1.67 29.16
CA ALA D 410 -17.33 0.88 30.11
C ALA D 410 -16.42 0.03 30.98
N TYR D 411 -15.30 -0.46 30.42
CA TYR D 411 -14.34 -1.20 31.23
C TYR D 411 -13.63 -0.29 32.22
N MET D 412 -13.30 0.95 31.82
CA MET D 412 -12.72 1.91 32.74
C MET D 412 -13.66 2.20 33.91
N ARG D 413 -14.95 2.42 33.60
CA ARG D 413 -15.93 2.69 34.65
C ARG D 413 -16.14 1.49 35.56
N SER D 414 -16.21 0.28 34.99
CA SER D 414 -16.47 -0.91 35.80
C SER D 414 -15.26 -1.30 36.63
N GLY D 415 -14.16 -1.63 35.98
CA GLY D 415 -12.98 -2.11 36.67
C GLY D 415 -12.03 -1.05 37.18
N LEU D 416 -12.38 0.24 37.10
CA LEU D 416 -11.53 1.26 37.67
C LEU D 416 -12.33 2.15 38.61
N GLY D 417 -13.60 2.36 38.30
CA GLY D 417 -14.44 3.23 39.12
C GLY D 417 -14.07 4.69 39.03
N CYS D 418 -13.72 5.17 37.84
CA CYS D 418 -13.35 6.56 37.67
C CYS D 418 -14.58 7.45 37.74
N ASP D 419 -14.40 8.67 38.27
CA ASP D 419 -15.52 9.58 38.46
C ASP D 419 -15.69 10.56 37.33
N VAL D 420 -14.60 10.98 36.68
CA VAL D 420 -14.64 11.94 35.59
C VAL D 420 -13.99 11.30 34.37
N ILE D 421 -14.71 11.29 33.26
CA ILE D 421 -14.22 10.76 31.99
C ILE D 421 -14.24 11.87 30.95
N ILE D 422 -13.11 12.11 30.30
CA ILE D 422 -12.95 13.22 29.37
C ILE D 422 -12.76 12.67 27.96
N LEU D 423 -13.59 13.15 27.02
CA LEU D 423 -13.51 12.82 25.62
C LEU D 423 -13.09 14.09 24.86
N ASP D 424 -11.91 14.01 24.25
CA ASP D 424 -11.15 15.18 23.81
C ASP D 424 -11.60 15.71 22.46
N HIS D 425 -12.13 14.86 21.59
CA HIS D 425 -12.42 15.30 20.22
C HIS D 425 -13.48 14.36 19.67
N ILE D 426 -14.71 14.86 19.52
CA ILE D 426 -15.79 14.01 19.04
C ILE D 426 -15.92 14.06 17.51
N SER D 427 -15.28 15.03 16.85
CA SER D 427 -15.41 15.13 15.40
C SER D 427 -14.63 14.03 14.68
N ILE D 428 -13.49 13.60 15.24
CA ILE D 428 -12.73 12.49 14.66
C ILE D 428 -13.26 11.13 15.05
N VAL D 429 -14.30 11.07 15.89
CA VAL D 429 -14.96 9.80 16.14
C VAL D 429 -15.77 9.39 14.92
N VAL D 430 -16.37 10.37 14.24
CA VAL D 430 -17.13 10.11 13.02
C VAL D 430 -16.17 9.80 11.89
N SER D 431 -16.16 8.55 11.44
CA SER D 431 -15.28 8.12 10.36
C SER D 431 -16.07 7.88 9.09
N ARG D 439 -25.40 11.51 9.92
CA ARG D 439 -26.24 12.27 10.83
C ARG D 439 -26.85 11.34 11.87
N LYS D 440 -27.41 10.21 11.42
CA LYS D 440 -27.97 9.25 12.36
C LYS D 440 -26.89 8.49 13.11
N MET D 441 -25.69 8.40 12.52
CA MET D 441 -24.56 7.77 13.20
C MET D 441 -24.07 8.60 14.39
N ILE D 442 -24.38 9.89 14.40
CA ILE D 442 -24.08 10.74 15.54
C ILE D 442 -25.22 10.68 16.58
N ASP D 443 -26.47 10.55 16.12
CA ASP D 443 -27.59 10.44 17.04
C ASP D 443 -27.55 9.13 17.82
N ASN D 444 -27.19 8.03 17.15
CA ASN D 444 -27.08 6.75 17.84
C ASN D 444 -25.93 6.77 18.85
N LEU D 445 -24.82 7.41 18.49
CA LEU D 445 -23.69 7.54 19.39
C LEU D 445 -24.06 8.39 20.60
N MET D 446 -24.84 9.46 20.39
CA MET D 446 -25.18 10.33 21.51
C MET D 446 -26.21 9.68 22.43
N THR D 447 -27.15 8.91 21.87
CA THR D 447 -28.07 8.13 22.71
C THR D 447 -27.32 7.06 23.49
N LYS D 448 -26.28 6.47 22.90
CA LYS D 448 -25.51 5.44 23.59
C LYS D 448 -24.67 6.03 24.72
N LEU D 449 -24.05 7.18 24.48
CA LEU D 449 -23.31 7.85 25.55
C LEU D 449 -24.23 8.36 26.64
N LYS D 450 -25.44 8.81 26.29
CA LYS D 450 -26.40 9.26 27.29
C LYS D 450 -26.90 8.09 28.13
N GLY D 451 -27.16 6.95 27.51
CA GLY D 451 -27.54 5.76 28.27
C GLY D 451 -26.42 5.26 29.18
N PHE D 452 -25.17 5.34 28.71
CA PHE D 452 -24.03 4.98 29.54
C PHE D 452 -23.89 5.91 30.75
N ALA D 453 -23.94 7.22 30.52
CA ALA D 453 -23.82 8.17 31.62
C ALA D 453 -25.04 8.17 32.53
N LYS D 454 -26.18 7.68 32.04
CA LYS D 454 -27.36 7.59 32.88
C LYS D 454 -27.32 6.34 33.75
N SER D 455 -26.86 5.22 33.19
CA SER D 455 -26.82 3.97 33.95
C SER D 455 -25.69 3.98 34.95
N THR D 456 -24.47 4.32 34.51
CA THR D 456 -23.32 4.24 35.40
C THR D 456 -23.18 5.45 36.30
N GLY D 457 -23.76 6.59 35.93
CA GLY D 457 -23.69 7.78 36.76
C GLY D 457 -22.33 8.44 36.81
N VAL D 458 -21.61 8.46 35.70
CA VAL D 458 -20.27 9.04 35.65
C VAL D 458 -20.38 10.45 35.08
N VAL D 459 -19.45 11.32 35.49
CA VAL D 459 -19.40 12.68 35.01
C VAL D 459 -18.60 12.69 33.71
N LEU D 460 -19.26 13.02 32.60
CA LEU D 460 -18.67 12.93 31.28
C LEU D 460 -18.47 14.32 30.71
N VAL D 461 -17.27 14.60 30.21
CA VAL D 461 -16.96 15.86 29.55
C VAL D 461 -16.65 15.53 28.09
N VAL D 462 -17.25 16.27 27.17
CA VAL D 462 -17.13 16.04 25.73
C VAL D 462 -16.79 17.36 25.07
N ILE D 463 -15.75 17.37 24.22
CA ILE D 463 -15.41 18.57 23.45
C ILE D 463 -15.98 18.43 22.04
N CYS D 464 -16.67 19.46 21.56
CA CYS D 464 -17.11 19.47 20.17
C CYS D 464 -16.88 20.87 19.57
N HIS D 465 -16.99 20.95 18.25
CA HIS D 465 -16.57 22.14 17.51
C HIS D 465 -17.77 22.87 16.90
N LEU D 466 -17.48 24.03 16.32
CA LEU D 466 -18.48 24.90 15.71
C LEU D 466 -18.47 24.72 14.19
N LYS D 467 -19.55 25.18 13.56
CA LYS D 467 -19.71 25.08 12.09
C LYS D 467 -19.23 26.38 11.45
N ASN D 468 -19.12 26.38 10.12
CA ASN D 468 -18.68 27.54 9.34
C ASN D 468 -19.78 28.57 9.32
N PRO D 469 -19.54 29.79 9.80
CA PRO D 469 -20.54 30.85 9.67
C PRO D 469 -20.69 31.29 8.23
N ASP D 470 -21.93 31.59 7.84
CA ASP D 470 -22.23 31.92 6.46
C ASP D 470 -22.34 33.41 6.19
N LYS D 471 -22.31 34.25 7.21
CA LYS D 471 -22.43 35.70 7.03
C LYS D 471 -21.77 36.40 8.20
N GLY D 472 -20.96 37.42 7.90
CA GLY D 472 -20.33 38.21 8.93
C GLY D 472 -18.92 37.75 9.24
N LYS D 473 -18.49 38.08 10.45
CA LYS D 473 -17.16 37.72 10.90
C LYS D 473 -17.12 36.24 11.32
N ALA D 474 -15.92 35.77 11.65
CA ALA D 474 -15.71 34.41 12.11
C ALA D 474 -15.88 34.33 13.62
N HIS D 475 -15.88 33.10 14.13
CA HIS D 475 -16.01 32.90 15.58
C HIS D 475 -14.73 33.27 16.33
N GLU D 476 -13.63 33.48 15.63
CA GLU D 476 -12.34 33.76 16.27
C GLU D 476 -12.11 35.24 16.51
N GLU D 477 -13.03 36.11 16.10
CA GLU D 477 -12.90 37.55 16.32
C GLU D 477 -14.04 38.09 17.16
N GLY D 478 -14.46 37.32 18.16
CA GLY D 478 -15.43 37.81 19.13
C GLY D 478 -16.87 37.76 18.70
N ARG D 479 -17.21 36.89 17.74
CA ARG D 479 -18.62 36.77 17.29
C ARG D 479 -19.41 35.96 18.33
N PRO D 480 -20.57 36.42 18.83
CA PRO D 480 -21.33 35.67 19.84
C PRO D 480 -21.79 34.32 19.30
N VAL D 481 -21.31 33.26 19.95
CA VAL D 481 -21.64 31.90 19.53
C VAL D 481 -23.04 31.55 20.01
N SER D 482 -23.90 31.19 19.07
CA SER D 482 -25.25 30.74 19.39
C SER D 482 -25.23 29.25 19.73
N ILE D 483 -26.42 28.69 19.95
CA ILE D 483 -26.52 27.25 20.14
C ILE D 483 -26.74 26.53 18.82
N THR D 484 -26.98 27.28 17.74
CA THR D 484 -27.16 26.68 16.43
C THR D 484 -25.87 26.08 15.90
N ASP D 485 -24.74 26.76 16.14
CA ASP D 485 -23.45 26.38 15.57
C ASP D 485 -22.93 25.13 16.29
N LEU D 486 -23.36 23.97 15.82
CA LEU D 486 -22.81 22.69 16.24
C LEU D 486 -22.75 21.77 15.02
N ARG D 487 -21.58 21.22 14.73
CA ARG D 487 -21.42 20.41 13.53
C ARG D 487 -22.08 19.05 13.69
N GLY D 488 -22.19 18.36 12.56
CA GLY D 488 -22.66 16.99 12.56
C GLY D 488 -24.16 16.83 12.50
N SER D 489 -24.85 17.09 13.61
CA SER D 489 -26.29 16.90 13.67
C SER D 489 -26.87 17.92 14.65
N GLY D 490 -28.17 17.85 14.86
CA GLY D 490 -28.85 18.80 15.71
C GLY D 490 -29.26 18.25 17.06
N ALA D 491 -28.82 17.03 17.37
CA ALA D 491 -29.12 16.42 18.66
C ALA D 491 -27.99 16.57 19.66
N LEU D 492 -26.93 17.30 19.33
CA LEU D 492 -25.88 17.55 20.31
C LEU D 492 -26.32 18.51 21.41
N ARG D 493 -27.35 19.31 21.14
CA ARG D 493 -27.91 20.23 22.13
C ARG D 493 -29.24 19.75 22.70
N GLN D 494 -29.71 18.58 22.29
CA GLN D 494 -30.97 18.05 22.79
C GLN D 494 -30.79 16.87 23.74
N LEU D 495 -29.57 16.34 23.87
CA LEU D 495 -29.30 15.21 24.75
C LEU D 495 -28.20 15.50 25.76
N SER D 496 -27.74 16.74 25.85
CA SER D 496 -26.71 17.13 26.80
C SER D 496 -27.33 18.00 27.89
N ASP D 497 -26.61 18.12 29.00
CA ASP D 497 -27.14 18.84 30.15
C ASP D 497 -26.64 20.28 30.21
N THR D 498 -25.39 20.54 29.83
CA THR D 498 -24.89 21.90 29.85
C THR D 498 -23.85 22.09 28.76
N ILE D 499 -23.77 23.32 28.25
CA ILE D 499 -22.89 23.69 27.15
C ILE D 499 -22.14 24.95 27.56
N ILE D 500 -20.81 24.89 27.55
CA ILE D 500 -19.96 26.01 27.87
C ILE D 500 -19.21 26.42 26.62
N ALA D 501 -19.37 27.69 26.21
CA ALA D 501 -18.68 28.21 25.06
C ALA D 501 -17.61 29.20 25.50
N LEU D 502 -16.49 29.21 24.79
CA LEU D 502 -15.40 30.16 25.06
C LEU D 502 -15.11 30.95 23.79
N GLU D 503 -15.03 32.27 23.93
CA GLU D 503 -14.70 33.14 22.82
C GLU D 503 -13.54 34.05 23.19
N ARG D 504 -12.78 34.48 22.17
CA ARG D 504 -11.61 35.38 22.37
C ARG D 504 -11.23 36.00 21.01
N ASN D 505 -10.92 37.31 21.00
CA ASN D 505 -10.55 38.00 19.77
C ASN D 505 -9.10 37.64 19.43
N GLN D 506 -8.92 36.96 18.29
CA GLN D 506 -7.61 36.46 17.93
C GLN D 506 -6.76 37.53 17.27
N GLN D 507 -7.20 38.05 16.13
CA GLN D 507 -6.54 39.20 15.49
C GLN D 507 -7.15 40.50 16.01
N GLY D 508 -6.77 40.82 17.25
CA GLY D 508 -7.31 42.00 17.89
C GLY D 508 -6.30 42.78 18.71
N ASP D 509 -6.79 43.50 19.71
CA ASP D 509 -5.92 44.32 20.55
C ASP D 509 -5.21 43.49 21.63
N MET D 510 -5.96 42.65 22.35
CA MET D 510 -5.35 41.67 23.23
C MET D 510 -5.97 40.30 22.96
N PRO D 511 -5.16 39.26 22.78
CA PRO D 511 -5.68 37.95 22.38
C PRO D 511 -5.95 36.97 23.52
N ASN D 512 -5.91 37.41 24.78
CA ASN D 512 -5.98 36.48 25.90
C ASN D 512 -7.23 36.63 26.75
N LEU D 513 -7.91 37.77 26.71
CA LEU D 513 -9.10 37.98 27.52
C LEU D 513 -10.26 37.22 26.88
N VAL D 514 -10.68 36.13 27.52
CA VAL D 514 -11.73 35.27 26.99
C VAL D 514 -13.04 35.60 27.65
N LEU D 515 -14.13 35.27 26.95
CA LEU D 515 -15.49 35.38 27.46
C LEU D 515 -16.09 34.00 27.52
N VAL D 516 -16.71 33.67 28.65
CA VAL D 516 -17.30 32.36 28.89
C VAL D 516 -18.81 32.51 28.91
N ARG D 517 -19.50 31.68 28.14
CA ARG D 517 -20.94 31.77 27.98
C ARG D 517 -21.57 30.42 28.30
N ILE D 518 -22.50 30.42 29.24
CA ILE D 518 -23.33 29.25 29.51
C ILE D 518 -24.51 29.28 28.55
N LEU D 519 -24.76 28.18 27.85
CA LEU D 519 -25.80 28.16 26.83
C LEU D 519 -27.04 27.39 27.24
N LYS D 520 -26.90 26.40 28.14
CA LYS D 520 -28.08 25.61 28.55
C LYS D 520 -27.78 24.86 29.85
N CYS D 521 -28.71 24.90 30.81
CA CYS D 521 -28.54 24.20 32.08
C CYS D 521 -29.90 23.64 32.49
N ARG D 522 -29.98 22.31 32.65
CA ARG D 522 -31.25 21.72 33.03
C ARG D 522 -31.56 21.94 34.51
N PHE D 523 -30.53 22.06 35.34
CA PHE D 523 -30.75 22.06 36.78
C PHE D 523 -31.05 23.46 37.32
N THR D 524 -30.39 24.49 36.80
CA THR D 524 -30.60 25.85 37.27
C THR D 524 -31.36 26.69 36.26
N GLY D 525 -30.87 26.77 35.02
CA GLY D 525 -31.57 27.43 33.95
C GLY D 525 -30.99 28.77 33.56
N ASP D 526 -30.30 29.44 34.48
CA ASP D 526 -29.75 30.76 34.18
C ASP D 526 -28.54 30.65 33.27
N THR D 527 -28.62 31.33 32.13
CA THR D 527 -27.62 31.25 31.07
C THR D 527 -27.04 32.63 30.82
N GLY D 528 -26.09 32.70 29.89
CA GLY D 528 -25.52 33.97 29.52
C GLY D 528 -24.05 34.12 29.82
N ILE D 529 -23.59 35.36 29.94
CA ILE D 529 -22.18 35.65 30.18
C ILE D 529 -21.86 35.36 31.64
N ALA D 530 -20.81 34.57 31.88
CA ALA D 530 -20.42 34.24 33.25
C ALA D 530 -19.32 35.17 33.77
N GLY D 531 -18.18 35.17 33.10
CA GLY D 531 -17.05 35.95 33.57
C GLY D 531 -16.02 36.14 32.50
N TYR D 532 -14.79 36.44 32.95
CA TYR D 532 -13.68 36.70 32.05
C TYR D 532 -12.41 36.12 32.65
N MET D 533 -11.52 35.64 31.78
CA MET D 533 -10.24 35.09 32.20
C MET D 533 -9.14 35.58 31.28
N GLU D 534 -7.92 35.61 31.80
CA GLU D 534 -6.73 35.83 31.01
C GLU D 534 -5.91 34.55 30.98
N TYR D 535 -4.87 34.55 30.15
CA TYR D 535 -4.15 33.31 29.87
C TYR D 535 -2.88 33.14 30.69
N ASN D 536 -2.20 34.24 31.06
CA ASN D 536 -0.94 34.23 31.81
C ASN D 536 0.14 33.43 31.07
N LYS D 537 0.60 34.04 29.96
CA LYS D 537 1.55 33.45 29.02
C LYS D 537 2.79 32.82 29.65
N GLU D 538 3.21 33.30 30.83
CA GLU D 538 4.32 32.68 31.54
C GLU D 538 3.96 31.29 32.03
N THR D 539 2.90 31.18 32.83
CA THR D 539 2.58 29.91 33.49
C THR D 539 1.64 29.04 32.65
N GLY D 540 0.46 29.56 32.34
CA GLY D 540 -0.54 28.81 31.63
C GLY D 540 -1.79 28.47 32.41
N TRP D 541 -2.08 29.18 33.50
CA TRP D 541 -3.27 28.98 34.30
C TRP D 541 -4.35 29.97 33.86
N LEU D 542 -5.50 29.45 33.46
CA LEU D 542 -6.64 30.32 33.16
C LEU D 542 -7.20 30.85 34.47
N GLU D 543 -6.88 32.11 34.79
CA GLU D 543 -7.25 32.73 36.04
C GLU D 543 -8.26 33.85 35.80
N PRO D 544 -9.20 34.05 36.72
CA PRO D 544 -10.23 35.08 36.49
C PRO D 544 -9.69 36.48 36.71
N SER D 545 -10.34 37.44 36.06
CA SER D 545 -9.99 38.86 36.17
C SER D 545 -11.26 39.69 36.16
N SER D 546 -11.10 40.99 36.35
CA SER D 546 -12.22 41.92 36.43
C SER D 546 -12.41 42.63 35.11
N TYR D 547 -13.66 42.73 34.66
CA TYR D 547 -14.00 43.46 33.44
C TYR D 547 -15.46 43.86 33.53
N SER D 548 -15.75 45.13 33.22
CA SER D 548 -17.12 45.62 33.36
C SER D 548 -17.92 45.39 32.09
N GLY D 549 -17.46 45.94 30.96
CA GLY D 549 -18.16 45.79 29.70
C GLY D 549 -17.50 46.57 28.58
N VAL E 285 -66.36 21.03 27.95
CA VAL E 285 -65.11 21.76 28.04
C VAL E 285 -63.97 20.80 28.36
N GLY E 286 -64.07 20.10 29.49
CA GLY E 286 -63.10 19.09 29.84
C GLY E 286 -62.01 19.58 30.77
N LEU E 287 -60.80 19.08 30.58
CA LEU E 287 -59.68 19.40 31.45
C LEU E 287 -59.15 20.80 31.16
N LEU E 288 -58.81 21.53 32.21
CA LEU E 288 -58.30 22.88 32.10
C LEU E 288 -56.79 22.91 32.36
N PHE E 289 -56.17 24.00 31.91
CA PHE E 289 -54.75 24.23 32.13
C PHE E 289 -54.54 25.25 33.25
N SER E 290 -53.48 25.04 34.01
CA SER E 290 -53.08 25.96 35.08
C SER E 290 -51.92 26.80 34.59
N GLY E 291 -52.07 28.11 34.65
CA GLY E 291 -51.13 29.00 33.97
C GLY E 291 -51.51 29.20 32.52
N CYS E 292 -51.15 30.38 32.00
CA CYS E 292 -51.48 30.91 30.67
C CYS E 292 -52.97 30.70 30.33
N THR E 293 -53.80 31.46 31.05
CA THR E 293 -55.24 31.28 31.03
C THR E 293 -55.93 31.77 29.75
N GLY E 294 -55.16 32.13 28.73
CA GLY E 294 -55.70 32.33 27.41
C GLY E 294 -55.84 31.07 26.58
N ILE E 295 -55.36 29.95 27.09
CA ILE E 295 -55.47 28.69 26.35
C ILE E 295 -56.91 28.18 26.37
N ASN E 296 -57.48 28.03 27.57
CA ASN E 296 -58.88 27.63 27.69
C ASN E 296 -59.83 28.76 27.31
N ASP E 297 -59.34 29.97 27.11
CA ASP E 297 -60.10 31.01 26.43
C ASP E 297 -60.13 30.80 24.92
N LYS E 298 -59.14 30.12 24.36
CA LYS E 298 -58.99 29.97 22.91
C LYS E 298 -59.41 28.59 22.41
N THR E 299 -58.81 27.53 22.94
CA THR E 299 -59.16 26.17 22.55
C THR E 299 -60.02 25.44 23.57
N LEU E 300 -60.45 26.15 24.63
CA LEU E 300 -61.40 25.67 25.64
C LEU E 300 -60.88 24.43 26.38
N GLY E 301 -59.58 24.42 26.66
CA GLY E 301 -58.99 23.34 27.42
C GLY E 301 -58.86 22.05 26.63
N ALA E 302 -58.45 21.01 27.34
CA ALA E 302 -58.27 19.69 26.76
C ALA E 302 -59.55 18.86 26.87
N ARG E 303 -59.67 17.88 25.98
CA ARG E 303 -60.83 16.99 25.93
C ARG E 303 -60.35 15.55 25.79
N GLY E 304 -61.32 14.62 25.85
CA GLY E 304 -60.98 13.21 25.82
C GLY E 304 -60.68 12.74 24.40
N GLY E 305 -59.72 11.81 24.31
CA GLY E 305 -59.31 11.26 23.03
C GLY E 305 -58.35 12.12 22.23
N GLU E 306 -57.81 13.17 22.81
CA GLU E 306 -56.96 14.11 22.09
C GLU E 306 -55.49 13.71 22.19
N VAL E 307 -54.70 14.25 21.26
CA VAL E 307 -53.24 14.09 21.25
C VAL E 307 -52.65 15.49 21.32
N ILE E 308 -52.05 15.82 22.46
CA ILE E 308 -51.52 17.15 22.73
C ILE E 308 -50.02 17.10 22.54
N MET E 309 -49.47 18.05 21.78
CA MET E 309 -48.04 18.12 21.54
C MET E 309 -47.50 19.45 22.04
N VAL E 310 -46.35 19.41 22.69
CA VAL E 310 -45.64 20.61 23.15
C VAL E 310 -44.32 20.67 22.39
N THR E 311 -44.17 21.67 21.54
CA THR E 311 -43.02 21.79 20.65
C THR E 311 -42.22 23.03 21.04
N SER E 312 -41.00 22.82 21.52
CA SER E 312 -40.11 23.93 21.85
C SER E 312 -38.67 23.50 21.64
N GLY E 313 -37.75 24.47 21.72
CA GLY E 313 -36.35 24.22 21.51
C GLY E 313 -35.66 23.71 22.76
N SER E 314 -34.33 23.74 22.71
CA SER E 314 -33.51 23.28 23.83
C SER E 314 -33.40 24.40 24.87
N GLY E 315 -33.77 24.10 26.10
CA GLY E 315 -33.73 25.08 27.17
C GLY E 315 -34.94 25.97 27.27
N MET E 316 -36.10 25.53 26.75
CA MET E 316 -37.29 26.35 26.77
C MET E 316 -38.27 25.97 27.87
N GLY E 317 -38.14 24.79 28.46
CA GLY E 317 -38.99 24.42 29.58
C GLY E 317 -40.20 23.57 29.20
N LYS E 318 -39.93 22.47 28.49
CA LYS E 318 -41.02 21.56 28.04
C LYS E 318 -41.37 20.55 29.14
N SER E 319 -40.37 20.12 29.93
CA SER E 319 -40.59 19.15 30.99
C SER E 319 -41.21 19.80 32.22
N THR E 320 -40.81 21.04 32.53
CA THR E 320 -41.41 21.76 33.64
C THR E 320 -42.87 22.10 33.36
N PHE E 321 -43.18 22.50 32.12
CA PHE E 321 -44.55 22.84 31.74
C PHE E 321 -45.46 21.61 31.75
N VAL E 322 -44.93 20.45 31.36
CA VAL E 322 -45.78 19.26 31.41
C VAL E 322 -45.84 18.69 32.83
N ARG E 323 -44.79 18.93 33.61
CA ARG E 323 -44.73 18.48 35.02
C ARG E 323 -45.81 19.22 35.82
N GLN E 324 -45.95 20.53 35.60
CA GLN E 324 -46.96 21.33 36.28
C GLN E 324 -48.36 20.83 35.96
N GLN E 325 -48.61 20.44 34.70
CA GLN E 325 -49.92 19.91 34.35
C GLN E 325 -50.12 18.50 34.88
N ALA E 326 -49.03 17.75 35.10
CA ALA E 326 -49.14 16.47 35.79
C ALA E 326 -49.49 16.68 37.26
N LEU E 327 -48.93 17.73 37.88
CA LEU E 327 -49.22 18.00 39.29
C LEU E 327 -50.64 18.52 39.48
N GLN E 328 -51.11 19.37 38.56
CA GLN E 328 -52.43 19.98 38.70
C GLN E 328 -53.58 19.08 38.23
N TRP E 329 -53.29 17.86 37.79
CA TRP E 329 -54.33 16.93 37.37
C TRP E 329 -54.38 15.68 38.24
N GLY E 330 -53.64 15.64 39.33
CA GLY E 330 -53.59 14.47 40.18
C GLY E 330 -54.15 14.69 41.57
N THR E 331 -54.19 15.96 42.01
CA THR E 331 -54.72 16.33 43.31
C THR E 331 -56.00 17.14 43.20
N ALA E 332 -56.03 18.13 42.32
CA ALA E 332 -57.21 18.98 42.18
C ALA E 332 -58.25 18.41 41.24
N MET E 333 -57.87 17.44 40.39
CA MET E 333 -58.79 16.84 39.44
C MET E 333 -59.26 15.45 39.84
N GLY E 334 -58.42 14.68 40.52
CA GLY E 334 -58.78 13.33 40.93
C GLY E 334 -58.63 12.29 39.85
N LYS E 335 -57.86 12.56 38.80
CA LYS E 335 -57.71 11.66 37.68
C LYS E 335 -56.40 10.90 37.75
N LYS E 336 -56.45 9.62 37.39
CA LYS E 336 -55.25 8.78 37.38
C LYS E 336 -54.33 9.21 36.23
N VAL E 337 -53.07 9.45 36.55
CA VAL E 337 -52.11 9.98 35.58
C VAL E 337 -50.98 8.96 35.42
N GLY E 338 -50.74 8.53 34.18
CA GLY E 338 -49.68 7.61 33.86
C GLY E 338 -48.48 8.29 33.22
N LEU E 339 -47.37 8.34 33.93
CA LEU E 339 -46.16 9.01 33.47
C LEU E 339 -45.26 8.02 32.74
N ALA E 340 -44.47 8.55 31.80
CA ALA E 340 -43.42 7.75 31.13
C ALA E 340 -42.19 8.63 30.97
N MET E 341 -41.31 8.59 31.96
CA MET E 341 -40.06 9.36 31.95
C MET E 341 -39.01 8.56 31.19
N LEU E 342 -39.04 8.68 29.86
CA LEU E 342 -38.01 8.09 29.02
C LEU E 342 -36.72 8.90 29.04
N GLN E 343 -36.81 10.20 29.36
CA GLN E 343 -35.62 11.09 29.35
C GLN E 343 -34.90 11.05 30.70
N GLU E 344 -35.64 11.24 31.80
CA GLU E 344 -35.03 11.29 33.16
C GLU E 344 -35.42 10.03 33.93
N SER E 345 -34.94 9.92 35.17
CA SER E 345 -35.23 8.78 36.03
C SER E 345 -36.49 9.02 36.86
N VAL E 346 -36.86 8.00 37.64
CA VAL E 346 -38.05 8.09 38.49
C VAL E 346 -37.80 8.78 39.81
N GLU E 347 -36.54 8.97 40.20
CA GLU E 347 -36.25 9.62 41.47
C GLU E 347 -36.32 11.14 41.36
N GLU E 348 -35.88 11.68 40.23
CA GLU E 348 -35.89 13.13 40.04
C GLU E 348 -37.29 13.65 39.78
N THR E 349 -38.09 12.92 38.99
CA THR E 349 -39.44 13.37 38.68
C THR E 349 -40.41 13.20 39.84
N ALA E 350 -40.02 12.49 40.90
CA ALA E 350 -40.83 12.45 42.11
C ALA E 350 -40.42 13.55 43.08
N GLU E 351 -39.10 13.78 43.23
CA GLU E 351 -38.63 14.87 44.08
C GLU E 351 -39.04 16.23 43.54
N ASP E 352 -39.17 16.31 42.21
CA ASP E 352 -39.59 17.57 41.53
C ASP E 352 -41.05 17.86 41.93
N LEU E 353 -41.89 16.83 41.94
CA LEU E 353 -43.30 17.00 42.31
C LEU E 353 -43.46 17.30 43.80
N ILE E 354 -42.68 16.62 44.64
CA ILE E 354 -42.72 16.87 46.09
C ILE E 354 -42.27 18.29 46.40
N GLY E 355 -41.27 18.79 45.69
CA GLY E 355 -40.84 20.16 45.90
C GLY E 355 -41.82 21.18 45.34
N LEU E 356 -42.41 20.89 44.18
CA LEU E 356 -43.25 21.86 43.50
C LEU E 356 -44.60 22.01 44.19
N HIS E 357 -45.11 20.94 44.80
CA HIS E 357 -46.38 21.04 45.53
C HIS E 357 -46.23 21.86 46.79
N ASN E 358 -45.05 21.88 47.40
CA ASN E 358 -44.81 22.58 48.65
C ASN E 358 -44.09 23.91 48.46
N ARG E 359 -44.11 24.48 47.24
CA ARG E 359 -43.55 25.79 46.89
C ARG E 359 -42.05 25.89 47.15
N VAL E 360 -41.31 24.79 47.07
CA VAL E 360 -39.89 24.79 47.43
C VAL E 360 -39.09 24.21 46.27
N ARG E 361 -38.11 24.96 45.79
CA ARG E 361 -37.13 24.42 44.85
C ARG E 361 -36.27 23.42 45.59
N LEU E 362 -36.57 22.13 45.41
CA LEU E 362 -36.07 21.08 46.28
C LEU E 362 -34.73 20.51 45.84
N ARG E 363 -34.60 20.20 44.54
CA ARG E 363 -33.42 19.50 44.04
C ARG E 363 -32.20 20.39 43.92
N GLN E 364 -32.32 21.69 44.16
CA GLN E 364 -31.23 22.64 43.92
C GLN E 364 -30.74 23.33 45.18
N SER E 365 -31.42 23.19 46.30
CA SER E 365 -31.00 23.75 47.58
C SER E 365 -30.36 22.65 48.41
N ASP E 366 -29.04 22.74 48.61
CA ASP E 366 -28.30 21.68 49.28
C ASP E 366 -28.60 21.65 50.78
N SER E 367 -28.83 22.82 51.39
CA SER E 367 -29.05 22.87 52.84
C SER E 367 -30.41 22.31 53.20
N LEU E 368 -31.42 22.55 52.36
CA LEU E 368 -32.77 22.07 52.66
C LEU E 368 -32.91 20.58 52.39
N LYS E 369 -32.05 20.00 51.55
CA LYS E 369 -32.09 18.56 51.32
C LYS E 369 -31.60 17.78 52.53
N ARG E 370 -30.71 18.37 53.34
CA ARG E 370 -30.26 17.73 54.57
C ARG E 370 -30.98 18.26 55.80
N GLU E 371 -31.69 19.38 55.68
CA GLU E 371 -32.42 19.93 56.84
C GLU E 371 -33.64 19.08 57.17
N ILE E 372 -34.42 18.68 56.14
CA ILE E 372 -35.67 17.97 56.38
C ILE E 372 -35.46 16.46 56.54
N ILE E 373 -34.22 15.99 56.57
CA ILE E 373 -33.95 14.57 56.76
C ILE E 373 -32.90 14.39 57.84
N LYS E 377 -40.72 15.49 58.85
CA LYS E 377 -41.55 16.39 58.06
C LYS E 377 -41.51 16.01 56.58
N PHE E 378 -40.53 15.17 56.22
CA PHE E 378 -40.46 14.70 54.84
C PHE E 378 -41.53 13.66 54.55
N ASP E 379 -41.85 12.80 55.52
CA ASP E 379 -42.90 11.81 55.32
C ASP E 379 -44.28 12.45 55.27
N GLN E 380 -44.47 13.56 56.00
CA GLN E 380 -45.71 14.31 55.90
C GLN E 380 -45.86 14.95 54.53
N TRP E 381 -44.74 15.39 53.94
CA TRP E 381 -44.78 15.86 52.56
C TRP E 381 -44.94 14.72 51.57
N PHE E 382 -44.53 13.51 51.95
CA PHE E 382 -44.59 12.37 51.04
C PHE E 382 -46.01 11.82 50.94
N ASP E 383 -46.65 11.57 52.08
CA ASP E 383 -48.00 11.00 52.05
C ASP E 383 -49.08 12.01 51.74
N GLU E 384 -48.74 13.31 51.65
CA GLU E 384 -49.69 14.33 51.25
C GLU E 384 -50.08 14.19 49.78
N LEU E 385 -49.12 13.80 48.93
CA LEU E 385 -49.36 13.70 47.50
C LEU E 385 -49.15 12.30 46.94
N PHE E 386 -48.45 11.42 47.63
CA PHE E 386 -48.30 10.02 47.23
C PHE E 386 -49.01 9.07 48.19
N GLY E 387 -49.86 9.59 49.07
CA GLY E 387 -50.62 8.73 49.96
C GLY E 387 -51.75 8.00 49.25
N ASN E 388 -52.20 8.50 48.10
CA ASN E 388 -53.24 7.86 47.33
C ASN E 388 -52.60 6.92 46.30
N ASP E 389 -53.40 6.43 45.36
CA ASP E 389 -52.93 5.59 44.25
C ASP E 389 -53.13 6.34 42.93
N THR E 390 -52.84 7.64 42.94
CA THR E 390 -53.10 8.47 41.77
C THR E 390 -51.96 8.37 40.75
N PHE E 391 -50.75 8.72 41.17
CA PHE E 391 -49.61 8.76 40.25
C PHE E 391 -49.01 7.37 40.06
N HIS E 392 -48.55 7.12 38.84
CA HIS E 392 -47.84 5.89 38.50
C HIS E 392 -46.74 6.23 37.51
N LEU E 393 -45.49 6.04 37.90
CA LEU E 393 -44.35 6.38 37.07
C LEU E 393 -43.96 5.20 36.18
N TYR E 394 -42.83 5.35 35.49
CA TYR E 394 -42.28 4.29 34.66
C TYR E 394 -40.77 4.43 34.64
N ASP E 395 -40.07 3.33 34.92
CA ASP E 395 -38.62 3.33 34.95
C ASP E 395 -38.07 3.29 33.53
N ARG E 404 -42.55 -2.81 23.04
CA ARG E 404 -42.39 -3.08 24.46
C ARG E 404 -43.03 -1.97 25.29
N LEU E 405 -42.93 -0.74 24.80
CA LEU E 405 -43.51 0.39 25.53
C LEU E 405 -45.03 0.43 25.38
N LEU E 406 -45.54 0.02 24.21
CA LEU E 406 -46.97 0.03 23.97
C LEU E 406 -47.70 -1.01 24.81
N ALA E 407 -47.04 -2.12 25.14
CA ALA E 407 -47.63 -3.09 26.05
C ALA E 407 -47.76 -2.51 27.46
N LYS E 408 -46.76 -1.74 27.89
CA LYS E 408 -46.84 -1.07 29.19
C LYS E 408 -47.92 -0.01 29.20
N LEU E 409 -48.08 0.72 28.09
CA LEU E 409 -49.13 1.75 28.03
C LEU E 409 -50.52 1.14 27.98
N ALA E 410 -50.67 0.01 27.28
CA ALA E 410 -51.95 -0.68 27.26
C ALA E 410 -52.27 -1.32 28.60
N TYR E 411 -51.24 -1.74 29.35
CA TYR E 411 -51.50 -2.23 30.70
C TYR E 411 -51.85 -1.09 31.66
N MET E 412 -51.27 0.10 31.45
CA MET E 412 -51.64 1.24 32.27
C MET E 412 -53.03 1.74 31.96
N ARG E 413 -53.49 1.59 30.71
CA ARG E 413 -54.85 1.99 30.39
C ARG E 413 -55.88 0.96 30.87
N SER E 414 -55.58 -0.33 30.68
CA SER E 414 -56.55 -1.37 31.03
C SER E 414 -56.49 -1.72 32.51
N GLY E 415 -55.32 -2.19 32.97
CA GLY E 415 -55.21 -2.70 34.33
C GLY E 415 -55.16 -1.66 35.43
N LEU E 416 -54.90 -0.41 35.10
CA LEU E 416 -54.79 0.64 36.11
C LEU E 416 -55.88 1.70 36.02
N GLY E 417 -56.31 2.07 34.82
CA GLY E 417 -57.35 3.07 34.68
C GLY E 417 -56.85 4.50 34.58
N CYS E 418 -55.76 4.72 33.87
CA CYS E 418 -55.21 6.07 33.73
C CYS E 418 -55.90 6.81 32.59
N ASP E 419 -56.15 8.10 32.81
CA ASP E 419 -56.83 8.93 31.82
C ASP E 419 -55.92 9.96 31.17
N VAL E 420 -54.78 10.28 31.77
CA VAL E 420 -53.81 11.21 31.19
C VAL E 420 -52.46 10.51 31.14
N ILE E 421 -52.00 10.16 29.94
CA ILE E 421 -50.73 9.49 29.74
C ILE E 421 -49.74 10.51 29.19
N ILE E 422 -48.60 10.64 29.85
CA ILE E 422 -47.58 11.61 29.49
C ILE E 422 -46.35 10.87 28.98
N LEU E 423 -45.91 11.22 27.77
CA LEU E 423 -44.70 10.70 27.15
C LEU E 423 -43.69 11.83 27.06
N ASP E 424 -42.54 11.66 27.73
CA ASP E 424 -41.61 12.74 28.02
C ASP E 424 -40.60 12.96 26.91
N HIS E 425 -40.19 11.91 26.20
CA HIS E 425 -39.16 12.06 25.19
C HIS E 425 -39.40 11.04 24.09
N ILE E 426 -39.54 11.51 22.86
CA ILE E 426 -39.91 10.66 21.73
C ILE E 426 -38.73 10.41 20.78
N SER E 427 -37.67 11.21 20.84
CA SER E 427 -36.60 11.14 19.84
C SER E 427 -35.68 9.94 20.04
N ILE E 428 -35.80 9.21 21.14
CA ILE E 428 -34.94 8.05 21.38
C ILE E 428 -35.58 6.80 20.80
N VAL E 429 -36.75 6.94 20.19
CA VAL E 429 -37.43 5.81 19.56
C VAL E 429 -37.58 6.05 18.06
N ARG E 439 -37.99 7.44 9.01
CA ARG E 439 -39.28 7.99 8.59
C ARG E 439 -40.37 6.95 8.84
N LYS E 440 -40.01 5.66 8.70
CA LYS E 440 -40.99 4.60 8.88
C LYS E 440 -41.28 4.34 10.36
N MET E 441 -40.23 4.30 11.19
CA MET E 441 -40.37 3.97 12.60
C MET E 441 -41.03 5.07 13.41
N ILE E 442 -41.07 6.30 12.91
CA ILE E 442 -41.74 7.39 13.58
C ILE E 442 -43.21 7.48 13.18
N ASP E 443 -43.49 7.38 11.87
CA ASP E 443 -44.88 7.47 11.41
C ASP E 443 -45.68 6.22 11.78
N ASN E 444 -45.03 5.05 11.77
CA ASN E 444 -45.69 3.83 12.22
C ASN E 444 -46.03 3.90 13.70
N LEU E 445 -45.13 4.47 14.50
CA LEU E 445 -45.38 4.66 15.92
C LEU E 445 -46.50 5.66 16.16
N MET E 446 -46.55 6.73 15.36
CA MET E 446 -47.62 7.73 15.51
C MET E 446 -48.97 7.17 15.10
N THR E 447 -49.02 6.36 14.04
CA THR E 447 -50.28 5.72 13.66
C THR E 447 -50.72 4.68 14.68
N LYS E 448 -49.78 3.96 15.29
CA LYS E 448 -50.14 2.98 16.32
C LYS E 448 -50.67 3.68 17.57
N LEU E 449 -50.04 4.77 18.00
CA LEU E 449 -50.55 5.55 19.13
C LEU E 449 -51.89 6.21 18.81
N LYS E 450 -52.11 6.60 17.55
CA LYS E 450 -53.38 7.19 17.16
C LYS E 450 -54.50 6.16 17.18
N GLY E 451 -54.21 4.94 16.70
CA GLY E 451 -55.18 3.86 16.80
C GLY E 451 -55.47 3.47 18.23
N PHE E 452 -54.46 3.52 19.10
CA PHE E 452 -54.67 3.26 20.51
C PHE E 452 -55.54 4.32 21.17
N ALA E 453 -55.28 5.60 20.86
CA ALA E 453 -56.09 6.68 21.44
C ALA E 453 -57.50 6.69 20.86
N LYS E 454 -57.69 6.20 19.64
CA LYS E 454 -59.03 6.08 19.09
C LYS E 454 -59.78 4.91 19.71
N SER E 455 -59.07 3.82 20.00
CA SER E 455 -59.72 2.65 20.59
C SER E 455 -60.09 2.89 22.04
N THR E 456 -59.21 3.57 22.80
CA THR E 456 -59.45 3.76 24.22
C THR E 456 -60.15 5.07 24.53
N GLY E 457 -59.66 6.18 23.99
CA GLY E 457 -60.17 7.48 24.39
C GLY E 457 -59.44 8.07 25.58
N VAL E 458 -58.11 7.98 25.58
CA VAL E 458 -57.28 8.48 26.68
C VAL E 458 -56.63 9.79 26.23
N VAL E 459 -56.51 10.73 27.17
CA VAL E 459 -55.77 11.95 26.89
C VAL E 459 -54.28 11.63 26.88
N LEU E 460 -53.58 12.09 25.84
CA LEU E 460 -52.19 11.74 25.61
C LEU E 460 -51.39 13.00 25.34
N VAL E 461 -50.35 13.24 26.15
CA VAL E 461 -49.49 14.41 26.00
C VAL E 461 -48.07 13.94 25.74
N VAL E 462 -47.56 14.22 24.54
CA VAL E 462 -46.29 13.71 24.07
C VAL E 462 -45.38 14.90 23.72
N ILE E 463 -44.14 14.86 24.18
CA ILE E 463 -43.16 15.92 23.90
C ILE E 463 -42.32 15.51 22.69
N CYS E 464 -42.17 16.43 21.72
CA CYS E 464 -41.24 16.28 20.61
C CYS E 464 -40.40 17.55 20.47
N HIS E 465 -39.42 17.51 19.59
CA HIS E 465 -38.43 18.57 19.45
C HIS E 465 -38.62 19.35 18.14
N LEU E 466 -37.76 20.35 17.94
CA LEU E 466 -37.75 21.20 16.76
C LEU E 466 -36.55 20.86 15.88
N LYS E 467 -36.61 21.31 14.62
CA LYS E 467 -35.51 21.11 13.71
C LYS E 467 -34.49 22.24 13.85
N ASN E 468 -33.48 22.23 12.97
CA ASN E 468 -32.44 23.25 12.97
C ASN E 468 -32.78 24.28 11.90
N PRO E 469 -32.97 25.54 12.26
CA PRO E 469 -33.25 26.56 11.24
C PRO E 469 -31.99 26.88 10.44
N ASP E 470 -32.20 27.21 9.16
CA ASP E 470 -31.09 27.43 8.23
C ASP E 470 -30.80 28.90 7.94
N LYS E 471 -31.69 29.81 8.31
CA LYS E 471 -31.49 31.23 8.04
C LYS E 471 -32.20 32.05 9.10
N GLY E 472 -31.49 33.01 9.66
CA GLY E 472 -32.03 33.89 10.68
C GLY E 472 -31.59 33.50 12.07
N LYS E 473 -32.28 34.08 13.05
CA LYS E 473 -32.00 33.74 14.44
C LYS E 473 -32.56 32.36 14.76
N ALA E 474 -32.11 31.83 15.90
CA ALA E 474 -32.57 30.52 16.34
C ALA E 474 -33.89 30.64 17.09
N HIS E 475 -34.43 29.49 17.48
CA HIS E 475 -35.68 29.45 18.23
C HIS E 475 -35.50 29.95 19.66
N GLU E 476 -34.27 29.94 20.17
CA GLU E 476 -33.98 30.34 21.55
C GLU E 476 -33.90 31.85 21.73
N GLU E 477 -33.96 32.61 20.63
CA GLU E 477 -33.77 34.09 20.74
C GLU E 477 -34.98 34.90 20.26
N GLY E 478 -36.18 34.30 20.26
CA GLY E 478 -37.37 35.04 19.87
C GLY E 478 -37.89 34.77 18.47
N ARG E 479 -37.39 33.77 17.77
CA ARG E 479 -38.00 33.47 16.48
C ARG E 479 -39.30 32.70 16.70
N PRO E 480 -40.39 33.10 16.06
CA PRO E 480 -41.65 32.37 16.25
C PRO E 480 -41.62 30.99 15.59
N VAL E 481 -41.99 29.99 16.37
CA VAL E 481 -41.99 28.61 15.89
C VAL E 481 -43.16 28.41 14.94
N SER E 482 -42.85 28.14 13.67
CA SER E 482 -43.89 27.90 12.68
C SER E 482 -44.30 26.43 12.70
N ILE E 483 -45.22 26.08 11.80
CA ILE E 483 -45.71 24.70 11.74
C ILE E 483 -44.73 23.78 11.03
N THR E 484 -43.78 24.35 10.28
CA THR E 484 -42.84 23.54 9.50
C THR E 484 -41.79 22.88 10.40
N ASP E 485 -41.41 23.55 11.49
CA ASP E 485 -40.27 23.12 12.32
C ASP E 485 -40.64 21.91 13.16
N LEU E 486 -40.64 20.74 12.51
CA LEU E 486 -40.82 19.47 13.20
C LEU E 486 -39.89 18.43 12.57
N ARG E 487 -39.19 17.68 13.41
CA ARG E 487 -38.25 16.68 12.93
C ARG E 487 -38.98 15.42 12.49
N GLY E 488 -38.21 14.43 12.03
CA GLY E 488 -38.74 13.12 11.72
C GLY E 488 -39.43 13.05 10.37
N SER E 489 -40.64 13.58 10.29
CA SER E 489 -41.42 13.57 9.05
C SER E 489 -42.45 14.69 9.14
N GLY E 490 -43.39 14.69 8.20
CA GLY E 490 -44.46 15.66 8.16
C GLY E 490 -45.77 15.21 8.75
N ALA E 491 -45.82 13.99 9.31
CA ALA E 491 -47.05 13.49 9.90
C ALA E 491 -47.23 13.94 11.34
N LEU E 492 -46.27 14.66 11.92
CA LEU E 492 -46.41 15.13 13.29
C LEU E 492 -47.35 16.34 13.38
N ARG E 493 -47.52 17.08 12.29
CA ARG E 493 -48.46 18.20 12.26
C ARG E 493 -49.77 17.84 11.58
N GLN E 494 -50.01 16.56 11.31
CA GLN E 494 -51.24 16.12 10.67
C GLN E 494 -52.04 15.11 11.47
N LEU E 495 -51.41 14.39 12.39
CA LEU E 495 -52.09 13.34 13.14
C LEU E 495 -52.41 13.72 14.58
N SER E 496 -51.87 14.83 15.07
CA SER E 496 -52.16 15.30 16.42
C SER E 496 -53.40 16.19 16.40
N ASP E 497 -53.77 16.70 17.57
CA ASP E 497 -54.94 17.56 17.68
C ASP E 497 -54.63 18.99 18.11
N THR E 498 -53.64 19.21 18.97
CA THR E 498 -53.24 20.56 19.29
C THR E 498 -51.74 20.61 19.51
N ILE E 499 -51.15 21.77 19.17
CA ILE E 499 -49.71 21.99 19.25
C ILE E 499 -49.49 23.30 20.00
N ILE E 500 -48.74 23.22 21.10
CA ILE E 500 -48.46 24.37 21.96
C ILE E 500 -46.96 24.65 21.91
N ALA E 501 -46.60 25.88 21.60
CA ALA E 501 -45.21 26.29 21.47
C ALA E 501 -44.88 27.34 22.52
N LEU E 502 -43.66 27.26 23.05
CA LEU E 502 -43.17 28.17 24.08
C LEU E 502 -41.99 28.95 23.53
N GLU E 503 -42.02 30.28 23.68
CA GLU E 503 -40.94 31.12 23.19
C GLU E 503 -40.47 32.06 24.29
N ARG E 504 -39.15 32.12 24.49
CA ARG E 504 -38.54 32.99 25.53
C ARG E 504 -37.16 33.46 25.07
N ASN E 505 -36.84 34.73 25.31
CA ASN E 505 -35.55 35.29 24.91
C ASN E 505 -34.52 34.80 25.91
N GLN E 506 -33.75 33.78 25.50
CA GLN E 506 -32.70 33.20 26.37
C GLN E 506 -31.62 34.27 26.60
N GLN E 507 -30.89 34.62 25.53
CA GLN E 507 -29.86 35.66 25.61
C GLN E 507 -30.50 37.04 25.47
N GLY E 508 -31.27 37.40 26.48
CA GLY E 508 -31.98 38.68 26.46
C GLY E 508 -31.83 39.48 27.73
N ASP E 509 -32.72 40.48 27.87
CA ASP E 509 -32.76 41.35 29.08
C ASP E 509 -33.29 40.49 30.23
N MET E 510 -34.48 39.90 30.04
CA MET E 510 -35.03 39.00 31.04
C MET E 510 -35.30 37.66 30.40
N PRO E 511 -34.90 36.55 31.02
CA PRO E 511 -35.14 35.22 30.47
C PRO E 511 -36.40 34.52 30.99
N ASN E 512 -37.23 35.21 31.77
CA ASN E 512 -38.30 34.53 32.48
C ASN E 512 -39.67 35.05 32.07
N LEU E 513 -39.90 35.20 30.76
CA LEU E 513 -41.21 35.63 30.26
C LEU E 513 -41.49 34.83 28.99
N VAL E 514 -42.24 33.75 29.13
CA VAL E 514 -42.55 32.87 28.01
C VAL E 514 -43.85 33.31 27.37
N LEU E 515 -43.90 33.21 26.04
CA LEU E 515 -45.10 33.41 25.25
C LEU E 515 -45.55 32.04 24.73
N VAL E 516 -46.86 31.85 24.73
CA VAL E 516 -47.47 30.58 24.37
C VAL E 516 -48.19 30.74 23.05
N ARG E 517 -47.97 29.82 22.12
CA ARG E 517 -48.54 29.88 20.78
C ARG E 517 -49.34 28.61 20.51
N ILE E 518 -50.55 28.78 19.99
CA ILE E 518 -51.38 27.68 19.52
C ILE E 518 -51.15 27.54 18.02
N LEU E 519 -50.85 26.31 17.58
CA LEU E 519 -50.60 26.07 16.15
C LEU E 519 -51.74 25.37 15.45
N LYS E 520 -52.53 24.55 16.15
CA LYS E 520 -53.62 23.83 15.53
C LYS E 520 -54.66 23.51 16.58
N CYS E 521 -55.94 23.54 16.18
CA CYS E 521 -57.04 23.13 17.03
C CYS E 521 -58.15 22.58 16.15
N ARG E 522 -58.56 21.34 16.42
CA ARG E 522 -59.60 20.66 15.60
C ARG E 522 -61.01 21.00 16.10
N PHE E 523 -61.13 21.57 17.30
CA PHE E 523 -62.46 21.91 17.83
C PHE E 523 -62.79 23.38 17.63
N THR E 524 -61.93 24.27 18.14
CA THR E 524 -62.18 25.71 18.02
C THR E 524 -61.55 26.30 16.76
N GLY E 525 -60.29 25.97 16.48
CA GLY E 525 -59.63 26.40 15.26
C GLY E 525 -58.82 27.67 15.33
N ASP E 526 -59.18 28.59 16.23
CA ASP E 526 -58.50 29.87 16.32
C ASP E 526 -57.10 29.71 16.90
N THR E 527 -56.12 30.29 16.22
CA THR E 527 -54.71 30.21 16.60
C THR E 527 -54.15 31.61 16.80
N GLY E 528 -52.95 31.67 17.36
CA GLY E 528 -52.25 32.93 17.54
C GLY E 528 -51.58 33.00 18.90
N ILE E 529 -51.38 34.24 19.36
CA ILE E 529 -50.68 34.50 20.62
C ILE E 529 -51.66 34.32 21.77
N ALA E 530 -51.24 33.55 22.79
CA ALA E 530 -52.11 33.27 23.93
C ALA E 530 -51.90 34.26 25.07
N GLY E 531 -50.69 34.33 25.60
CA GLY E 531 -50.44 35.21 26.73
C GLY E 531 -48.98 35.28 27.10
N TYR E 532 -48.74 35.54 28.38
CA TYR E 532 -47.40 35.73 28.92
C TYR E 532 -47.34 35.10 30.30
N MET E 533 -46.32 34.27 30.53
CA MET E 533 -46.11 33.68 31.85
C MET E 533 -44.72 34.00 32.36
N GLU E 534 -44.62 34.17 33.67
CA GLU E 534 -43.34 34.31 34.37
C GLU E 534 -43.06 33.06 35.18
N TYR E 535 -41.78 32.87 35.52
CA TYR E 535 -41.33 31.63 36.12
C TYR E 535 -41.22 31.67 37.64
N ASN E 536 -40.89 32.84 38.22
CA ASN E 536 -40.77 33.04 39.67
C ASN E 536 -39.72 32.09 40.28
N LYS E 537 -38.46 32.42 39.96
CA LYS E 537 -37.27 31.61 40.31
C LYS E 537 -37.20 31.21 41.79
N GLU E 538 -37.82 31.99 42.69
CA GLU E 538 -37.89 31.60 44.10
C GLU E 538 -38.78 30.37 44.28
N THR E 539 -39.89 30.30 43.53
CA THR E 539 -40.86 29.23 43.70
C THR E 539 -40.74 28.15 42.63
N GLY E 540 -40.85 28.55 41.36
CA GLY E 540 -40.79 27.62 40.26
C GLY E 540 -42.11 27.35 39.55
N TRP E 541 -43.19 28.05 39.92
CA TRP E 541 -44.47 27.90 39.26
C TRP E 541 -44.58 28.85 38.07
N LEU E 542 -44.95 28.31 36.92
CA LEU E 542 -45.25 29.14 35.76
C LEU E 542 -46.58 29.83 35.99
N GLU E 543 -46.54 31.13 36.26
CA GLU E 543 -47.77 31.82 36.54
C GLU E 543 -48.02 32.95 35.53
N PRO E 544 -49.26 33.14 35.10
CA PRO E 544 -49.53 34.13 34.05
C PRO E 544 -49.47 35.56 34.57
N SER E 545 -49.28 36.47 33.63
CA SER E 545 -49.23 37.90 33.94
C SER E 545 -49.81 38.72 32.79
N GLY F 264 -51.45 19.53 -32.93
CA GLY F 264 -52.13 20.29 -31.88
C GLY F 264 -52.41 21.73 -32.26
N VAL F 265 -51.92 22.12 -33.44
CA VAL F 265 -52.07 23.49 -33.93
C VAL F 265 -53.36 23.56 -34.74
N VAL F 266 -54.22 24.52 -34.40
CA VAL F 266 -55.49 24.72 -35.09
C VAL F 266 -55.34 25.91 -36.03
N SER F 267 -55.67 25.71 -37.30
CA SER F 267 -55.62 26.78 -38.27
C SER F 267 -56.83 27.71 -38.09
N ALA F 268 -56.74 28.89 -38.69
CA ALA F 268 -57.79 29.91 -38.58
C ALA F 268 -58.85 29.79 -39.67
N LEU F 269 -59.00 28.61 -40.27
CA LEU F 269 -60.00 28.42 -41.32
C LEU F 269 -61.37 28.08 -40.77
N SER F 270 -61.48 27.71 -39.50
CA SER F 270 -62.73 27.34 -38.88
C SER F 270 -63.15 28.30 -37.77
N LEU F 271 -62.61 29.51 -37.76
CA LEU F 271 -62.95 30.53 -36.76
C LEU F 271 -63.87 31.59 -37.34
N ARG F 272 -64.80 31.19 -38.21
CA ARG F 272 -65.68 32.14 -38.87
C ARG F 272 -66.81 32.60 -37.95
N GLU F 273 -67.39 31.67 -37.18
CA GLU F 273 -68.47 32.00 -36.25
C GLU F 273 -68.11 31.73 -34.80
N ARG F 274 -66.83 31.47 -34.51
CA ARG F 274 -66.42 31.30 -33.12
C ARG F 274 -66.35 32.64 -32.40
N ILE F 275 -66.15 33.72 -33.15
CA ILE F 275 -66.05 35.05 -32.55
C ILE F 275 -67.41 35.54 -32.07
N ARG F 276 -68.48 35.26 -32.82
CA ARG F 276 -69.83 35.64 -32.38
C ARG F 276 -70.27 34.82 -31.17
N GLU F 277 -69.86 33.56 -31.11
CA GLU F 277 -70.19 32.72 -29.95
C GLU F 277 -69.37 33.12 -28.74
N HIS F 278 -68.14 33.62 -28.95
CA HIS F 278 -67.33 34.08 -27.83
C HIS F 278 -67.81 35.42 -27.31
N LEU F 279 -68.27 36.30 -28.20
CA LEU F 279 -68.79 37.61 -27.81
C LEU F 279 -70.23 37.55 -27.31
N SER F 280 -70.87 36.39 -27.37
CA SER F 280 -72.25 36.23 -26.90
C SER F 280 -72.33 36.28 -25.38
N MET G 1 42.25 -44.35 31.99
CA MET G 1 41.69 -44.33 30.64
C MET G 1 40.18 -44.51 30.63
N ILE G 2 39.47 -43.49 30.15
CA ILE G 2 38.02 -43.53 30.10
C ILE G 2 37.57 -43.51 28.64
N VAL G 3 36.34 -43.97 28.42
CA VAL G 3 35.74 -44.10 27.10
C VAL G 3 34.45 -43.30 27.13
N SER G 4 34.44 -42.16 26.43
CA SER G 4 33.26 -41.27 26.47
C SER G 4 32.51 -41.24 25.14
N ALA G 5 31.19 -41.07 25.21
CA ALA G 5 30.32 -40.99 24.04
C ALA G 5 29.33 -39.85 24.22
N ILE G 6 29.13 -39.07 23.16
CA ILE G 6 28.31 -37.87 23.20
C ILE G 6 27.08 -38.10 22.32
N ALA G 7 26.07 -37.25 22.51
CA ALA G 7 24.98 -37.12 21.54
C ALA G 7 24.44 -35.71 21.64
N ALA G 8 24.44 -35.00 20.51
CA ALA G 8 23.98 -33.62 20.40
C ALA G 8 22.94 -33.47 19.30
N ASN G 9 22.58 -32.24 18.94
CA ASN G 9 21.41 -32.04 18.08
C ASN G 9 21.69 -32.07 16.59
N ALA G 10 22.86 -31.62 16.14
CA ALA G 10 23.12 -31.52 14.71
C ALA G 10 24.62 -31.65 14.48
N LEU G 11 25.05 -31.32 13.27
CA LEU G 11 26.45 -31.44 12.87
C LEU G 11 27.26 -30.30 13.47
N LEU G 12 28.59 -30.39 13.30
CA LEU G 12 29.51 -29.42 13.88
C LEU G 12 29.40 -28.05 13.24
N GLU G 13 28.83 -27.96 12.03
CA GLU G 13 28.65 -26.67 11.37
C GLU G 13 27.66 -25.80 12.14
N SER G 14 26.53 -26.37 12.55
CA SER G 14 25.50 -25.66 13.30
C SER G 14 25.04 -26.53 14.46
N VAL G 15 25.75 -26.44 15.59
CA VAL G 15 25.37 -27.13 16.82
C VAL G 15 25.21 -26.09 17.91
N THR G 16 24.11 -26.17 18.66
CA THR G 16 23.82 -25.22 19.74
C THR G 16 23.39 -25.88 21.04
N LYS G 17 23.16 -27.19 21.08
CA LYS G 17 22.50 -27.82 22.21
C LYS G 17 23.14 -29.16 22.53
N PHE G 18 23.30 -29.44 23.82
CA PHE G 18 23.77 -30.72 24.30
C PHE G 18 22.58 -31.59 24.69
N HIS G 19 22.65 -32.88 24.40
CA HIS G 19 21.58 -33.79 24.77
C HIS G 19 22.00 -34.83 25.79
N CYS G 20 23.00 -35.67 25.51
CA CYS G 20 23.38 -36.65 26.53
C CYS G 20 24.82 -37.08 26.34
N GLY G 21 25.33 -37.81 27.34
CA GLY G 21 26.68 -38.32 27.33
C GLY G 21 26.92 -39.44 28.33
N VAL G 22 27.67 -40.46 27.92
CA VAL G 22 27.94 -41.64 28.75
C VAL G 22 29.45 -41.76 28.90
N ILE G 23 29.91 -42.04 30.12
CA ILE G 23 31.34 -42.25 30.40
C ILE G 23 31.51 -43.62 31.02
N TYR G 24 32.41 -44.42 30.44
CA TYR G 24 32.86 -45.65 31.05
C TYR G 24 34.31 -45.50 31.51
N ASP G 25 34.65 -46.14 32.61
CA ASP G 25 35.99 -46.04 33.19
C ASP G 25 36.59 -47.44 33.30
N TYR G 26 37.93 -47.49 33.26
CA TYR G 26 38.68 -48.73 33.36
C TYR G 26 39.18 -49.02 34.77
N SER G 27 38.82 -48.19 35.75
CA SER G 27 39.21 -48.43 37.13
C SER G 27 38.05 -48.69 38.06
N THR G 28 36.85 -48.22 37.73
CA THR G 28 35.68 -48.49 38.55
C THR G 28 34.61 -49.32 37.83
N ALA G 29 34.70 -49.42 36.50
CA ALA G 29 33.76 -50.16 35.64
C ALA G 29 32.32 -49.67 35.82
N GLU G 30 32.10 -48.41 35.50
CA GLU G 30 30.84 -47.73 35.77
C GLU G 30 30.35 -47.03 34.52
N TYR G 31 29.13 -47.36 34.10
CA TYR G 31 28.43 -46.61 33.05
C TYR G 31 27.82 -45.36 33.67
N VAL G 32 28.68 -44.36 33.92
CA VAL G 32 28.22 -43.10 34.50
C VAL G 32 27.51 -42.33 33.40
N SER G 33 26.19 -42.24 33.48
CA SER G 33 25.42 -41.54 32.48
C SER G 33 25.28 -40.07 32.85
N TYR G 34 24.82 -39.27 31.89
CA TYR G 34 24.51 -37.88 32.18
C TYR G 34 23.22 -37.50 31.48
N ARG G 35 22.65 -36.40 31.93
CA ARG G 35 21.38 -35.85 31.49
C ARG G 35 21.63 -34.53 30.77
N PRO G 36 20.60 -33.93 30.14
CA PRO G 36 20.80 -32.58 29.57
C PRO G 36 21.18 -31.50 30.58
N SER G 37 20.87 -31.67 31.86
CA SER G 37 21.17 -30.68 32.87
C SER G 37 22.46 -30.97 33.64
N ASP G 38 23.23 -31.98 33.21
CA ASP G 38 24.44 -32.40 33.90
C ASP G 38 25.69 -32.11 33.07
N PHE G 39 25.62 -31.11 32.19
CA PHE G 39 26.72 -30.85 31.27
C PHE G 39 27.93 -30.29 32.00
N GLY G 40 27.71 -29.51 33.07
CA GLY G 40 28.83 -29.07 33.89
C GLY G 40 29.53 -30.21 34.60
N ALA G 41 28.76 -31.20 35.06
CA ALA G 41 29.37 -32.38 35.67
C ALA G 41 30.12 -33.22 34.64
N TYR G 42 29.62 -33.29 33.40
CA TYR G 42 30.32 -34.00 32.34
C TYR G 42 31.67 -33.36 32.04
N LEU G 43 31.68 -32.03 31.90
CA LEU G 43 32.93 -31.32 31.67
C LEU G 43 33.87 -31.42 32.86
N ASP G 44 33.34 -31.45 34.08
CA ASP G 44 34.19 -31.59 35.26
C ASP G 44 34.83 -32.97 35.33
N ALA G 45 34.09 -34.02 34.93
CA ALA G 45 34.65 -35.36 34.90
C ALA G 45 35.78 -35.47 33.86
N LEU G 46 35.57 -34.88 32.68
CA LEU G 46 36.61 -34.92 31.65
C LEU G 46 37.83 -34.10 32.07
N GLU G 47 37.63 -32.94 32.70
CA GLU G 47 38.76 -32.15 33.18
C GLU G 47 39.50 -32.83 34.32
N ALA G 48 38.80 -33.61 35.14
CA ALA G 48 39.48 -34.38 36.18
C ALA G 48 40.34 -35.48 35.58
N GLU G 49 39.82 -36.16 34.55
CA GLU G 49 40.61 -37.20 33.88
C GLU G 49 41.81 -36.63 33.14
N VAL G 50 41.70 -35.39 32.65
CA VAL G 50 42.87 -34.72 32.08
C VAL G 50 43.86 -34.35 33.18
N ALA G 51 43.36 -33.79 34.28
CA ALA G 51 44.25 -33.23 35.31
C ALA G 51 44.98 -34.32 36.08
N ARG G 52 44.42 -35.53 36.16
CA ARG G 52 45.17 -36.60 36.82
C ARG G 52 46.19 -37.26 35.90
N GLY G 53 46.21 -36.92 34.62
CA GLY G 53 47.20 -37.48 33.71
C GLY G 53 46.75 -38.76 33.03
N GLY G 54 45.57 -38.73 32.41
CA GLY G 54 45.06 -39.91 31.75
C GLY G 54 44.77 -39.69 30.28
N LEU G 55 44.05 -40.62 29.67
CA LEU G 55 43.72 -40.55 28.25
C LEU G 55 42.22 -40.69 28.08
N ILE G 56 41.64 -39.85 27.23
CA ILE G 56 40.21 -39.88 26.93
C ILE G 56 40.02 -40.49 25.56
N VAL G 57 39.22 -41.54 25.48
CA VAL G 57 39.05 -42.33 24.27
C VAL G 57 37.72 -41.94 23.64
N PHE G 58 37.76 -41.27 22.49
CA PHE G 58 36.55 -41.01 21.73
C PHE G 58 36.52 -41.91 20.50
N HIS G 59 35.48 -41.74 19.68
CA HIS G 59 35.44 -42.28 18.33
C HIS G 59 35.00 -41.17 17.40
N ASN G 60 35.78 -40.94 16.34
CA ASN G 60 35.72 -39.75 15.49
C ASN G 60 35.82 -38.50 16.35
N GLY G 61 36.81 -38.49 17.24
CA GLY G 61 36.90 -37.47 18.26
C GLY G 61 37.68 -36.25 17.84
N HIS G 62 38.60 -36.41 16.90
CA HIS G 62 39.41 -35.28 16.46
C HIS G 62 38.63 -34.35 15.54
N LYS G 63 37.75 -34.91 14.71
CA LYS G 63 37.06 -34.10 13.71
C LYS G 63 35.81 -33.44 14.29
N TYR G 64 34.95 -34.23 14.94
CA TYR G 64 33.65 -33.75 15.39
C TYR G 64 33.58 -33.52 16.89
N ASP G 65 33.98 -34.50 17.70
CA ASP G 65 33.48 -34.61 19.05
C ASP G 65 34.11 -33.60 20.00
N VAL G 66 35.43 -33.45 19.96
CA VAL G 66 36.11 -32.49 20.84
C VAL G 66 35.83 -31.03 20.48
N PRO G 67 35.87 -30.57 19.20
CA PRO G 67 35.44 -29.19 18.94
C PRO G 67 33.96 -28.95 19.15
N ALA G 68 33.11 -29.99 19.11
CA ALA G 68 31.73 -29.81 19.53
C ALA G 68 31.63 -29.48 21.01
N LEU G 69 32.44 -30.14 21.85
CA LEU G 69 32.46 -29.79 23.27
C LEU G 69 33.02 -28.40 23.50
N THR G 70 34.05 -28.02 22.75
CA THR G 70 34.62 -26.69 22.91
C THR G 70 33.64 -25.60 22.45
N LYS G 71 32.80 -25.90 21.46
CA LYS G 71 31.80 -24.94 21.03
C LYS G 71 30.62 -24.86 22.00
N LEU G 72 30.15 -26.01 22.50
CA LEU G 72 28.99 -26.02 23.38
C LEU G 72 29.33 -25.44 24.76
N ALA G 73 30.50 -25.77 25.30
CA ALA G 73 30.91 -25.24 26.60
C ALA G 73 31.13 -23.74 26.56
N LYS G 74 31.40 -23.17 25.40
CA LYS G 74 31.44 -21.72 25.29
C LYS G 74 30.02 -21.15 25.14
N LEU G 75 29.34 -21.53 24.07
CA LEU G 75 28.08 -20.89 23.71
C LEU G 75 26.86 -21.52 24.38
N GLN G 76 27.02 -22.21 25.50
CA GLN G 76 25.85 -22.60 26.26
C GLN G 76 25.96 -22.17 27.71
N LEU G 77 27.18 -22.17 28.27
CA LEU G 77 27.35 -21.78 29.66
C LEU G 77 28.55 -20.88 29.92
N ASN G 78 29.21 -20.36 28.88
CA ASN G 78 30.26 -19.33 28.95
C ASN G 78 31.45 -19.77 29.81
N ARG G 79 32.14 -20.81 29.35
CA ARG G 79 33.36 -21.25 29.99
C ARG G 79 34.28 -21.85 28.94
N GLU G 80 35.57 -21.49 29.01
CA GLU G 80 36.56 -22.08 28.13
C GLU G 80 36.82 -23.53 28.53
N PHE G 81 36.96 -24.39 27.52
CA PHE G 81 37.17 -25.81 27.73
C PHE G 81 37.97 -26.36 26.56
N HIS G 82 39.25 -26.67 26.79
CA HIS G 82 40.13 -27.15 25.76
C HIS G 82 40.80 -28.44 26.22
N LEU G 83 40.80 -29.44 25.35
CA LEU G 83 41.52 -30.67 25.69
C LEU G 83 42.88 -30.65 25.02
N PRO G 84 43.96 -30.94 25.74
CA PRO G 84 45.26 -31.07 25.08
C PRO G 84 45.31 -32.30 24.19
N ARG G 85 45.94 -32.15 23.02
CA ARG G 85 45.93 -33.19 21.99
C ARG G 85 46.68 -34.45 22.39
N GLU G 86 47.50 -34.42 23.44
CA GLU G 86 48.16 -35.62 23.91
C GLU G 86 47.33 -36.39 24.93
N ASN G 87 46.08 -35.98 25.18
CA ASN G 87 45.18 -36.76 26.02
C ASN G 87 44.07 -37.44 25.24
N CYS G 88 43.51 -36.77 24.24
CA CYS G 88 42.44 -37.34 23.44
C CYS G 88 43.00 -38.33 22.42
N ILE G 89 42.50 -39.56 22.42
CA ILE G 89 42.82 -40.52 21.38
C ILE G 89 41.53 -40.94 20.70
N ASP G 90 41.67 -41.45 19.49
CA ASP G 90 40.55 -41.82 18.62
C ASP G 90 40.65 -43.30 18.31
N THR G 91 39.51 -43.89 17.98
CA THR G 91 39.45 -45.28 17.55
C THR G 91 39.03 -45.42 16.09
N LEU G 92 38.90 -44.30 15.38
CA LEU G 92 38.73 -44.29 13.93
C LEU G 92 40.05 -44.04 13.22
N VAL G 93 40.89 -43.17 13.79
CA VAL G 93 42.23 -42.94 13.27
C VAL G 93 43.09 -44.19 13.47
N LEU G 94 42.83 -44.97 14.54
CA LEU G 94 43.52 -46.24 14.70
C LEU G 94 43.02 -47.29 13.72
N SER G 95 41.71 -47.28 13.42
CA SER G 95 41.17 -48.24 12.49
C SER G 95 41.63 -47.99 11.07
N ARG G 96 41.76 -46.73 10.66
CA ARG G 96 42.24 -46.39 9.32
C ARG G 96 43.71 -46.70 9.10
N LEU G 97 44.48 -47.03 10.14
CA LEU G 97 45.85 -47.48 9.93
C LEU G 97 46.04 -48.96 10.19
N ILE G 98 45.32 -49.56 11.14
CA ILE G 98 45.46 -50.99 11.37
C ILE G 98 44.68 -51.77 10.33
N HIS G 99 43.38 -51.51 10.21
CA HIS G 99 42.56 -52.15 9.20
C HIS G 99 42.43 -51.19 8.02
N SER G 100 43.50 -51.08 7.26
CA SER G 100 43.56 -50.16 6.13
C SER G 100 43.02 -50.76 4.84
N ASN G 101 42.56 -52.01 4.88
CA ASN G 101 42.12 -52.70 3.67
C ASN G 101 40.86 -53.52 3.98
N LEU G 102 39.70 -52.89 3.80
CA LEU G 102 38.43 -53.56 4.02
C LEU G 102 37.73 -53.99 2.74
N LYS G 103 38.00 -53.32 1.62
CA LYS G 103 37.35 -53.68 0.37
C LYS G 103 37.86 -55.01 -0.19
N ASP G 104 39.04 -55.45 0.21
CA ASP G 104 39.63 -56.69 -0.29
C ASP G 104 39.48 -57.86 0.68
N THR G 105 38.90 -57.64 1.86
CA THR G 105 38.62 -58.72 2.79
C THR G 105 37.17 -58.74 3.24
N ASP G 106 36.36 -57.77 2.81
CA ASP G 106 34.98 -57.68 3.26
C ASP G 106 34.07 -58.66 2.53
N MET G 107 34.47 -59.13 1.35
CA MET G 107 33.70 -60.18 0.70
C MET G 107 33.91 -61.50 1.44
N GLY G 108 32.90 -62.36 1.40
CA GLY G 108 32.82 -63.50 2.28
C GLY G 108 32.20 -63.19 3.63
N LEU G 109 32.11 -61.92 3.99
CA LEU G 109 31.38 -61.48 5.17
C LEU G 109 30.01 -60.90 4.81
N LEU G 110 29.83 -60.46 3.56
CA LEU G 110 28.57 -59.90 3.09
C LEU G 110 27.58 -61.06 2.88
N ARG G 111 26.94 -61.46 3.98
CA ARG G 111 25.92 -62.50 3.95
C ARG G 111 24.74 -62.11 4.82
N LYS G 114 25.70 -60.71 7.64
CA LYS G 114 26.34 -59.75 8.54
C LYS G 114 26.01 -58.33 8.11
N LEU G 115 26.75 -57.81 7.12
CA LEU G 115 26.52 -56.45 6.65
C LEU G 115 25.29 -56.39 5.75
N PRO G 116 24.59 -55.26 5.74
CA PRO G 116 23.43 -55.14 4.83
C PRO G 116 23.82 -55.04 3.37
N GLY G 117 24.89 -54.31 3.06
CA GLY G 117 25.28 -54.06 1.68
C GLY G 117 25.65 -52.62 1.48
N LYS G 118 24.98 -51.72 2.20
CA LYS G 118 25.37 -50.33 2.23
C LYS G 118 26.57 -50.06 3.12
N ARG G 119 26.89 -51.01 4.01
CA ARG G 119 28.00 -50.90 4.94
C ARG G 119 29.26 -51.61 4.45
N PHE G 120 29.34 -51.89 3.15
CA PHE G 120 30.45 -52.64 2.59
C PHE G 120 31.70 -51.75 2.55
N GLY G 121 32.65 -52.04 3.43
CA GLY G 121 33.89 -51.28 3.46
C GLY G 121 33.75 -49.93 4.11
N SER G 122 33.10 -49.89 5.28
CA SER G 122 32.86 -48.65 6.00
C SER G 122 33.55 -48.72 7.36
N HIS G 123 34.26 -47.65 7.72
CA HIS G 123 34.89 -47.52 9.02
C HIS G 123 34.00 -46.81 10.03
N ALA G 124 32.71 -46.72 9.77
CA ALA G 124 31.78 -46.09 10.70
C ALA G 124 31.58 -46.96 11.92
N LEU G 125 30.97 -46.37 12.95
CA LEU G 125 30.85 -47.06 14.22
C LEU G 125 29.72 -48.09 14.20
N GLU G 126 28.69 -47.89 13.37
CA GLU G 126 27.64 -48.88 13.26
C GLU G 126 28.08 -50.10 12.47
N ALA G 127 28.94 -49.89 11.46
CA ALA G 127 29.43 -51.01 10.66
C ALA G 127 30.29 -51.95 11.48
N TRP G 128 31.09 -51.41 12.40
CA TRP G 128 31.80 -52.26 13.34
C TRP G 128 30.87 -52.86 14.40
N GLY G 129 29.68 -52.29 14.58
CA GLY G 129 28.67 -52.97 15.38
C GLY G 129 28.11 -54.18 14.66
N TYR G 130 27.99 -54.11 13.34
CA TYR G 130 27.57 -55.29 12.58
C TYR G 130 28.69 -56.32 12.42
N ARG G 131 29.94 -55.88 12.37
CA ARG G 131 31.05 -56.81 12.16
C ARG G 131 31.46 -57.52 13.44
N LEU G 132 31.25 -56.90 14.61
CA LEU G 132 31.57 -57.52 15.88
C LEU G 132 30.42 -58.34 16.46
N GLY G 133 29.31 -58.45 15.72
CA GLY G 133 28.09 -59.18 16.10
C GLY G 133 27.50 -58.67 17.42
N GLU G 134 27.64 -57.37 17.69
CA GLU G 134 27.08 -56.74 18.88
C GLU G 134 26.32 -55.50 18.41
N MET G 135 25.07 -55.69 18.01
CA MET G 135 24.23 -54.56 17.59
C MET G 135 22.80 -54.85 17.97
N LYS G 136 22.24 -54.02 18.84
CA LYS G 136 20.87 -54.15 19.31
C LYS G 136 20.08 -52.95 18.77
N GLY G 137 19.57 -53.10 17.55
CA GLY G 137 18.73 -52.07 16.95
C GLY G 137 19.48 -50.85 16.49
N GLU G 138 18.74 -49.94 15.88
CA GLU G 138 19.26 -48.67 15.39
C GLU G 138 18.26 -47.59 15.75
N TYR G 139 18.77 -46.40 16.10
CA TYR G 139 17.91 -45.35 16.65
C TYR G 139 17.00 -44.75 15.58
N LYS G 140 17.52 -44.52 14.38
CA LYS G 140 16.74 -43.86 13.35
C LYS G 140 15.62 -44.74 12.81
N ASP G 141 15.91 -46.02 12.58
CA ASP G 141 14.89 -46.96 12.10
C ASP G 141 13.80 -47.18 13.13
N ASP G 142 14.18 -47.34 14.40
CA ASP G 142 13.20 -47.56 15.45
C ASP G 142 12.37 -46.32 15.72
N PHE G 143 12.97 -45.13 15.59
CA PHE G 143 12.22 -43.89 15.76
C PHE G 143 11.23 -43.68 14.61
N LYS G 144 11.64 -44.01 13.39
CA LYS G 144 10.73 -43.89 12.24
C LYS G 144 9.58 -44.89 12.35
N ARG G 145 9.90 -46.10 12.84
CA ARG G 145 8.87 -47.16 13.03
C ARG G 145 7.93 -46.76 14.17
N MET G 146 8.46 -46.03 15.16
CA MET G 146 7.67 -45.56 16.33
C MET G 146 6.69 -44.47 15.87
N LEU G 147 7.16 -43.51 15.08
CA LEU G 147 6.28 -42.45 14.61
C LEU G 147 5.26 -42.96 13.59
N GLU G 148 5.61 -43.96 12.78
CA GLU G 148 4.59 -44.56 11.93
C GLU G 148 3.59 -45.39 12.72
N GLU G 149 3.99 -45.87 13.90
CA GLU G 149 3.06 -46.60 14.76
C GLU G 149 2.13 -45.68 15.51
N GLN G 150 2.61 -44.47 15.82
CA GLN G 150 1.78 -43.44 16.51
C GLN G 150 0.85 -42.79 15.47
N GLY G 151 1.41 -42.44 14.30
CA GLY G 151 0.66 -41.84 13.22
C GLY G 151 1.13 -40.46 12.81
N GLU G 152 1.89 -39.77 13.65
CA GLU G 152 2.44 -38.47 13.28
C GLU G 152 3.56 -38.68 12.26
N GLU G 153 3.71 -37.71 11.36
CA GLU G 153 4.59 -37.88 10.21
C GLU G 153 6.06 -37.83 10.63
N TYR G 154 6.92 -38.28 9.73
CA TYR G 154 8.36 -38.23 9.89
C TYR G 154 8.89 -37.18 8.92
N VAL G 155 9.31 -36.04 9.46
CA VAL G 155 9.36 -34.81 8.67
C VAL G 155 10.60 -34.77 7.78
N ASP G 156 11.79 -34.74 8.38
CA ASP G 156 12.98 -34.36 7.65
C ASP G 156 14.15 -35.29 7.92
N GLY G 157 13.93 -36.39 8.63
CA GLY G 157 15.05 -37.19 9.05
C GLY G 157 15.88 -36.56 10.13
N MET G 158 15.30 -35.63 10.89
CA MET G 158 15.98 -34.94 11.98
C MET G 158 15.29 -35.34 13.27
N GLU G 159 15.90 -36.28 13.99
CA GLU G 159 15.34 -36.83 15.22
C GLU G 159 16.19 -36.53 16.44
N TRP G 160 17.21 -35.67 16.31
CA TRP G 160 17.97 -35.19 17.44
C TRP G 160 17.50 -33.82 17.90
N TRP G 161 16.24 -33.45 17.59
CA TRP G 161 15.70 -32.18 18.06
C TRP G 161 15.43 -32.21 19.55
N ASN G 162 14.59 -33.14 19.99
CA ASN G 162 14.15 -33.21 21.38
C ASN G 162 14.81 -34.37 22.11
N PHE G 163 15.06 -34.18 23.40
CA PHE G 163 15.62 -35.24 24.22
C PHE G 163 14.54 -36.23 24.61
N ASN G 164 14.91 -37.50 24.70
CA ASN G 164 14.02 -38.54 25.19
C ASN G 164 14.86 -39.61 25.87
N GLU G 165 14.29 -40.78 26.10
CA GLU G 165 14.97 -41.82 26.84
C GLU G 165 15.55 -42.92 25.96
N GLU G 166 15.10 -43.06 24.71
CA GLU G 166 15.73 -44.01 23.82
C GLU G 166 17.11 -43.53 23.39
N MET G 167 17.32 -42.21 23.38
CA MET G 167 18.61 -41.64 23.01
C MET G 167 19.71 -42.05 23.99
N MET G 168 19.39 -42.07 25.28
CA MET G 168 20.34 -42.54 26.28
C MET G 168 20.66 -44.03 26.11
N ASP G 169 19.65 -44.85 25.78
CA ASP G 169 19.89 -46.28 25.63
C ASP G 169 20.78 -46.58 24.43
N TYR G 170 20.51 -45.93 23.29
CA TYR G 170 21.38 -46.14 22.15
C TYR G 170 22.73 -45.46 22.32
N ASN G 171 22.84 -44.46 23.19
CA ASN G 171 24.16 -43.90 23.51
C ASN G 171 24.96 -44.88 24.36
N VAL G 172 24.29 -45.61 25.26
CA VAL G 172 24.95 -46.66 26.04
C VAL G 172 25.42 -47.79 25.12
N GLN G 173 24.58 -48.19 24.17
CA GLN G 173 25.03 -49.20 23.19
C GLN G 173 26.15 -48.67 22.30
N ASP G 174 26.17 -47.36 22.04
CA ASP G 174 27.25 -46.75 21.27
C ASP G 174 28.57 -46.84 22.01
N VAL G 175 28.57 -46.58 23.32
CA VAL G 175 29.83 -46.68 24.05
C VAL G 175 30.22 -48.14 24.30
N VAL G 176 29.25 -49.06 24.29
CA VAL G 176 29.58 -50.49 24.32
C VAL G 176 30.33 -50.90 23.04
N VAL G 177 29.84 -50.43 21.89
CA VAL G 177 30.49 -50.75 20.62
C VAL G 177 31.88 -50.11 20.54
N THR G 178 32.03 -48.89 21.09
CA THR G 178 33.34 -48.24 21.12
C THR G 178 34.33 -49.01 21.99
N LYS G 179 33.88 -49.52 23.14
CA LYS G 179 34.78 -50.28 24.01
C LYS G 179 35.15 -51.63 23.39
N ALA G 180 34.18 -52.30 22.77
CA ALA G 180 34.45 -53.58 22.12
C ALA G 180 35.30 -53.42 20.86
N LEU G 181 35.31 -52.24 20.25
CA LEU G 181 36.24 -51.96 19.17
C LEU G 181 37.64 -51.69 19.72
N LEU G 182 37.72 -50.96 20.84
CA LEU G 182 39.01 -50.59 21.40
C LEU G 182 39.77 -51.81 21.91
N GLU G 183 39.07 -52.81 22.46
CA GLU G 183 39.78 -53.99 22.94
C GLU G 183 40.41 -54.79 21.80
N LYS G 184 39.73 -54.87 20.65
CA LYS G 184 40.31 -55.57 19.50
C LYS G 184 41.43 -54.74 18.87
N LEU G 185 41.26 -53.42 18.82
CA LEU G 185 42.29 -52.56 18.23
C LEU G 185 43.56 -52.53 19.08
N LEU G 186 43.43 -52.69 20.40
CA LEU G 186 44.58 -52.85 21.27
C LEU G 186 45.01 -54.29 21.42
N SER G 187 44.26 -55.24 20.85
CA SER G 187 44.68 -56.64 20.82
C SER G 187 45.58 -56.97 19.63
N ASP G 188 46.19 -55.97 19.01
CA ASP G 188 47.12 -56.16 17.92
C ASP G 188 48.54 -56.15 18.47
N LYS G 189 49.42 -56.92 17.82
CA LYS G 189 50.75 -57.14 18.35
C LYS G 189 51.86 -56.46 17.54
N HIS G 190 51.62 -56.16 16.26
CA HIS G 190 52.66 -55.50 15.48
C HIS G 190 52.80 -54.04 15.84
N TYR G 191 51.71 -53.40 16.27
CA TYR G 191 51.73 -51.99 16.64
C TYR G 191 51.84 -51.77 18.14
N PHE G 192 51.25 -52.65 18.94
CA PHE G 192 51.28 -52.56 20.40
C PHE G 192 51.95 -53.81 20.96
N PRO G 193 53.13 -53.70 21.57
CA PRO G 193 53.83 -54.89 22.06
C PRO G 193 53.16 -55.46 23.30
N PRO G 194 53.04 -56.81 23.39
CA PRO G 194 52.29 -57.46 24.49
C PRO G 194 53.11 -57.66 25.77
N GLU G 195 53.81 -56.62 26.19
CA GLU G 195 54.56 -56.65 27.45
C GLU G 195 54.06 -55.62 28.45
N ILE G 196 53.00 -54.89 28.11
CA ILE G 196 52.43 -53.89 29.01
C ILE G 196 50.95 -53.76 28.65
N ASP G 197 50.13 -53.47 29.65
CA ASP G 197 48.71 -53.24 29.45
C ASP G 197 48.46 -51.77 29.19
N PHE G 198 47.73 -51.47 28.12
CA PHE G 198 47.55 -50.10 27.66
C PHE G 198 46.27 -49.45 28.19
N THR G 199 45.68 -50.01 29.24
CA THR G 199 44.48 -49.44 29.83
C THR G 199 44.75 -48.72 31.14
N ASP G 200 46.02 -48.62 31.54
CA ASP G 200 46.36 -47.88 32.76
C ASP G 200 47.63 -47.05 32.62
N VAL G 201 48.17 -46.89 31.43
CA VAL G 201 49.41 -46.14 31.25
C VAL G 201 49.07 -44.68 30.94
N GLY G 202 50.02 -43.79 31.21
CA GLY G 202 49.82 -42.38 31.03
C GLY G 202 50.11 -41.92 29.61
N TYR G 203 50.03 -40.61 29.41
CA TYR G 203 50.28 -39.99 28.11
C TYR G 203 51.75 -39.81 27.80
N THR G 204 52.65 -40.25 28.68
CA THR G 204 54.06 -40.31 28.38
C THR G 204 54.54 -41.73 28.13
N THR G 205 53.72 -42.73 28.47
CA THR G 205 54.02 -44.13 28.23
C THR G 205 53.29 -44.67 27.01
N PHE G 206 52.02 -44.31 26.85
CA PHE G 206 51.22 -44.82 25.74
C PHE G 206 51.74 -44.32 24.40
N TRP G 207 52.21 -43.07 24.33
CA TRP G 207 52.69 -42.55 23.06
C TRP G 207 54.11 -43.01 22.76
N SER G 208 54.99 -43.02 23.76
CA SER G 208 56.41 -43.24 23.53
C SER G 208 56.90 -44.61 24.00
N GLU G 209 55.99 -45.56 24.18
CA GLU G 209 56.37 -46.96 24.38
C GLU G 209 55.72 -47.86 23.34
N SER G 210 55.56 -47.34 22.13
CA SER G 210 54.97 -48.06 21.01
C SER G 210 55.64 -47.52 19.73
N LEU G 211 55.00 -47.75 18.59
CA LEU G 211 55.56 -47.31 17.32
C LEU G 211 55.43 -45.79 17.16
N GLU G 212 56.01 -45.30 16.07
CA GLU G 212 55.93 -43.90 15.70
C GLU G 212 54.75 -43.64 14.76
N ALA G 213 54.26 -44.68 14.09
CA ALA G 213 53.12 -44.56 13.20
C ALA G 213 51.81 -44.35 13.96
N VAL G 214 51.77 -44.69 15.24
CA VAL G 214 50.56 -44.43 16.03
C VAL G 214 50.54 -42.99 16.52
N ASP G 215 51.69 -42.31 16.53
CA ASP G 215 51.79 -40.93 16.98
C ASP G 215 51.69 -39.94 15.83
N ILE G 216 52.37 -40.23 14.72
CA ILE G 216 52.34 -39.33 13.56
C ILE G 216 50.95 -39.29 12.94
N GLU G 217 50.19 -40.39 13.04
CA GLU G 217 48.87 -40.41 12.44
C GLU G 217 47.89 -39.60 13.25
N HIS G 218 48.01 -39.63 14.58
CA HIS G 218 47.14 -38.80 15.41
C HIS G 218 47.48 -37.33 15.30
N ARG G 219 48.78 -36.99 15.18
CA ARG G 219 49.13 -35.58 14.94
C ARG G 219 48.62 -35.11 13.59
N ALA G 220 48.68 -35.97 12.57
CA ALA G 220 48.19 -35.60 11.25
C ALA G 220 46.67 -35.45 11.24
N ALA G 221 45.96 -36.30 11.98
CA ALA G 221 44.51 -36.18 12.04
C ALA G 221 44.09 -34.91 12.78
N TRP G 222 44.82 -34.55 13.84
CA TRP G 222 44.58 -33.30 14.56
C TRP G 222 44.77 -32.09 13.65
N LEU G 223 45.91 -32.03 12.94
CA LEU G 223 46.20 -30.86 12.10
C LEU G 223 45.27 -30.78 10.89
N LEU G 224 44.93 -31.92 10.28
CA LEU G 224 44.05 -31.89 9.11
C LEU G 224 42.62 -31.57 9.50
N ALA G 225 42.18 -31.98 10.70
CA ALA G 225 40.89 -31.54 11.19
C ALA G 225 40.88 -30.04 11.47
N LYS G 226 42.01 -29.49 11.96
CA LYS G 226 42.09 -28.05 12.18
C LYS G 226 42.04 -27.27 10.88
N GLN G 227 42.76 -27.71 9.85
CA GLN G 227 42.72 -26.99 8.58
C GLN G 227 41.42 -27.25 7.82
N GLU G 228 40.69 -28.32 8.15
CA GLU G 228 39.32 -28.46 7.68
C GLU G 228 38.40 -27.46 8.35
N ARG G 229 38.59 -27.23 9.65
CA ARG G 229 37.82 -26.20 10.35
C ARG G 229 38.17 -24.78 9.90
N ASN G 230 39.37 -24.57 9.37
CA ASN G 230 39.73 -23.25 8.88
C ASN G 230 38.98 -22.91 7.59
N GLY G 231 39.08 -23.76 6.59
CA GLY G 231 38.39 -23.56 5.33
C GLY G 231 39.32 -23.05 4.25
N PHE G 232 38.74 -22.78 3.10
CA PHE G 232 39.48 -22.23 1.95
C PHE G 232 38.71 -21.02 1.47
N PRO G 233 39.32 -19.83 1.44
CA PRO G 233 38.59 -18.64 0.98
C PRO G 233 38.30 -18.68 -0.51
N PHE G 234 37.08 -18.30 -0.87
CA PHE G 234 36.56 -18.53 -2.20
C PHE G 234 35.81 -17.29 -2.68
N ASP G 235 35.94 -17.00 -3.97
CA ASP G 235 35.27 -15.86 -4.60
C ASP G 235 34.10 -16.37 -5.43
N THR G 236 32.91 -15.84 -5.17
CA THR G 236 31.69 -16.33 -5.79
C THR G 236 31.34 -15.56 -7.06
N LYS G 237 31.55 -14.25 -7.06
CA LYS G 237 31.23 -13.43 -8.22
C LYS G 237 32.12 -13.76 -9.41
N ALA G 238 33.39 -14.05 -9.15
CA ALA G 238 34.33 -14.39 -10.21
C ALA G 238 34.12 -15.78 -10.78
N ILE G 239 33.30 -16.62 -10.14
CA ILE G 239 32.93 -17.90 -10.75
C ILE G 239 31.52 -17.84 -11.34
N GLU G 240 30.66 -16.94 -10.85
CA GLU G 240 29.39 -16.73 -11.53
C GLU G 240 29.58 -16.02 -12.86
N GLU G 241 30.58 -15.13 -12.95
CA GLU G 241 30.94 -14.54 -14.24
C GLU G 241 31.45 -15.59 -15.21
N LEU G 242 32.20 -16.57 -14.70
CA LEU G 242 32.68 -17.65 -15.56
C LEU G 242 31.53 -18.54 -16.01
N TYR G 243 30.57 -18.82 -15.12
CA TYR G 243 29.44 -19.66 -15.49
C TYR G 243 28.54 -18.98 -16.51
N VAL G 244 28.28 -17.67 -16.33
CA VAL G 244 27.48 -16.96 -17.31
C VAL G 244 28.27 -16.72 -18.60
N GLU G 245 29.60 -16.80 -18.55
CA GLU G 245 30.38 -16.73 -19.78
C GLU G 245 30.26 -18.03 -20.57
N LEU G 246 30.67 -19.15 -19.99
CA LEU G 246 30.72 -20.40 -20.74
C LEU G 246 29.47 -21.27 -20.53
N ALA G 247 28.34 -20.66 -20.18
CA ALA G 247 27.05 -21.28 -20.44
C ALA G 247 26.34 -20.66 -21.64
N ALA G 248 26.89 -19.58 -22.20
CA ALA G 248 26.47 -19.03 -23.48
C ALA G 248 27.43 -19.40 -24.59
N ARG G 249 28.11 -20.52 -24.45
CA ARG G 249 29.00 -21.07 -25.47
C ARG G 249 28.62 -22.49 -25.85
N ARG G 250 28.20 -23.30 -24.89
CA ARG G 250 27.66 -24.61 -25.22
C ARG G 250 26.23 -24.53 -25.74
N SER G 251 25.57 -23.39 -25.58
CA SER G 251 24.32 -23.11 -26.25
C SER G 251 24.53 -22.38 -27.57
N GLU G 252 25.73 -22.43 -28.12
CA GLU G 252 26.01 -21.99 -29.48
C GLU G 252 26.70 -23.12 -30.21
N LEU G 253 27.50 -23.91 -29.49
CA LEU G 253 28.14 -25.09 -30.04
C LEU G 253 27.19 -26.25 -30.30
N LEU G 254 25.92 -26.14 -29.91
CA LEU G 254 24.94 -27.14 -30.33
C LEU G 254 24.05 -26.63 -31.46
N ARG G 255 23.75 -25.32 -31.44
CA ARG G 255 23.03 -24.69 -32.55
C ARG G 255 23.84 -24.74 -33.82
N LYS G 256 25.15 -24.47 -33.75
CA LYS G 256 26.00 -24.48 -34.92
C LYS G 256 26.29 -25.90 -35.41
N LEU G 257 26.06 -26.90 -34.57
CA LEU G 257 26.49 -28.26 -34.86
C LEU G 257 25.37 -29.20 -35.28
N THR G 258 24.15 -29.01 -34.77
CA THR G 258 23.04 -29.86 -35.21
C THR G 258 22.59 -29.54 -36.62
N GLU G 259 22.90 -28.35 -37.14
CA GLU G 259 22.62 -28.08 -38.55
C GLU G 259 23.65 -28.75 -39.45
N THR G 260 24.86 -29.00 -38.95
CA THR G 260 25.84 -29.76 -39.71
C THR G 260 25.54 -31.25 -39.66
N PHE G 261 25.51 -31.82 -38.46
CA PHE G 261 25.16 -33.23 -38.28
C PHE G 261 23.66 -33.36 -38.11
N GLY G 262 22.98 -33.82 -39.16
CA GLY G 262 21.54 -33.87 -39.14
C GLY G 262 20.97 -34.99 -38.27
N SER G 263 19.64 -34.99 -38.15
CA SER G 263 18.93 -35.97 -37.37
C SER G 263 18.67 -37.23 -38.20
N TRP G 264 18.13 -38.26 -37.54
CA TRP G 264 17.83 -39.49 -38.26
C TRP G 264 16.72 -40.26 -37.53
N TYR G 265 16.04 -41.10 -38.31
CA TYR G 265 15.09 -42.06 -37.75
C TYR G 265 15.83 -43.30 -37.27
N GLN G 266 15.58 -43.69 -36.02
CA GLN G 266 16.23 -44.90 -35.43
C GLN G 266 15.12 -45.86 -34.96
N PRO G 267 15.17 -47.17 -35.28
CA PRO G 267 14.09 -48.10 -34.87
C PRO G 267 14.00 -48.19 -33.36
N LYS G 268 12.79 -47.95 -32.84
CA LYS G 268 12.56 -47.93 -31.41
C LYS G 268 12.53 -49.34 -30.83
N TYR G 326 5.14 -51.83 -40.05
CA TYR G 326 4.77 -51.76 -38.65
C TYR G 326 5.93 -51.21 -37.82
N THR G 327 7.14 -51.24 -38.41
CA THR G 327 8.42 -50.93 -37.79
C THR G 327 8.45 -49.56 -37.13
N PRO G 328 8.46 -49.49 -35.80
CA PRO G 328 8.37 -48.19 -35.12
C PRO G 328 9.70 -47.44 -35.16
N VAL G 329 9.66 -46.20 -35.65
CA VAL G 329 10.84 -45.37 -35.77
C VAL G 329 10.63 -44.12 -34.93
N GLU G 330 11.75 -43.48 -34.58
CA GLU G 330 11.69 -42.21 -33.87
C GLU G 330 12.72 -41.25 -34.45
N HIS G 331 12.42 -39.95 -34.35
CA HIS G 331 13.21 -38.89 -34.94
C HIS G 331 14.23 -38.40 -33.91
N VAL G 332 15.35 -39.10 -33.83
CA VAL G 332 16.35 -38.76 -32.82
C VAL G 332 17.36 -37.80 -33.45
N VAL G 333 17.86 -36.88 -32.64
CA VAL G 333 18.74 -35.82 -33.09
C VAL G 333 20.13 -36.06 -32.53
N PHE G 334 21.07 -35.22 -32.97
CA PHE G 334 22.48 -35.42 -32.64
C PHE G 334 22.78 -34.85 -31.26
N ASN G 335 23.25 -35.71 -30.36
CA ASN G 335 23.66 -35.30 -29.02
C ASN G 335 25.17 -35.41 -28.93
N PRO G 336 25.92 -34.31 -28.88
CA PRO G 336 27.38 -34.41 -28.95
C PRO G 336 28.01 -34.95 -27.68
N SER G 337 27.31 -34.92 -26.54
CA SER G 337 27.87 -35.48 -25.32
C SER G 337 27.95 -37.00 -25.36
N SER G 338 27.11 -37.64 -26.16
CA SER G 338 27.19 -39.09 -26.32
C SER G 338 28.39 -39.46 -27.19
N ARG G 339 28.98 -40.61 -26.88
CA ARG G 339 30.07 -41.15 -27.69
C ARG G 339 29.60 -42.30 -28.57
N ASP G 340 28.30 -42.41 -28.80
CA ASP G 340 27.73 -43.29 -29.80
C ASP G 340 27.28 -42.55 -31.05
N HIS G 341 26.70 -41.35 -30.88
CA HIS G 341 26.25 -40.56 -32.02
C HIS G 341 27.43 -40.07 -32.85
N ILE G 342 28.50 -39.62 -32.19
CA ILE G 342 29.70 -39.21 -32.92
C ILE G 342 30.36 -40.39 -33.60
N GLN G 343 30.29 -41.58 -32.99
CA GLN G 343 30.86 -42.79 -33.59
C GLN G 343 30.09 -43.19 -34.84
N LYS G 344 28.76 -43.09 -34.78
CA LYS G 344 27.93 -43.41 -35.93
C LYS G 344 28.13 -42.39 -37.06
N LYS G 345 28.11 -41.09 -36.73
CA LYS G 345 28.25 -40.07 -37.76
C LYS G 345 29.66 -40.01 -38.33
N LEU G 346 30.68 -40.51 -37.63
CA LEU G 346 31.99 -40.64 -38.23
C LEU G 346 32.17 -41.94 -38.99
N GLN G 347 31.27 -42.90 -38.74
CA GLN G 347 31.28 -44.21 -39.45
C GLN G 347 30.59 -44.03 -40.82
N GLU G 348 29.59 -43.13 -40.90
CA GLU G 348 28.89 -42.88 -42.15
C GLU G 348 29.34 -41.59 -42.84
N ALA G 349 30.55 -41.11 -42.54
CA ALA G 349 31.12 -39.97 -43.25
C ALA G 349 32.49 -40.29 -43.84
N GLY G 350 32.93 -41.54 -43.77
CA GLY G 350 34.19 -41.93 -44.38
C GLY G 350 35.39 -41.88 -43.47
N TRP G 351 35.32 -42.55 -42.31
CA TRP G 351 36.44 -42.64 -41.40
C TRP G 351 36.58 -44.06 -40.87
N VAL G 352 37.80 -44.58 -40.90
CA VAL G 352 38.13 -45.91 -40.42
C VAL G 352 38.93 -45.76 -39.13
N PRO G 353 38.55 -46.43 -38.04
CA PRO G 353 39.24 -46.15 -36.75
C PRO G 353 40.64 -46.74 -36.66
N THR G 354 40.83 -47.99 -37.11
CA THR G 354 42.08 -48.76 -36.97
C THR G 354 42.57 -48.84 -35.52
N LYS G 355 41.64 -48.90 -34.57
CA LYS G 355 41.97 -49.03 -33.15
C LYS G 355 40.73 -49.57 -32.46
N TYR G 356 40.80 -50.82 -32.01
CA TYR G 356 39.62 -51.51 -31.47
C TYR G 356 39.91 -51.97 -30.04
N THR G 357 39.66 -51.09 -29.08
CA THR G 357 39.67 -51.49 -27.68
C THR G 357 38.48 -52.40 -27.38
N ASP G 358 37.27 -51.90 -27.62
CA ASP G 358 36.08 -52.73 -27.49
C ASP G 358 36.00 -53.72 -28.65
N LYS G 359 35.28 -54.81 -28.40
CA LYS G 359 35.26 -55.94 -29.34
C LYS G 359 34.47 -55.64 -30.60
N GLY G 360 33.60 -54.63 -30.60
CA GLY G 360 32.85 -54.28 -31.78
C GLY G 360 32.77 -52.78 -32.01
N ALA G 361 33.32 -52.01 -31.08
CA ALA G 361 33.27 -50.56 -31.14
C ALA G 361 34.68 -50.00 -31.03
N PRO G 362 34.94 -48.86 -31.66
CA PRO G 362 36.24 -48.20 -31.53
C PRO G 362 36.37 -47.50 -30.17
N VAL G 363 37.51 -46.90 -29.96
CA VAL G 363 37.73 -46.01 -28.82
C VAL G 363 37.65 -44.58 -29.32
N VAL G 364 36.96 -43.72 -28.56
CA VAL G 364 36.77 -42.32 -28.92
C VAL G 364 37.20 -41.48 -27.72
N ASP G 365 38.28 -40.72 -27.89
CA ASP G 365 38.75 -39.78 -26.88
C ASP G 365 39.52 -38.67 -27.58
N ASP G 366 40.20 -37.84 -26.79
CA ASP G 366 40.87 -36.66 -27.33
C ASP G 366 42.09 -37.00 -28.17
N GLU G 367 42.65 -38.20 -28.03
CA GLU G 367 43.82 -38.58 -28.80
C GLU G 367 43.48 -39.24 -30.12
N VAL G 368 42.22 -39.64 -30.34
CA VAL G 368 41.78 -40.07 -31.66
C VAL G 368 40.87 -39.07 -32.33
N LEU G 369 40.35 -38.07 -31.60
CA LEU G 369 39.64 -36.99 -32.26
C LEU G 369 40.58 -35.92 -32.79
N GLU G 370 41.88 -36.06 -32.58
CA GLU G 370 42.88 -35.24 -33.27
C GLU G 370 43.33 -35.91 -34.56
N GLY G 371 43.67 -37.19 -34.49
CA GLY G 371 44.09 -37.93 -35.66
C GLY G 371 42.94 -38.55 -36.41
N VAL G 372 42.01 -37.71 -36.86
CA VAL G 372 40.84 -38.14 -37.63
C VAL G 372 40.71 -37.23 -38.85
N ARG G 373 40.52 -37.84 -40.01
CA ARG G 373 40.38 -37.10 -41.27
C ARG G 373 39.18 -37.63 -42.03
N VAL G 374 38.39 -36.70 -42.59
CA VAL G 374 37.21 -37.03 -43.37
C VAL G 374 37.31 -36.34 -44.71
N ASP G 375 36.40 -36.71 -45.63
CA ASP G 375 36.40 -36.15 -46.96
C ASP G 375 35.76 -34.76 -46.99
N ASP G 376 34.65 -34.60 -46.29
CA ASP G 376 33.92 -33.34 -46.27
C ASP G 376 34.68 -32.32 -45.44
N PRO G 377 35.08 -31.16 -46.01
CA PRO G 377 35.83 -30.18 -45.22
C PRO G 377 35.02 -29.39 -44.20
N GLU G 378 33.71 -29.62 -44.10
CA GLU G 378 32.94 -29.03 -43.02
C GLU G 378 33.08 -29.83 -41.74
N LYS G 379 33.11 -31.16 -41.85
CA LYS G 379 33.23 -32.01 -40.67
C LYS G 379 34.61 -31.92 -40.05
N GLN G 380 35.63 -31.61 -40.86
CA GLN G 380 36.98 -31.40 -40.36
C GLN G 380 37.04 -30.21 -39.41
N ALA G 381 36.22 -29.19 -39.65
CA ALA G 381 36.09 -28.09 -38.69
C ALA G 381 35.08 -28.40 -37.59
N ALA G 382 34.11 -29.29 -37.86
CA ALA G 382 33.10 -29.58 -36.85
C ALA G 382 33.63 -30.42 -35.70
N ILE G 383 34.64 -31.26 -35.97
CA ILE G 383 35.20 -32.12 -34.92
C ILE G 383 35.87 -31.30 -33.81
N ASP G 384 36.50 -30.18 -34.16
CA ASP G 384 37.09 -29.30 -33.15
C ASP G 384 36.03 -28.66 -32.26
N LEU G 385 34.87 -28.32 -32.84
CA LEU G 385 33.77 -27.81 -32.05
C LEU G 385 33.17 -28.89 -31.16
N ILE G 386 33.21 -30.15 -31.61
CA ILE G 386 32.75 -31.26 -30.77
C ILE G 386 33.66 -31.42 -29.55
N LYS G 387 34.98 -31.32 -29.75
CA LYS G 387 35.91 -31.42 -28.62
C LYS G 387 35.76 -30.25 -27.66
N GLU G 388 35.58 -29.03 -28.19
CA GLU G 388 35.35 -27.88 -27.33
C GLU G 388 34.04 -27.99 -26.56
N TYR G 389 33.01 -28.58 -27.17
CA TYR G 389 31.74 -28.79 -26.48
C TYR G 389 31.88 -29.77 -25.34
N LEU G 390 32.64 -30.85 -25.54
CA LEU G 390 32.87 -31.80 -24.45
C LEU G 390 33.66 -31.16 -23.31
N MET G 391 34.62 -30.30 -23.63
CA MET G 391 35.38 -29.59 -22.60
C MET G 391 34.50 -28.65 -21.79
N ILE G 392 33.66 -27.87 -22.47
CA ILE G 392 32.78 -26.91 -21.80
C ILE G 392 31.75 -27.66 -20.94
N GLN G 393 31.27 -28.80 -21.42
CA GLN G 393 30.32 -29.59 -20.63
C GLN G 393 30.96 -30.12 -19.35
N LYS G 394 32.20 -30.60 -19.43
CA LYS G 394 32.88 -31.08 -18.22
C LYS G 394 33.18 -29.93 -17.25
N ARG G 395 33.53 -28.76 -17.80
CA ARG G 395 33.84 -27.56 -16.98
C ARG G 395 32.58 -27.13 -16.20
N ILE G 396 31.43 -27.09 -16.88
CA ILE G 396 30.18 -26.69 -16.24
C ILE G 396 29.77 -27.69 -15.16
N GLY G 397 29.83 -28.99 -15.50
CA GLY G 397 29.44 -30.01 -14.55
C GLY G 397 30.36 -30.12 -13.35
N GLN G 398 31.61 -29.71 -13.49
CA GLN G 398 32.48 -29.66 -12.32
C GLN G 398 32.24 -28.38 -11.51
N SER G 399 32.15 -27.23 -12.17
CA SER G 399 32.18 -25.97 -11.46
C SER G 399 30.84 -25.66 -10.78
N ALA G 400 29.74 -25.69 -11.53
CA ALA G 400 28.52 -25.08 -11.01
C ALA G 400 27.25 -25.93 -11.06
N GLU G 401 27.19 -26.93 -11.95
CA GLU G 401 25.92 -27.68 -12.14
C GLU G 401 25.97 -29.10 -11.55
N GLY G 402 27.11 -29.57 -11.04
CA GLY G 402 27.17 -30.90 -10.50
C GLY G 402 26.48 -31.00 -9.14
N ASP G 403 26.29 -32.24 -8.71
CA ASP G 403 25.74 -32.48 -7.38
C ASP G 403 26.74 -32.07 -6.30
N LYS G 404 28.03 -32.13 -6.61
CA LYS G 404 29.08 -31.74 -5.69
C LYS G 404 29.87 -30.58 -6.26
N ALA G 405 29.16 -29.59 -6.79
CA ALA G 405 29.80 -28.44 -7.43
C ALA G 405 30.41 -27.51 -6.39
N TRP G 406 31.11 -26.49 -6.86
CA TRP G 406 31.75 -25.54 -5.96
C TRP G 406 30.72 -24.63 -5.31
N LEU G 407 29.71 -24.21 -6.06
CA LEU G 407 28.71 -23.27 -5.57
C LEU G 407 27.63 -23.91 -4.70
N ARG G 408 27.73 -25.20 -4.41
CA ARG G 408 26.83 -25.84 -3.47
C ARG G 408 27.54 -26.25 -2.19
N TYR G 409 28.79 -25.83 -2.00
CA TYR G 409 29.53 -26.04 -0.76
C TYR G 409 30.25 -24.78 -0.35
N VAL G 410 29.57 -23.64 -0.45
CA VAL G 410 30.08 -22.37 0.06
C VAL G 410 29.26 -22.01 1.28
N ALA G 411 29.94 -21.75 2.39
CA ALA G 411 29.28 -21.47 3.66
C ALA G 411 28.80 -20.02 3.70
N GLU G 412 28.36 -19.57 4.86
CA GLU G 412 27.87 -18.20 4.99
C GLU G 412 29.01 -17.19 4.96
N ASP G 413 30.17 -17.55 5.48
CA ASP G 413 31.32 -16.66 5.57
C ASP G 413 32.19 -16.66 4.31
N GLY G 414 31.73 -17.28 3.22
CA GLY G 414 32.46 -17.25 1.97
C GLY G 414 33.68 -18.15 1.92
N LYS G 415 33.58 -19.36 2.47
CA LYS G 415 34.69 -20.30 2.48
C LYS G 415 34.17 -21.69 2.18
N ILE G 416 35.05 -22.55 1.69
CA ILE G 416 34.73 -23.92 1.32
C ILE G 416 35.42 -24.86 2.31
N HIS G 417 34.64 -25.79 2.88
CA HIS G 417 35.14 -26.78 3.82
C HIS G 417 35.06 -28.14 3.14
N GLY G 418 36.21 -28.74 2.87
CA GLY G 418 36.27 -30.05 2.22
C GLY G 418 36.89 -31.09 3.13
N SER G 419 36.29 -32.28 3.15
CA SER G 419 36.80 -33.36 3.98
C SER G 419 38.09 -33.92 3.40
N VAL G 420 39.07 -34.18 4.27
CA VAL G 420 40.35 -34.75 3.88
C VAL G 420 40.58 -35.98 4.74
N ASN G 421 40.57 -37.15 4.11
CA ASN G 421 40.89 -38.39 4.79
C ASN G 421 42.40 -38.58 4.80
N PRO G 422 43.05 -38.63 5.96
CA PRO G 422 44.53 -38.74 5.98
C PRO G 422 45.06 -40.09 5.54
N ASN G 423 44.27 -41.16 5.66
CA ASN G 423 44.70 -42.49 5.23
C ASN G 423 43.52 -43.10 4.48
N GLY G 424 43.46 -42.83 3.18
CA GLY G 424 42.39 -43.37 2.37
C GLY G 424 42.89 -44.34 1.32
N ALA G 425 44.10 -44.11 0.83
CA ALA G 425 44.73 -45.03 -0.10
C ALA G 425 45.46 -46.12 0.66
N VAL G 426 45.77 -47.21 -0.04
CA VAL G 426 46.51 -48.31 0.59
C VAL G 426 47.98 -47.97 0.83
N THR G 427 48.49 -46.92 0.19
CA THR G 427 49.89 -46.53 0.33
C THR G 427 50.04 -45.26 1.16
N GLY G 428 49.13 -45.02 2.09
CA GLY G 428 49.25 -43.89 3.00
C GLY G 428 49.03 -42.53 2.39
N ARG G 429 48.42 -42.45 1.22
CA ARG G 429 48.16 -41.18 0.57
C ARG G 429 46.76 -40.69 0.93
N ALA G 430 46.66 -39.42 1.28
CA ALA G 430 45.41 -38.81 1.69
C ALA G 430 44.45 -38.70 0.51
N THR G 431 43.17 -38.83 0.80
CA THR G 431 42.13 -38.62 -0.22
C THR G 431 41.33 -37.39 0.16
N HIS G 432 40.70 -36.78 -0.84
CA HIS G 432 39.98 -35.54 -0.64
C HIS G 432 38.57 -35.70 -1.18
N ALA G 433 37.58 -35.26 -0.41
CA ALA G 433 36.20 -35.51 -0.82
C ALA G 433 35.29 -34.45 -0.24
N PHE G 434 34.17 -34.23 -0.92
CA PHE G 434 33.05 -33.37 -0.58
C PHE G 434 33.42 -31.91 -0.34
N PRO G 435 33.85 -31.14 -1.36
CA PRO G 435 34.26 -31.48 -2.73
C PRO G 435 35.72 -31.89 -2.75
N ASN G 436 36.24 -32.20 -3.93
CA ASN G 436 37.66 -32.55 -4.07
C ASN G 436 38.41 -31.29 -4.47
N LEU G 437 39.21 -30.76 -3.54
CA LEU G 437 40.07 -29.61 -3.80
C LEU G 437 41.44 -30.01 -4.30
N ALA G 438 41.63 -31.27 -4.66
CA ALA G 438 42.84 -31.74 -5.33
C ALA G 438 42.56 -32.17 -6.75
N GLN G 439 41.47 -31.65 -7.34
CA GLN G 439 41.10 -32.10 -8.72
C GLN G 439 40.61 -30.93 -9.58
N ILE G 440 40.92 -29.69 -9.19
CA ILE G 440 40.52 -28.54 -9.98
C ILE G 440 41.50 -28.35 -11.14
N PRO G 441 41.10 -27.76 -12.26
CA PRO G 441 41.97 -27.75 -13.44
C PRO G 441 43.20 -26.86 -13.28
N GLY G 442 44.33 -27.38 -13.73
CA GLY G 442 45.60 -26.68 -13.64
C GLY G 442 45.70 -25.56 -14.64
N VAL G 443 46.86 -24.87 -14.61
CA VAL G 443 47.07 -23.69 -15.43
C VAL G 443 47.44 -24.02 -16.86
N ARG G 444 47.63 -25.30 -17.20
CA ARG G 444 47.91 -25.70 -18.57
C ARG G 444 46.65 -26.06 -19.35
N SER G 445 45.58 -26.45 -18.66
CA SER G 445 44.30 -26.75 -19.29
C SER G 445 43.57 -25.45 -19.61
N PRO G 446 42.73 -25.45 -20.66
CA PRO G 446 41.92 -24.25 -20.93
C PRO G 446 40.89 -24.02 -19.84
N TYR G 447 40.64 -22.72 -19.60
CA TYR G 447 39.85 -22.22 -18.46
C TYR G 447 40.40 -22.76 -17.14
N GLY G 448 41.71 -22.67 -16.97
CA GLY G 448 42.34 -23.15 -15.76
C GLY G 448 42.74 -22.06 -14.81
N GLU G 449 43.33 -20.99 -15.34
CA GLU G 449 43.70 -19.86 -14.51
C GLU G 449 42.46 -19.12 -14.00
N GLN G 450 41.39 -19.10 -14.80
CA GLN G 450 40.15 -18.48 -14.35
C GLN G 450 39.42 -19.33 -13.31
N CYS G 451 39.78 -20.61 -13.17
CA CYS G 451 39.23 -21.43 -12.11
C CYS G 451 40.11 -21.46 -10.86
N ARG G 452 41.42 -21.29 -11.01
CA ARG G 452 42.28 -21.20 -9.84
C ARG G 452 42.42 -19.79 -9.28
N ALA G 453 42.00 -18.76 -10.01
CA ALA G 453 42.07 -17.41 -9.46
C ALA G 453 40.96 -17.12 -8.47
N ALA G 454 39.89 -17.92 -8.47
CA ALA G 454 38.83 -17.74 -7.47
C ALA G 454 39.20 -18.37 -6.14
N PHE G 455 40.05 -19.40 -6.16
CA PHE G 455 40.51 -20.08 -4.95
C PHE G 455 41.74 -19.38 -4.36
N GLY G 456 41.55 -18.12 -3.99
CA GLY G 456 42.63 -17.32 -3.48
C GLY G 456 42.57 -17.09 -1.98
N ALA G 457 43.67 -16.62 -1.43
CA ALA G 457 43.73 -16.24 -0.02
C ALA G 457 43.67 -14.74 0.18
N GLU G 458 43.65 -13.96 -0.89
CA GLU G 458 43.44 -12.53 -0.81
C GLU G 458 41.97 -12.15 -0.81
N HIS G 459 41.08 -13.13 -0.80
CA HIS G 459 39.64 -12.90 -0.69
C HIS G 459 39.18 -12.91 0.77
N HIS G 460 40.11 -12.87 1.71
CA HIS G 460 39.79 -12.82 3.14
C HIS G 460 40.30 -11.48 3.66
N LEU G 461 39.43 -10.49 3.68
CA LEU G 461 39.75 -9.21 4.27
C LEU G 461 39.80 -9.34 5.79
N ASP G 462 40.75 -8.65 6.41
CA ASP G 462 41.02 -8.85 7.82
C ASP G 462 39.92 -8.22 8.67
N GLY G 463 39.63 -8.85 9.80
CA GLY G 463 38.57 -8.42 10.68
C GLY G 463 38.91 -7.31 11.64
N ILE G 464 40.14 -6.80 11.61
CA ILE G 464 40.52 -5.69 12.49
C ILE G 464 41.05 -4.49 11.73
N THR G 465 41.63 -4.64 10.53
CA THR G 465 42.11 -3.50 9.75
C THR G 465 41.50 -3.42 8.36
N GLY G 466 40.70 -4.40 7.95
CA GLY G 466 40.04 -4.35 6.64
C GLY G 466 40.97 -4.51 5.46
N LYS G 467 41.98 -5.36 5.58
CA LYS G 467 42.97 -5.55 4.53
C LYS G 467 43.04 -7.01 4.15
N PRO G 468 43.33 -7.32 2.89
CA PRO G 468 43.47 -8.72 2.48
C PRO G 468 44.78 -9.32 2.96
N TRP G 469 44.87 -10.64 2.85
CA TRP G 469 46.04 -11.37 3.30
C TRP G 469 46.93 -11.80 2.14
N VAL G 470 48.01 -12.50 2.47
CA VAL G 470 49.04 -12.94 1.54
C VAL G 470 49.07 -14.47 1.59
N GLN G 471 49.40 -15.13 0.48
CA GLN G 471 49.45 -16.58 0.43
C GLN G 471 50.86 -17.05 0.10
N ALA G 472 51.30 -18.11 0.78
CA ALA G 472 52.57 -18.76 0.51
C ALA G 472 52.32 -20.22 0.19
N GLY G 473 52.93 -20.70 -0.88
CA GLY G 473 52.77 -22.10 -1.27
C GLY G 473 54.10 -22.81 -1.43
N ILE G 474 54.25 -23.97 -0.80
CA ILE G 474 55.54 -24.64 -0.73
C ILE G 474 55.41 -26.04 -1.31
N ASP G 475 56.23 -26.35 -2.33
CA ASP G 475 56.21 -27.62 -3.03
C ASP G 475 57.56 -28.30 -2.89
N ALA G 476 57.54 -29.61 -2.72
CA ALA G 476 58.76 -30.40 -2.73
C ALA G 476 59.13 -30.78 -4.16
N SER G 477 60.42 -30.98 -4.41
CA SER G 477 60.95 -31.17 -5.74
C SER G 477 61.61 -32.54 -5.86
N GLY G 478 61.14 -33.34 -6.81
CA GLY G 478 61.72 -34.65 -7.09
C GLY G 478 61.54 -35.64 -5.98
N LEU G 479 60.30 -35.81 -5.51
CA LEU G 479 60.07 -36.49 -4.24
C LEU G 479 60.23 -38.00 -4.37
N GLU G 480 59.41 -38.66 -5.20
CA GLU G 480 59.55 -40.09 -5.36
C GLU G 480 60.80 -40.46 -6.15
N LEU G 481 61.21 -39.58 -7.07
CA LEU G 481 62.42 -39.82 -7.83
C LEU G 481 63.67 -39.69 -6.97
N ARG G 482 63.59 -38.97 -5.84
CA ARG G 482 64.70 -38.90 -4.91
C ARG G 482 64.59 -39.98 -3.83
N CYS G 483 63.37 -40.44 -3.52
CA CYS G 483 63.23 -41.64 -2.70
C CYS G 483 63.78 -42.87 -3.41
N LEU G 484 63.70 -42.91 -4.74
CA LEU G 484 64.35 -43.99 -5.50
C LEU G 484 65.86 -43.97 -5.31
N ALA G 485 66.46 -42.78 -5.35
CA ALA G 485 67.89 -42.65 -5.10
C ALA G 485 68.24 -42.93 -3.65
N HIS G 486 67.29 -42.79 -2.72
CA HIS G 486 67.52 -43.30 -1.37
C HIS G 486 67.54 -44.82 -1.33
N PHE G 487 66.55 -45.46 -1.97
CA PHE G 487 66.41 -46.91 -1.81
C PHE G 487 67.45 -47.71 -2.59
N MET G 488 67.92 -47.22 -3.74
CA MET G 488 68.88 -48.01 -4.50
C MET G 488 70.32 -47.52 -4.32
N ALA G 489 70.58 -46.71 -3.28
CA ALA G 489 71.94 -46.24 -3.05
C ALA G 489 72.84 -47.29 -2.41
N ARG G 490 72.30 -48.43 -1.98
CA ARG G 490 73.12 -49.53 -1.49
C ARG G 490 73.57 -50.46 -2.61
N PHE G 491 73.08 -50.27 -3.82
CA PHE G 491 73.50 -51.07 -4.97
C PHE G 491 74.57 -50.38 -5.79
N ASP G 492 74.31 -49.17 -6.27
CA ASP G 492 75.27 -48.45 -7.10
C ASP G 492 76.14 -47.49 -6.31
N ASN G 493 76.25 -47.70 -4.99
CA ASN G 493 77.19 -47.02 -4.08
C ASN G 493 76.99 -45.51 -4.02
N GLY G 494 75.80 -45.01 -4.36
CA GLY G 494 75.52 -43.61 -4.17
C GLY G 494 76.07 -42.68 -5.22
N GLU G 495 76.36 -43.16 -6.42
CA GLU G 495 76.72 -42.31 -7.55
C GLU G 495 75.53 -42.01 -8.45
N TYR G 496 74.31 -42.19 -7.95
CA TYR G 496 73.11 -41.68 -8.59
C TYR G 496 72.48 -40.52 -7.84
N ALA G 497 72.63 -40.47 -6.52
CA ALA G 497 72.10 -39.40 -5.70
C ALA G 497 72.99 -38.17 -5.68
N HIS G 498 73.95 -38.08 -6.60
CA HIS G 498 74.79 -36.90 -6.75
C HIS G 498 74.41 -36.07 -7.97
N GLU G 499 73.85 -36.69 -9.00
CA GLU G 499 73.42 -35.95 -10.19
C GLU G 499 72.09 -35.24 -9.95
N ILE G 500 71.24 -35.80 -9.08
CA ILE G 500 69.99 -35.14 -8.71
C ILE G 500 70.28 -33.84 -7.96
N LEU G 501 71.27 -33.86 -7.07
CA LEU G 501 71.69 -32.66 -6.38
C LEU G 501 72.52 -31.71 -7.25
N ASN G 502 72.95 -32.16 -8.43
CA ASN G 502 73.73 -31.34 -9.36
C ASN G 502 72.79 -30.88 -10.46
N GLY G 503 72.15 -29.73 -10.24
CA GLY G 503 71.24 -29.18 -11.23
C GLY G 503 69.89 -29.84 -11.21
N ASP G 504 69.00 -29.33 -12.05
CA ASP G 504 67.65 -29.86 -12.15
C ASP G 504 67.66 -31.21 -12.86
N ILE G 505 66.76 -32.08 -12.44
CA ILE G 505 66.71 -33.44 -12.98
C ILE G 505 65.82 -33.54 -14.22
N HIS G 506 64.62 -32.94 -14.18
CA HIS G 506 63.67 -33.12 -15.27
C HIS G 506 64.05 -32.33 -16.51
N THR G 507 64.69 -31.18 -16.34
CA THR G 507 65.13 -30.40 -17.48
C THR G 507 66.23 -31.12 -18.26
N LYS G 508 67.22 -31.65 -17.54
CA LYS G 508 68.29 -32.37 -18.24
C LYS G 508 67.80 -33.73 -18.75
N ASN G 509 66.77 -34.30 -18.12
CA ASN G 509 66.17 -35.51 -18.67
C ASN G 509 65.41 -35.21 -19.97
N GLN G 510 64.77 -34.03 -20.03
CA GLN G 510 64.15 -33.57 -21.27
C GLN G 510 65.19 -33.32 -22.37
N ILE G 511 66.34 -32.77 -21.98
CA ILE G 511 67.43 -32.56 -22.95
C ILE G 511 67.94 -33.91 -23.47
N ALA G 512 68.11 -34.89 -22.57
CA ALA G 512 68.64 -36.18 -22.96
C ALA G 512 67.64 -37.03 -23.75
N ALA G 513 66.34 -36.80 -23.59
CA ALA G 513 65.34 -37.62 -24.26
C ALA G 513 64.56 -36.88 -25.35
N GLU G 514 64.94 -35.63 -25.65
CA GLU G 514 64.36 -34.75 -26.70
C GLU G 514 62.83 -34.68 -26.67
N LEU G 515 62.26 -34.72 -25.47
CA LEU G 515 60.84 -34.49 -25.29
C LEU G 515 60.52 -33.02 -25.52
N PRO G 516 59.28 -32.69 -25.96
CA PRO G 516 58.94 -31.27 -26.16
C PRO G 516 58.83 -30.46 -24.87
N THR G 517 58.13 -30.98 -23.85
CA THR G 517 57.90 -30.23 -22.63
C THR G 517 58.40 -30.98 -21.40
N ARG G 518 58.67 -30.19 -20.35
CA ARG G 518 59.10 -30.72 -19.07
C ARG G 518 58.02 -31.59 -18.43
N ASP G 519 56.76 -31.23 -18.65
CA ASP G 519 55.65 -32.05 -18.15
C ASP G 519 55.61 -33.41 -18.85
N ASN G 520 55.93 -33.44 -20.15
CA ASN G 520 55.97 -34.72 -20.87
C ASN G 520 57.16 -35.56 -20.42
N ALA G 521 58.30 -34.93 -20.15
CA ALA G 521 59.43 -35.67 -19.61
C ALA G 521 59.12 -36.22 -18.21
N LYS G 522 58.43 -35.43 -17.40
CA LYS G 522 58.06 -35.86 -16.06
C LYS G 522 57.01 -36.97 -16.07
N THR G 523 56.10 -36.94 -17.04
CA THR G 523 55.16 -38.05 -17.17
C THR G 523 55.88 -39.32 -17.66
N PHE G 524 56.80 -39.15 -18.61
CA PHE G 524 57.50 -40.29 -19.20
C PHE G 524 58.40 -41.00 -18.21
N ILE G 525 59.09 -40.26 -17.33
CA ILE G 525 60.06 -40.90 -16.45
C ILE G 525 59.36 -41.78 -15.41
N TYR G 526 58.23 -41.34 -14.87
CA TYR G 526 57.49 -42.18 -13.94
C TYR G 526 56.71 -43.27 -14.67
N GLY G 527 56.31 -43.03 -15.92
CA GLY G 527 55.68 -44.08 -16.70
C GLY G 527 56.63 -45.22 -16.98
N PHE G 528 57.88 -44.91 -17.32
CA PHE G 528 58.91 -45.93 -17.45
C PHE G 528 59.24 -46.59 -16.12
N LEU G 529 59.23 -45.81 -15.03
CA LEU G 529 59.71 -46.35 -13.76
C LEU G 529 58.71 -47.30 -13.12
N TYR G 530 57.42 -46.99 -13.20
CA TYR G 530 56.43 -47.84 -12.51
C TYR G 530 55.87 -48.93 -13.41
N GLY G 531 56.75 -49.67 -14.09
CA GLY G 531 56.41 -50.87 -14.84
C GLY G 531 55.40 -50.75 -15.95
N ALA G 532 55.74 -50.07 -17.04
CA ALA G 532 54.84 -49.92 -18.17
C ALA G 532 54.99 -51.11 -19.12
N GLY G 533 54.37 -50.98 -20.30
CA GLY G 533 54.53 -51.94 -21.36
C GLY G 533 55.36 -51.41 -22.51
N ASP G 534 55.15 -52.01 -23.67
CA ASP G 534 55.91 -51.61 -24.86
C ASP G 534 55.32 -50.40 -25.56
N GLU G 535 54.04 -50.11 -25.35
CA GLU G 535 53.33 -49.07 -26.10
C GLU G 535 52.95 -47.85 -25.26
N LYS G 536 52.78 -48.01 -23.94
CA LYS G 536 52.26 -46.91 -23.14
C LYS G 536 53.29 -45.85 -22.80
N ILE G 537 54.56 -46.05 -23.16
CA ILE G 537 55.54 -44.98 -23.09
C ILE G 537 56.03 -44.56 -24.47
N GLY G 538 55.60 -45.25 -25.52
CA GLY G 538 55.77 -44.75 -26.86
C GLY G 538 54.60 -43.85 -27.21
N GLN G 539 53.48 -44.05 -26.52
CA GLN G 539 52.30 -43.23 -26.74
C GLN G 539 52.47 -41.81 -26.21
N ILE G 540 53.41 -41.60 -25.27
CA ILE G 540 53.66 -40.28 -24.73
C ILE G 540 54.22 -39.35 -25.81
N VAL G 541 55.05 -39.87 -26.70
CA VAL G 541 55.49 -39.12 -27.88
C VAL G 541 54.66 -39.44 -29.11
N GLY G 542 53.77 -40.42 -29.05
CA GLY G 542 52.93 -40.79 -30.16
C GLY G 542 53.54 -41.77 -31.13
N ALA G 543 54.80 -42.17 -30.93
CA ALA G 543 55.49 -43.05 -31.86
C ALA G 543 55.07 -44.51 -31.63
N GLY G 544 55.80 -45.43 -32.26
CA GLY G 544 55.48 -46.83 -32.18
C GLY G 544 56.27 -47.57 -31.11
N LYS G 545 56.08 -48.88 -31.09
CA LYS G 545 56.75 -49.73 -30.10
C LYS G 545 58.24 -49.87 -30.35
N GLU G 546 58.74 -49.48 -31.53
CA GLU G 546 60.18 -49.43 -31.74
C GLU G 546 60.82 -48.34 -30.89
N ARG G 547 60.24 -47.13 -30.90
CA ARG G 547 60.74 -46.09 -30.01
C ARG G 547 60.39 -46.41 -28.56
N GLY G 548 59.23 -47.05 -28.34
CA GLY G 548 58.88 -47.52 -27.00
C GLY G 548 59.79 -48.59 -26.46
N LYS G 549 60.54 -49.28 -27.33
CA LYS G 549 61.57 -50.21 -26.89
C LYS G 549 62.92 -49.53 -26.72
N GLU G 550 63.28 -48.63 -27.64
CA GLU G 550 64.61 -48.04 -27.56
C GLU G 550 64.72 -47.02 -26.42
N LEU G 551 63.62 -46.39 -26.01
CA LEU G 551 63.69 -45.50 -24.84
C LEU G 551 63.83 -46.31 -23.56
N LYS G 552 63.16 -47.46 -23.48
CA LYS G 552 63.35 -48.37 -22.36
C LYS G 552 64.78 -48.87 -22.29
N LYS G 553 65.38 -49.22 -23.43
CA LYS G 553 66.76 -49.69 -23.42
C LYS G 553 67.73 -48.56 -23.07
N LYS G 554 67.45 -47.33 -23.55
CA LYS G 554 68.32 -46.20 -23.26
C LYS G 554 68.29 -45.83 -21.79
N PHE G 555 67.11 -45.83 -21.17
CA PHE G 555 67.03 -45.49 -19.75
C PHE G 555 67.10 -46.70 -18.84
N LEU G 556 67.37 -47.89 -19.40
CA LEU G 556 67.75 -49.03 -18.58
C LEU G 556 69.25 -49.28 -18.59
N GLU G 557 69.94 -48.99 -19.70
CA GLU G 557 71.38 -49.19 -19.77
C GLU G 557 72.18 -48.05 -19.16
N ASN G 558 71.53 -46.97 -18.71
CA ASN G 558 72.26 -45.91 -18.04
C ASN G 558 72.66 -46.32 -16.62
N THR G 559 71.69 -46.60 -15.77
CA THR G 559 71.93 -47.08 -14.41
C THR G 559 71.37 -48.48 -14.28
N PRO G 560 72.21 -49.53 -14.31
CA PRO G 560 71.71 -50.91 -14.21
C PRO G 560 71.45 -51.38 -12.78
N ALA G 561 70.76 -50.54 -11.99
CA ALA G 561 70.41 -50.87 -10.63
C ALA G 561 68.90 -50.97 -10.41
N ILE G 562 68.08 -50.47 -11.34
CA ILE G 562 66.64 -50.55 -11.19
C ILE G 562 66.18 -52.00 -11.34
N ALA G 563 66.76 -52.74 -12.28
CA ALA G 563 66.43 -54.15 -12.43
C ALA G 563 66.94 -54.98 -11.26
N ALA G 564 68.08 -54.60 -10.68
CA ALA G 564 68.59 -55.30 -9.50
C ALA G 564 67.71 -55.04 -8.28
N LEU G 565 67.23 -53.80 -8.13
CA LEU G 565 66.29 -53.47 -7.05
C LEU G 565 64.97 -54.20 -7.23
N ARG G 566 64.48 -54.29 -8.47
CA ARG G 566 63.24 -55.00 -8.74
C ARG G 566 63.39 -56.50 -8.47
N GLU G 567 64.55 -57.07 -8.82
CA GLU G 567 64.82 -58.46 -8.48
C GLU G 567 64.94 -58.67 -6.99
N SER G 568 65.48 -57.69 -6.26
CA SER G 568 65.53 -57.77 -4.80
C SER G 568 64.13 -57.77 -4.20
N ILE G 569 63.24 -56.93 -4.72
CA ILE G 569 61.86 -56.88 -4.23
C ILE G 569 61.13 -58.18 -4.55
N GLN G 570 61.37 -58.74 -5.75
CA GLN G 570 60.75 -60.02 -6.11
C GLN G 570 61.27 -61.17 -5.26
N GLN G 571 62.57 -61.17 -4.95
CA GLN G 571 63.11 -62.21 -4.08
C GLN G 571 62.70 -62.02 -2.62
N THR G 572 62.31 -60.82 -2.23
CA THR G 572 61.85 -60.60 -0.86
C THR G 572 60.37 -60.97 -0.69
N LEU G 573 59.51 -60.57 -1.62
CA LEU G 573 58.07 -60.74 -1.42
C LEU G 573 57.56 -62.07 -1.97
N VAL G 574 57.70 -62.31 -3.27
CA VAL G 574 57.04 -63.43 -3.92
C VAL G 574 58.01 -64.61 -3.97
N GLU G 575 57.48 -65.83 -3.99
CA GLU G 575 58.32 -67.02 -4.07
C GLU G 575 57.96 -67.89 -5.26
N SER G 576 56.69 -67.90 -5.66
CA SER G 576 56.25 -68.70 -6.80
C SER G 576 55.03 -68.05 -7.42
N SER G 577 54.96 -68.07 -8.75
CA SER G 577 53.84 -67.47 -9.49
C SER G 577 53.50 -68.38 -10.66
N GLN G 578 52.46 -69.20 -10.48
CA GLN G 578 51.99 -70.06 -11.56
C GLN G 578 51.28 -69.22 -12.62
N TRP G 579 51.43 -69.60 -13.87
CA TRP G 579 50.90 -68.84 -14.99
C TRP G 579 49.66 -69.49 -15.57
N VAL G 580 48.62 -68.67 -15.78
CA VAL G 580 47.40 -69.07 -16.46
C VAL G 580 47.29 -68.21 -17.71
N ALA G 581 46.76 -68.79 -18.79
CA ALA G 581 46.61 -68.08 -20.05
C ALA G 581 45.61 -66.93 -20.01
N GLY G 582 44.79 -66.83 -18.96
CA GLY G 582 43.88 -65.71 -18.81
C GLY G 582 43.89 -65.09 -17.43
N GLU G 583 44.68 -65.65 -16.52
CA GLU G 583 44.70 -65.18 -15.13
C GLU G 583 46.12 -65.39 -14.58
N GLN G 584 46.24 -65.35 -13.26
CA GLN G 584 47.54 -65.52 -12.60
C GLN G 584 47.30 -66.07 -11.20
N GLN G 585 47.94 -67.19 -10.88
CA GLN G 585 47.80 -67.85 -9.59
C GLN G 585 49.14 -67.79 -8.86
N VAL G 586 49.18 -67.05 -7.76
CA VAL G 586 50.42 -66.75 -7.04
C VAL G 586 50.30 -67.26 -5.62
N LYS G 587 51.31 -68.03 -5.18
CA LYS G 587 51.47 -68.38 -3.78
C LYS G 587 52.34 -67.33 -3.11
N TRP G 588 51.78 -66.60 -2.15
CA TRP G 588 52.47 -65.50 -1.52
C TRP G 588 53.31 -65.97 -0.34
N LYS G 589 54.30 -65.15 0.01
CA LYS G 589 55.14 -65.36 1.18
C LYS G 589 55.02 -64.22 2.18
N ARG G 590 55.09 -62.98 1.72
CA ARG G 590 54.81 -61.80 2.55
C ARG G 590 53.96 -60.85 1.72
N ARG G 591 52.69 -60.71 2.08
CA ARG G 591 51.82 -59.81 1.34
C ARG G 591 52.08 -58.35 1.70
N TRP G 592 52.73 -58.08 2.83
CA TRP G 592 52.93 -56.72 3.32
C TRP G 592 54.39 -56.30 3.24
N ILE G 593 54.61 -54.99 3.33
CA ILE G 593 55.93 -54.37 3.30
C ILE G 593 56.04 -53.46 4.53
N LYS G 594 57.13 -53.60 5.28
CA LYS G 594 57.42 -52.63 6.33
C LYS G 594 57.76 -51.29 5.71
N GLY G 595 57.04 -50.25 6.14
CA GLY G 595 57.30 -48.90 5.67
C GLY G 595 58.42 -48.24 6.43
N LEU G 596 58.43 -46.90 6.39
CA LEU G 596 59.45 -46.14 7.09
C LEU G 596 59.24 -46.08 8.60
N ASP G 597 58.05 -46.43 9.08
CA ASP G 597 57.78 -46.43 10.52
C ASP G 597 57.00 -47.68 10.93
N GLY G 598 57.35 -48.82 10.34
CA GLY G 598 56.84 -50.10 10.78
C GLY G 598 55.43 -50.45 10.36
N ARG G 599 54.78 -49.62 9.56
CA ARG G 599 53.41 -49.88 9.17
C ARG G 599 53.35 -50.93 8.08
N LYS G 600 52.48 -51.92 8.25
CA LYS G 600 52.30 -52.97 7.26
C LYS G 600 51.59 -52.44 6.02
N VAL G 601 52.35 -52.01 5.02
CA VAL G 601 51.77 -51.51 3.78
C VAL G 601 51.35 -52.70 2.93
N HIS G 602 50.10 -52.70 2.50
CA HIS G 602 49.52 -53.83 1.78
C HIS G 602 49.84 -53.73 0.29
N VAL G 603 50.08 -54.89 -0.32
CA VAL G 603 50.45 -54.97 -1.73
C VAL G 603 49.31 -55.64 -2.48
N ARG G 604 48.78 -54.97 -3.50
CA ARG G 604 47.62 -55.51 -4.26
C ARG G 604 48.05 -56.45 -5.38
N SER G 605 49.07 -56.07 -6.16
CA SER G 605 49.52 -56.86 -7.29
C SER G 605 51.05 -56.91 -7.33
N PRO G 606 51.64 -58.04 -7.69
CA PRO G 606 53.11 -58.18 -7.60
C PRO G 606 53.90 -57.41 -8.66
N HIS G 607 53.26 -56.72 -9.59
CA HIS G 607 54.00 -55.84 -10.49
C HIS G 607 53.88 -54.38 -10.08
N ALA G 608 53.11 -54.08 -9.04
CA ALA G 608 53.05 -52.75 -8.45
C ALA G 608 53.81 -52.66 -7.14
N ALA G 609 54.72 -53.60 -6.90
CA ALA G 609 55.47 -53.64 -5.65
C ALA G 609 56.44 -52.47 -5.56
N LEU G 610 57.06 -52.10 -6.68
CA LEU G 610 57.92 -50.92 -6.69
C LEU G 610 57.11 -49.65 -6.47
N ASN G 611 55.87 -49.63 -6.95
CA ASN G 611 54.98 -48.50 -6.71
C ASN G 611 54.64 -48.35 -5.24
N THR G 612 54.19 -49.44 -4.61
CA THR G 612 53.84 -49.36 -3.20
C THR G 612 55.06 -49.33 -2.29
N LEU G 613 56.26 -49.52 -2.83
CA LEU G 613 57.49 -49.27 -2.09
C LEU G 613 57.93 -47.82 -2.20
N LEU G 614 57.66 -47.17 -3.33
CA LEU G 614 58.10 -45.78 -3.50
C LEU G 614 57.09 -44.76 -2.98
N GLN G 615 55.83 -44.83 -3.38
CA GLN G 615 54.91 -43.76 -2.97
C GLN G 615 54.49 -43.88 -1.52
N SER G 616 54.49 -45.07 -0.94
CA SER G 616 54.18 -45.21 0.47
C SER G 616 55.31 -44.72 1.36
N ALA G 617 56.53 -44.68 0.85
CA ALA G 617 57.64 -44.05 1.55
C ALA G 617 57.77 -42.57 1.19
N GLY G 618 57.13 -42.14 0.12
CA GLY G 618 57.14 -40.73 -0.24
C GLY G 618 56.04 -39.91 0.41
N ALA G 619 54.93 -40.56 0.76
CA ALA G 619 53.85 -39.82 1.41
C ALA G 619 54.16 -39.52 2.88
N LEU G 620 54.93 -40.40 3.54
CA LEU G 620 55.18 -40.25 4.96
C LEU G 620 56.12 -39.10 5.27
N ILE G 621 57.07 -38.80 4.38
CA ILE G 621 57.96 -37.68 4.64
C ILE G 621 57.21 -36.36 4.51
N CYS G 622 56.24 -36.28 3.60
CA CYS G 622 55.38 -35.11 3.53
C CYS G 622 54.44 -35.03 4.73
N LYS G 623 53.98 -36.19 5.22
CA LYS G 623 53.09 -36.21 6.37
C LYS G 623 53.80 -35.78 7.64
N LEU G 624 55.10 -36.08 7.78
CA LEU G 624 55.82 -35.56 8.94
C LEU G 624 56.24 -34.11 8.72
N TRP G 625 56.50 -33.74 7.47
CA TRP G 625 56.92 -32.38 7.15
C TRP G 625 55.82 -31.37 7.45
N ILE G 626 54.56 -31.70 7.14
CA ILE G 626 53.47 -30.77 7.43
C ILE G 626 53.22 -30.62 8.92
N ILE G 627 53.62 -31.60 9.72
CA ILE G 627 53.49 -31.48 11.18
C ILE G 627 54.61 -30.62 11.73
N LYS G 628 55.83 -30.87 11.28
CA LYS G 628 56.99 -30.14 11.82
C LYS G 628 56.98 -28.68 11.41
N THR G 629 56.42 -28.36 10.23
CA THR G 629 56.39 -26.97 9.81
C THR G 629 55.32 -26.13 10.52
N GLU G 630 54.52 -26.72 11.42
CA GLU G 630 53.80 -25.92 12.39
C GLU G 630 54.31 -26.10 13.81
N GLU G 631 54.97 -27.23 14.10
CA GLU G 631 55.59 -27.39 15.42
C GLU G 631 56.75 -26.43 15.61
N MET G 632 57.36 -25.96 14.52
CA MET G 632 58.35 -24.90 14.65
C MET G 632 57.71 -23.51 14.70
N LEU G 633 56.57 -23.31 14.02
CA LEU G 633 55.96 -21.98 13.99
C LEU G 633 55.23 -21.64 15.28
N VAL G 634 54.61 -22.62 15.93
CA VAL G 634 53.95 -22.34 17.20
C VAL G 634 55.00 -22.09 18.29
N GLU G 635 56.08 -22.88 18.28
CA GLU G 635 57.17 -22.68 19.21
C GLU G 635 58.02 -21.45 18.89
N LYS G 636 57.88 -20.88 17.70
CA LYS G 636 58.61 -19.67 17.38
C LYS G 636 57.93 -18.42 17.95
N GLY G 637 56.64 -18.50 18.28
CA GLY G 637 55.95 -17.36 18.86
C GLY G 637 54.89 -16.73 17.98
N LEU G 638 54.15 -17.54 17.25
CA LEU G 638 53.04 -17.10 16.40
C LEU G 638 51.75 -17.73 16.92
N LYS G 639 50.67 -17.58 16.14
CA LYS G 639 49.37 -18.08 16.54
C LYS G 639 48.64 -18.62 15.32
N HIS G 640 48.11 -19.83 15.45
CA HIS G 640 47.43 -20.51 14.35
C HIS G 640 45.93 -20.23 14.40
N GLY G 641 45.33 -20.07 13.23
CA GLY G 641 43.93 -19.72 13.12
C GLY G 641 43.75 -18.42 12.35
N TRP G 642 42.49 -18.06 12.15
CA TRP G 642 42.21 -16.82 11.43
C TRP G 642 42.46 -15.60 12.31
N ASP G 643 42.29 -15.73 13.62
CA ASP G 643 42.52 -14.62 14.55
C ASP G 643 43.96 -14.54 15.03
N GLY G 644 44.90 -15.13 14.31
CA GLY G 644 46.30 -15.09 14.68
C GLY G 644 47.17 -14.51 13.58
N ASP G 645 48.11 -15.29 13.07
CA ASP G 645 49.03 -14.83 12.05
C ASP G 645 49.13 -15.73 10.83
N PHE G 646 48.72 -17.00 10.89
CA PHE G 646 48.77 -17.84 9.71
C PHE G 646 47.66 -18.88 9.82
N ALA G 647 47.37 -19.53 8.69
CA ALA G 647 46.37 -20.58 8.66
C ALA G 647 46.63 -21.49 7.47
N TYR G 648 46.66 -22.80 7.70
CA TYR G 648 46.69 -23.76 6.61
C TYR G 648 45.35 -23.74 5.89
N MET G 649 45.39 -23.95 4.58
CA MET G 649 44.15 -23.94 3.82
C MET G 649 43.89 -25.24 3.09
N ALA G 650 44.91 -25.83 2.47
CA ALA G 650 44.73 -27.07 1.71
C ALA G 650 46.05 -27.81 1.65
N TRP G 651 45.96 -29.14 1.67
CA TRP G 651 47.12 -30.02 1.54
C TRP G 651 46.80 -31.06 0.46
N VAL G 652 47.19 -30.76 -0.78
CA VAL G 652 47.21 -31.73 -1.86
C VAL G 652 48.50 -32.53 -1.72
N HIS G 653 48.65 -33.58 -2.55
CA HIS G 653 49.53 -34.71 -2.27
C HIS G 653 50.99 -34.32 -2.09
N ASP G 654 51.44 -33.20 -2.66
CA ASP G 654 52.83 -32.79 -2.59
C ASP G 654 53.03 -31.46 -1.89
N GLU G 655 52.27 -30.44 -2.26
CA GLU G 655 52.53 -29.08 -1.81
C GLU G 655 51.54 -28.66 -0.72
N ILE G 656 51.90 -27.57 -0.03
CA ILE G 656 51.03 -26.99 0.99
C ILE G 656 50.72 -25.55 0.62
N GLN G 657 49.53 -25.10 1.05
CA GLN G 657 49.04 -23.72 0.81
C GLN G 657 48.68 -23.09 2.16
N VAL G 658 49.46 -22.10 2.59
CA VAL G 658 49.24 -21.42 3.86
C VAL G 658 48.95 -19.96 3.56
N GLY G 659 48.07 -19.35 4.35
CA GLY G 659 47.76 -17.95 4.18
C GLY G 659 48.07 -17.19 5.44
N CYS G 660 48.78 -16.07 5.33
CA CYS G 660 49.27 -15.34 6.47
C CYS G 660 48.99 -13.85 6.32
N ARG G 661 49.24 -13.12 7.41
CA ARG G 661 48.77 -11.75 7.54
C ARG G 661 49.71 -10.72 6.91
N THR G 662 51.02 -10.85 7.11
CA THR G 662 51.96 -9.91 6.51
C THR G 662 53.05 -10.66 5.76
N GLU G 663 53.77 -9.90 4.93
CA GLU G 663 54.83 -10.45 4.10
C GLU G 663 56.01 -10.94 4.92
N GLU G 664 56.24 -10.33 6.09
CA GLU G 664 57.32 -10.82 6.95
C GLU G 664 56.96 -12.17 7.56
N ILE G 665 55.68 -12.39 7.87
CA ILE G 665 55.24 -13.70 8.33
C ILE G 665 55.31 -14.71 7.20
N ALA G 666 55.03 -14.27 5.95
CA ALA G 666 55.24 -15.14 4.79
C ALA G 666 56.70 -15.54 4.64
N GLN G 667 57.61 -14.60 4.87
CA GLN G 667 59.03 -14.91 4.76
C GLN G 667 59.50 -15.83 5.87
N VAL G 668 58.95 -15.68 7.08
CA VAL G 668 59.27 -16.60 8.17
C VAL G 668 58.79 -18.01 7.87
N VAL G 669 57.57 -18.15 7.34
CA VAL G 669 57.04 -19.47 6.98
C VAL G 669 57.85 -20.09 5.84
N ILE G 670 58.19 -19.30 4.83
CA ILE G 670 58.92 -19.83 3.68
C ILE G 670 60.39 -20.08 4.03
N GLU G 671 60.88 -19.51 5.13
CA GLU G 671 62.19 -19.92 5.64
C GLU G 671 62.10 -21.24 6.42
N THR G 672 61.14 -21.33 7.35
CA THR G 672 61.11 -22.47 8.26
C THR G 672 60.60 -23.75 7.61
N ALA G 673 59.98 -23.67 6.43
CA ALA G 673 59.61 -24.88 5.70
C ALA G 673 60.85 -25.68 5.31
N GLN G 674 61.92 -24.98 4.93
CA GLN G 674 63.19 -25.64 4.58
C GLN G 674 63.81 -26.33 5.79
N GLU G 675 63.77 -25.69 6.95
CA GLU G 675 64.34 -26.30 8.16
C GLU G 675 63.52 -27.49 8.61
N ALA G 676 62.19 -27.44 8.45
CA ALA G 676 61.34 -28.58 8.76
C ALA G 676 61.64 -29.76 7.84
N MET G 677 61.78 -29.48 6.53
CA MET G 677 62.09 -30.55 5.57
C MET G 677 63.47 -31.14 5.82
N ARG G 678 64.44 -30.32 6.23
CA ARG G 678 65.76 -30.83 6.54
C ARG G 678 65.76 -31.66 7.82
N TRP G 679 64.94 -31.29 8.80
CA TRP G 679 64.82 -32.12 10.00
C TRP G 679 64.13 -33.45 9.69
N VAL G 680 63.17 -33.46 8.77
CA VAL G 680 62.58 -34.73 8.32
C VAL G 680 63.63 -35.60 7.65
N GLY G 681 64.45 -35.00 6.77
CA GLY G 681 65.51 -35.72 6.12
C GLY G 681 66.62 -36.21 7.04
N ASP G 682 66.78 -35.57 8.20
CA ASP G 682 67.78 -36.03 9.16
C ASP G 682 67.23 -37.04 10.16
N HIS G 683 65.92 -37.02 10.43
CA HIS G 683 65.35 -37.88 11.46
C HIS G 683 65.33 -39.35 11.05
N TRP G 684 65.23 -39.62 9.76
CA TRP G 684 65.14 -40.99 9.27
C TRP G 684 66.38 -41.47 8.54
N ASN G 685 67.43 -40.64 8.51
CA ASN G 685 68.75 -40.97 7.95
C ASN G 685 68.65 -41.35 6.47
N PHE G 686 68.07 -40.45 5.68
CA PHE G 686 68.08 -40.63 4.24
C PHE G 686 69.47 -40.46 3.67
N ARG G 687 69.76 -41.19 2.60
CA ARG G 687 71.04 -41.09 1.93
C ARG G 687 71.07 -39.96 0.91
N CYS G 688 69.93 -39.30 0.70
CA CYS G 688 69.83 -38.17 -0.21
C CYS G 688 69.78 -36.86 0.59
N LEU G 689 69.53 -35.76 -0.11
CA LEU G 689 69.40 -34.45 0.51
C LEU G 689 68.11 -33.80 0.01
N LEU G 690 67.13 -33.70 0.90
CA LEU G 690 65.80 -33.22 0.54
C LEU G 690 65.79 -31.70 0.45
N ASP G 691 64.93 -31.18 -0.44
CA ASP G 691 64.89 -29.76 -0.71
C ASP G 691 63.53 -29.42 -1.31
N THR G 692 63.04 -28.23 -1.00
CA THR G 692 61.74 -27.75 -1.46
C THR G 692 61.90 -26.43 -2.21
N GLU G 693 60.76 -25.78 -2.50
CA GLU G 693 60.73 -24.51 -3.21
C GLU G 693 59.41 -23.83 -2.91
N GLY G 694 59.46 -22.55 -2.57
CA GLY G 694 58.28 -21.82 -2.16
C GLY G 694 58.01 -20.63 -3.04
N LYS G 695 56.74 -20.23 -3.13
CA LYS G 695 56.32 -19.06 -3.88
C LYS G 695 55.36 -18.24 -3.02
N MET G 696 55.26 -16.96 -3.37
CA MET G 696 54.46 -15.99 -2.63
C MET G 696 53.54 -15.27 -3.60
N GLY G 697 52.30 -15.04 -3.21
CA GLY G 697 51.38 -14.35 -4.07
C GLY G 697 50.07 -13.96 -3.42
N PRO G 698 49.16 -13.39 -4.20
CA PRO G 698 47.82 -13.11 -3.68
C PRO G 698 46.87 -14.30 -3.75
N ASN G 699 46.94 -15.11 -4.80
CA ASN G 699 45.99 -16.19 -4.98
C ASN G 699 46.75 -17.45 -5.38
N TRP G 700 45.99 -18.49 -5.74
CA TRP G 700 46.55 -19.80 -6.04
C TRP G 700 46.65 -20.03 -7.54
N ALA G 701 46.96 -18.96 -8.27
CA ALA G 701 47.34 -19.04 -9.67
C ALA G 701 48.79 -18.69 -9.91
N ILE G 702 49.37 -17.79 -9.11
CA ILE G 702 50.80 -17.58 -9.13
C ILE G 702 51.49 -18.61 -8.24
N CYS G 703 50.84 -19.02 -7.15
CA CYS G 703 51.42 -19.92 -6.17
C CYS G 703 51.17 -21.39 -6.49
N HIS G 704 51.02 -21.74 -7.77
CA HIS G 704 50.75 -23.11 -8.20
C HIS G 704 51.93 -24.05 -7.95
N1 DOC H 6 49.12 -35.91 -8.82
C2 DOC H 6 48.95 -37.31 -8.85
N3 DOC H 6 48.61 -37.93 -10.00
C4 DOC H 6 48.44 -37.22 -11.13
C5 DOC H 6 48.60 -35.84 -11.12
C6 DOC H 6 48.95 -35.20 -9.94
O2 DOC H 6 49.11 -37.98 -7.81
N4 DOC H 6 48.09 -37.85 -12.28
C1' DOC H 6 49.49 -35.24 -7.57
C2' DOC H 6 50.96 -34.86 -7.60
C3' DOC H 6 51.01 -33.36 -7.37
C4' DOC H 6 49.57 -32.91 -7.20
O4' DOC H 6 48.72 -34.04 -7.42
C5' DOC H 6 49.24 -31.82 -8.21
O5' DOC H 6 49.11 -32.40 -9.50
P DOC H 6 48.56 -31.51 -10.73
OP1 DOC H 6 49.18 -30.14 -10.65
OP2 DOC H 6 48.67 -32.33 -11.99
ZN ZN J . 27.82 -53.25 -18.08
PA TTP K . -18.70 38.04 -31.82
O1A TTP K . -17.26 38.48 -31.84
O2A TTP K . -18.80 36.62 -32.34
O3A TTP K . -19.25 38.08 -30.28
PB TTP K . -18.62 37.47 -28.88
O1B TTP K . -17.86 36.20 -29.22
O2B TTP K . -17.69 38.48 -28.26
O3B TTP K . -19.83 37.10 -27.84
PG TTP K . -20.78 35.82 -27.76
O1G TTP K . -20.18 34.73 -28.60
O2G TTP K . -22.15 36.19 -28.28
O3G TTP K . -20.89 35.37 -26.33
O5' TTP K . -19.61 39.04 -32.76
C5' TTP K . -19.80 40.36 -32.33
C4' TTP K . -19.47 41.32 -33.49
O4' TTP K . -19.00 42.58 -32.98
C3' TTP K . -18.26 40.81 -34.26
O3' TTP K . -18.71 39.89 -35.30
C2' TTP K . -17.70 42.09 -34.89
C1' TTP K . -18.25 43.20 -34.00
N1 TTP K . -17.16 43.95 -33.36
C2 TTP K . -17.27 45.41 -33.14
O2 TTP K . -18.26 45.94 -33.49
N3 TTP K . -16.29 46.21 -32.53
C4 TTP K . -15.19 45.53 -32.17
O4 TTP K . -14.28 46.18 -31.63
C5 TTP K . -14.95 44.06 -32.33
C5M TTP K . -13.65 43.41 -31.86
C6 TTP K . -15.95 43.32 -32.93
MG MG L . -18.53 34.12 -29.90
PA TTP M . 3.78 30.20 -8.55
O1A TTP M . 4.24 29.67 -7.21
O2A TTP M . 3.96 29.14 -9.61
O3A TTP M . 2.20 30.63 -8.46
PB TTP M . 0.99 30.12 -7.48
O1B TTP M . 1.44 28.87 -6.76
O2B TTP M . 0.64 31.21 -6.50
O3B TTP M . -0.34 29.76 -8.37
PG TTP M . -1.26 28.46 -8.32
O1G TTP M . -0.41 27.28 -7.93
O2G TTP M . -1.88 28.24 -9.67
O3G TTP M . -2.34 28.67 -7.29
O5' TTP M . 4.64 31.55 -8.94
C5' TTP M . 3.92 32.73 -9.10
C4' TTP M . 4.37 33.44 -10.39
O4' TTP M . 4.33 34.87 -10.20
C3' TTP M . 5.83 33.11 -10.68
O3' TTP M . 6.10 33.27 -12.10
C2' TTP M . 6.57 34.18 -9.89
C1' TTP M . 5.66 35.37 -10.06
N1 TTP M . 5.67 36.22 -8.85
C2 TTP M . 6.08 37.64 -8.91
O2 TTP M . 6.37 38.08 -9.98
N3 TTP M . 6.13 38.52 -7.83
C4 TTP M . 5.78 37.95 -6.67
O4 TTP M . 5.79 38.67 -5.66
C5 TTP M . 5.35 36.53 -6.46
C5M TTP M . 4.98 36.02 -5.08
C6 TTP M . 5.33 35.71 -7.57
MG MG N . 1.65 26.78 -7.79
PA TTP O . -5.62 24.47 21.87
O1A TTP O . -6.14 24.00 23.20
O2A TTP O . -4.71 23.41 21.29
O3A TTP O . -6.89 24.69 20.86
PB TTP O . -8.14 23.68 20.49
O1B TTP O . -9.43 24.28 20.99
O2B TTP O . -7.90 22.34 21.13
O3B TTP O . -8.23 23.45 18.87
PG TTP O . -8.19 22.09 18.07
O1G TTP O . -9.59 21.72 17.65
O2G TTP O . -7.64 21.02 19.00
O3G TTP O . -7.30 22.23 16.86
O5' TTP O . -4.80 25.86 22.08
C5' TTP O . -3.59 25.78 22.79
C4' TTP O . -2.69 26.96 22.41
O4' TTP O . -3.51 28.13 22.14
C3' TTP O . -1.86 27.38 23.61
O3' TTP O . -0.62 26.62 23.64
C2' TTP O . -1.58 28.85 23.33
C1' TTP O . -2.81 29.30 22.54
N1 TTP O . -3.72 30.10 23.39
C2 TTP O . -3.58 31.57 23.48
O2 TTP O . -2.72 32.09 22.87
N3 TTP O . -4.40 32.40 24.25
C4 TTP O . -5.36 31.74 24.93
O4 TTP O . -6.12 32.43 25.63
C5 TTP O . -5.60 30.28 24.91
C5M TTP O . -6.73 29.65 25.73
C6 TTP O . -4.77 29.50 24.14
MG MG P . -7.66 19.89 20.97
PA TTP Q . -36.53 21.74 30.31
O1A TTP Q . -37.95 21.45 30.69
O2A TTP Q . -35.61 20.71 30.91
O3A TTP Q . -36.37 21.70 28.66
PB TTP Q . -36.46 20.47 27.57
O1B TTP Q . -37.29 20.91 26.39
O2B TTP Q . -37.10 19.26 28.21
O3B TTP Q . -34.94 20.08 27.06
PG TTP Q . -33.84 19.07 27.63
O1G TTP Q . -33.34 18.19 26.49
O2G TTP Q . -34.45 18.21 28.70
O3G TTP Q . -32.68 19.86 28.20
O5' TTP Q . -36.12 23.24 30.86
C5' TTP Q . -36.33 23.53 32.21
C4' TTP Q . -35.08 24.25 32.78
O4' TTP Q . -35.10 25.65 32.40
C3' TTP Q . -35.11 24.22 34.31
O3' TTP Q . -33.75 24.22 34.84
C2' TTP Q . -35.81 25.53 34.65
C1' TTP Q . -35.33 26.45 33.55
N1 TTP Q . -36.39 27.43 33.21
C2 TTP Q . -36.27 28.87 33.55
O2 TTP Q . -35.29 29.22 34.11
N3 TTP Q . -37.23 29.85 33.26
C4 TTP Q . -38.32 29.37 32.63
O4 TTP Q . -39.21 30.19 32.34
C5 TTP Q . -38.56 27.95 32.23
C5M TTP Q . -39.84 27.53 31.51
C6 TTP Q . -37.58 27.02 32.54
MG MG R . -36.68 17.37 29.22
PA TTP S . 55.09 -33.65 -9.30
O1A TTP S . 54.19 -33.24 -10.44
O2A TTP S . 54.97 -32.65 -8.17
O3A TTP S . 56.65 -33.70 -9.81
PB TTP S . 58.09 -33.37 -9.07
O1B TTP S . 58.99 -34.58 -9.17
O2B TTP S . 57.85 -33.03 -7.62
O3B TTP S . 58.81 -32.09 -9.82
PG TTP S . 58.75 -30.51 -9.56
O1G TTP S . 58.09 -30.24 -8.23
O2G TTP S . 60.16 -29.96 -9.53
O3G TTP S . 57.97 -29.84 -10.65
O5' TTP S . 54.64 -35.14 -8.75
C5' TTP S . 54.16 -35.26 -7.45
C4' TTP S . 54.56 -36.64 -6.87
O4' TTP S . 53.76 -37.68 -7.50
C3' TTP S . 56.02 -36.95 -7.21
O3' TTP S . 56.60 -37.81 -6.19
C2' TTP S . 55.90 -37.71 -8.53
C1' TTP S . 54.59 -38.47 -8.35
N1 TTP S . 53.91 -38.58 -9.65
C2 TTP S . 53.24 -39.85 -10.08
O2 TTP S . 53.29 -40.76 -9.33
N3 TTP S . 52.57 -40.04 -11.29
C4 TTP S . 52.57 -38.95 -12.08
O4 TTP S . 51.99 -39.06 -13.18
C5 TTP S . 53.19 -37.63 -11.78
C5M TTP S . 53.12 -36.47 -12.77
C6 TTP S . 53.84 -37.49 -10.57
MG MG T . 56.62 -31.27 -6.56
MG MG U . 30.45 -40.34 18.38
#